data_6DG0
# 
_entry.id   6DG0 
# 
_audit_conform.dict_name       mmcif_pdbx.dic 
_audit_conform.dict_version    5.379 
_audit_conform.dict_location   http://mmcif.pdb.org/dictionaries/ascii/mmcif_pdbx.dic 
# 
loop_
_database_2.database_id 
_database_2.database_code 
_database_2.pdbx_database_accession 
_database_2.pdbx_DOI 
PDB   6DG0         pdb_00006dg0 10.2210/pdb6dg0/pdb 
WWPDB D_1000233189 ?            ?                   
# 
_pdbx_database_status.status_code                     REL 
_pdbx_database_status.status_code_sf                  REL 
_pdbx_database_status.status_code_mr                  ? 
_pdbx_database_status.entry_id                        6DG0 
_pdbx_database_status.recvd_initial_deposition_date   2018-05-16 
_pdbx_database_status.SG_entry                        N 
_pdbx_database_status.deposit_site                    RCSB 
_pdbx_database_status.process_site                    RCSB 
_pdbx_database_status.status_code_cs                  ? 
_pdbx_database_status.methods_development_category    ? 
_pdbx_database_status.pdb_format_compatible           Y 
_pdbx_database_status.status_code_nmr_data            ? 
# 
loop_
_audit_author.name 
_audit_author.pdbx_ordinal 
_audit_author.identifier_ORCID 
'Mackereth, C.D.' 1 0000-0002-0776-7947 
'Soufari, H.'     2 ?                   
# 
_citation.abstract                  ? 
_citation.abstract_id_CAS           ? 
_citation.book_id_ISBN              ? 
_citation.book_publisher            ? 
_citation.book_publisher_city       ? 
_citation.book_title                ? 
_citation.coordinate_linkage        ? 
_citation.country                   ? 
_citation.database_id_Medline       ? 
_citation.details                   ? 
_citation.id                        primary 
_citation.journal_abbrev            'To Be Published' 
_citation.journal_id_ASTM           ? 
_citation.journal_id_CSD            0353 
_citation.journal_id_ISSN           ? 
_citation.journal_full              ? 
_citation.journal_issue             ? 
_citation.journal_volume            ? 
_citation.language                  ? 
_citation.page_first                ? 
_citation.page_last                 ? 
_citation.title                     'Structure of MEC-8 RRM2 in complex with AGCACA' 
_citation.year                      ? 
_citation.database_id_CSD           ? 
_citation.pdbx_database_id_DOI      ? 
_citation.pdbx_database_id_PubMed   ? 
_citation.unpublished_flag          ? 
# 
loop_
_citation_author.citation_id 
_citation_author.name 
_citation_author.ordinal 
_citation_author.identifier_ORCID 
primary 'Soufari, H.'     1 ? 
primary 'Mackereth, C.D.' 2 ? 
# 
_cell.angle_alpha                  90.00 
_cell.angle_alpha_esd              ? 
_cell.angle_beta                   122.40 
_cell.angle_beta_esd               ? 
_cell.angle_gamma                  90.00 
_cell.angle_gamma_esd              ? 
_cell.entry_id                     6DG0 
_cell.details                      ? 
_cell.formula_units_Z              ? 
_cell.length_a                     72.075 
_cell.length_a_esd                 ? 
_cell.length_b                     68.714 
_cell.length_b_esd                 ? 
_cell.length_c                     57.531 
_cell.length_c_esd                 ? 
_cell.volume                       ? 
_cell.volume_esd                   ? 
_cell.Z_PDB                        8 
_cell.reciprocal_angle_alpha       ? 
_cell.reciprocal_angle_beta        ? 
_cell.reciprocal_angle_gamma       ? 
_cell.reciprocal_angle_alpha_esd   ? 
_cell.reciprocal_angle_beta_esd    ? 
_cell.reciprocal_angle_gamma_esd   ? 
_cell.reciprocal_length_a          ? 
_cell.reciprocal_length_b          ? 
_cell.reciprocal_length_c          ? 
_cell.reciprocal_length_a_esd      ? 
_cell.reciprocal_length_b_esd      ? 
_cell.reciprocal_length_c_esd      ? 
_cell.pdbx_unique_axis             ? 
# 
_symmetry.entry_id                         6DG0 
_symmetry.cell_setting                     ? 
_symmetry.Int_Tables_number                5 
_symmetry.space_group_name_Hall            ? 
_symmetry.space_group_name_H-M             'C 1 2 1' 
_symmetry.pdbx_full_space_group_name_H-M   ? 
# 
loop_
_entity.id 
_entity.type 
_entity.src_method 
_entity.pdbx_description 
_entity.formula_weight 
_entity.pdbx_number_of_molecules 
_entity.pdbx_ec 
_entity.pdbx_mutation 
_entity.pdbx_fragment 
_entity.details 
1 polymer man 'Mec-8 protein'                    9582.746 2   ? C227A,C266A ? ? 
2 polymer syn 
;DNA (5'-D(*AP*GP*CP*AP*CP*A)-3')
;
1802.233 2   ? ?           ? ? 
3 water   nat water                              18.015   102 ? ?           ? ? 
# 
loop_
_entity_poly.entity_id 
_entity_poly.type 
_entity_poly.nstd_linkage 
_entity_poly.nstd_monomer 
_entity_poly.pdbx_seq_one_letter_code 
_entity_poly.pdbx_seq_one_letter_code_can 
_entity_poly.pdbx_strand_id 
_entity_poly.pdbx_target_identifier 
1 'polypeptide(L)'        no no 
;SAASTLFVANLSAEVNEDTLRGVFKAFSGFTRLRLHNKNGSAVAFVEYSDLQKATQAMISLQGFQITANDRGGLRIEYAR
NKMADVNG
;
;SAASTLFVANLSAEVNEDTLRGVFKAFSGFTRLRLHNKNGSAVAFVEYSDLQKATQAMISLQGFQITANDRGGLRIEYAR
NKMADVNG
;
A,B ? 
2 polydeoxyribonucleotide no no '(DA)(DG)(DC)(DA)(DC)(DA)'                                                                  AGCACA 
C,D ? 
# 
loop_
_entity_poly_seq.entity_id 
_entity_poly_seq.num 
_entity_poly_seq.mon_id 
_entity_poly_seq.hetero 
1 1  SER n 
1 2  ALA n 
1 3  ALA n 
1 4  SER n 
1 5  THR n 
1 6  LEU n 
1 7  PHE n 
1 8  VAL n 
1 9  ALA n 
1 10 ASN n 
1 11 LEU n 
1 12 SER n 
1 13 ALA n 
1 14 GLU n 
1 15 VAL n 
1 16 ASN n 
1 17 GLU n 
1 18 ASP n 
1 19 THR n 
1 20 LEU n 
1 21 ARG n 
1 22 GLY n 
1 23 VAL n 
1 24 PHE n 
1 25 LYS n 
1 26 ALA n 
1 27 PHE n 
1 28 SER n 
1 29 GLY n 
1 30 PHE n 
1 31 THR n 
1 32 ARG n 
1 33 LEU n 
1 34 ARG n 
1 35 LEU n 
1 36 HIS n 
1 37 ASN n 
1 38 LYS n 
1 39 ASN n 
1 40 GLY n 
1 41 SER n 
1 42 ALA n 
1 43 VAL n 
1 44 ALA n 
1 45 PHE n 
1 46 VAL n 
1 47 GLU n 
1 48 TYR n 
1 49 SER n 
1 50 ASP n 
1 51 LEU n 
1 52 GLN n 
1 53 LYS n 
1 54 ALA n 
1 55 THR n 
1 56 GLN n 
1 57 ALA n 
1 58 MET n 
1 59 ILE n 
1 60 SER n 
1 61 LEU n 
1 62 GLN n 
1 63 GLY n 
1 64 PHE n 
1 65 GLN n 
1 66 ILE n 
1 67 THR n 
1 68 ALA n 
1 69 ASN n 
1 70 ASP n 
1 71 ARG n 
1 72 GLY n 
1 73 GLY n 
1 74 LEU n 
1 75 ARG n 
1 76 ILE n 
1 77 GLU n 
1 78 TYR n 
1 79 ALA n 
1 80 ARG n 
1 81 ASN n 
1 82 LYS n 
1 83 MET n 
1 84 ALA n 
1 85 ASP n 
1 86 VAL n 
1 87 ASN n 
1 88 GLY n 
2 1  DA  n 
2 2  DG  n 
2 3  DC  n 
2 4  DA  n 
2 5  DC  n 
2 6  DA  n 
# 
_entity_src_gen.entity_id                          1 
_entity_src_gen.pdbx_src_id                        1 
_entity_src_gen.pdbx_alt_source_flag               sample 
_entity_src_gen.pdbx_seq_type                      'Biological sequence' 
_entity_src_gen.pdbx_beg_seq_num                   1 
_entity_src_gen.pdbx_end_seq_num                   88 
_entity_src_gen.gene_src_common_name               ? 
_entity_src_gen.gene_src_genus                     ? 
_entity_src_gen.pdbx_gene_src_gene                 mec-8 
_entity_src_gen.gene_src_species                   ? 
_entity_src_gen.gene_src_strain                    ? 
_entity_src_gen.gene_src_tissue                    ? 
_entity_src_gen.gene_src_tissue_fraction           ? 
_entity_src_gen.gene_src_details                   ? 
_entity_src_gen.pdbx_gene_src_fragment             ? 
_entity_src_gen.pdbx_gene_src_scientific_name      'Caenorhabditis elegans' 
_entity_src_gen.pdbx_gene_src_ncbi_taxonomy_id     6239 
_entity_src_gen.pdbx_gene_src_variant              ? 
_entity_src_gen.pdbx_gene_src_cell_line            ? 
_entity_src_gen.pdbx_gene_src_atcc                 ? 
_entity_src_gen.pdbx_gene_src_organ                ? 
_entity_src_gen.pdbx_gene_src_organelle            ? 
_entity_src_gen.pdbx_gene_src_cell                 ? 
_entity_src_gen.pdbx_gene_src_cellular_location    ? 
_entity_src_gen.host_org_common_name               ? 
_entity_src_gen.pdbx_host_org_scientific_name      'Escherichia coli BL21' 
_entity_src_gen.pdbx_host_org_ncbi_taxonomy_id     511693 
_entity_src_gen.host_org_genus                     ? 
_entity_src_gen.pdbx_host_org_gene                 ? 
_entity_src_gen.pdbx_host_org_organ                ? 
_entity_src_gen.host_org_species                   ? 
_entity_src_gen.pdbx_host_org_tissue               ? 
_entity_src_gen.pdbx_host_org_tissue_fraction      ? 
_entity_src_gen.pdbx_host_org_strain               BL21 
_entity_src_gen.pdbx_host_org_variant              pLysY 
_entity_src_gen.pdbx_host_org_cell_line            ? 
_entity_src_gen.pdbx_host_org_atcc                 ? 
_entity_src_gen.pdbx_host_org_culture_collection   ? 
_entity_src_gen.pdbx_host_org_cell                 ? 
_entity_src_gen.pdbx_host_org_organelle            ? 
_entity_src_gen.pdbx_host_org_cellular_location    ? 
_entity_src_gen.pdbx_host_org_vector_type          ? 
_entity_src_gen.pdbx_host_org_vector               ? 
_entity_src_gen.host_org_details                   ? 
_entity_src_gen.expression_system_id               ? 
_entity_src_gen.plasmid_name                       pET-GB1a 
_entity_src_gen.plasmid_details                    ? 
_entity_src_gen.pdbx_description                   ? 
# 
_pdbx_entity_src_syn.entity_id              2 
_pdbx_entity_src_syn.pdbx_src_id            1 
_pdbx_entity_src_syn.pdbx_alt_source_flag   sample 
_pdbx_entity_src_syn.pdbx_beg_seq_num       1 
_pdbx_entity_src_syn.pdbx_end_seq_num       6 
_pdbx_entity_src_syn.organism_scientific    'Caenorhabditis elegans' 
_pdbx_entity_src_syn.organism_common_name   ? 
_pdbx_entity_src_syn.ncbi_taxonomy_id       6239 
_pdbx_entity_src_syn.details                ? 
# 
loop_
_struct_ref.id 
_struct_ref.db_name 
_struct_ref.db_code 
_struct_ref.pdbx_db_accession 
_struct_ref.pdbx_db_isoform 
_struct_ref.entity_id 
_struct_ref.pdbx_seq_one_letter_code 
_struct_ref.pdbx_align_begin 
1 UNP Q22039_CAEEL Q22039 ? 1 
;CSTLFVANLSAEVNEDTLRGVFKAFSGFTRLRLHNKNGSCVAFVEYSDLQKATQAMISLQGFQITANDRGGLRIEYARNK
MADVNG
;
227 
2 PDB 6DG0         6DG0   ? 2 ?                                                                                         1   
# 
loop_
_struct_ref_seq.align_id 
_struct_ref_seq.ref_id 
_struct_ref_seq.pdbx_PDB_id_code 
_struct_ref_seq.pdbx_strand_id 
_struct_ref_seq.seq_align_beg 
_struct_ref_seq.pdbx_seq_align_beg_ins_code 
_struct_ref_seq.seq_align_end 
_struct_ref_seq.pdbx_seq_align_end_ins_code 
_struct_ref_seq.pdbx_db_accession 
_struct_ref_seq.db_align_beg 
_struct_ref_seq.pdbx_db_align_beg_ins_code 
_struct_ref_seq.db_align_end 
_struct_ref_seq.pdbx_db_align_end_ins_code 
_struct_ref_seq.pdbx_auth_seq_align_beg 
_struct_ref_seq.pdbx_auth_seq_align_end 
1 1 6DG0 A 3 ? 88 ? Q22039 227 ? 312 ? 20 105 
2 1 6DG0 B 3 ? 88 ? Q22039 227 ? 312 ? 20 105 
3 2 6DG0 C 1 ? 6  ? 6DG0   0   ? 5   ? 0  5   
4 2 6DG0 D 1 ? 6  ? 6DG0   0   ? 5   ? 0  5   
# 
loop_
_struct_ref_seq_dif.align_id 
_struct_ref_seq_dif.pdbx_pdb_id_code 
_struct_ref_seq_dif.mon_id 
_struct_ref_seq_dif.pdbx_pdb_strand_id 
_struct_ref_seq_dif.seq_num 
_struct_ref_seq_dif.pdbx_pdb_ins_code 
_struct_ref_seq_dif.pdbx_seq_db_name 
_struct_ref_seq_dif.pdbx_seq_db_accession_code 
_struct_ref_seq_dif.db_mon_id 
_struct_ref_seq_dif.pdbx_seq_db_seq_num 
_struct_ref_seq_dif.details 
_struct_ref_seq_dif.pdbx_auth_seq_num 
_struct_ref_seq_dif.pdbx_ordinal 
1 6DG0 SER A 1  ? UNP Q22039 ?   ?   'expression tag'      18 1 
1 6DG0 ALA A 2  ? UNP Q22039 ?   ?   'expression tag'      19 2 
1 6DG0 ALA A 3  ? UNP Q22039 CYS 227 'engineered mutation' 20 3 
1 6DG0 ALA A 42 ? UNP Q22039 CYS 266 'engineered mutation' 59 4 
2 6DG0 SER B 1  ? UNP Q22039 ?   ?   'expression tag'      18 5 
2 6DG0 ALA B 2  ? UNP Q22039 ?   ?   'expression tag'      19 6 
2 6DG0 ALA B 3  ? UNP Q22039 CYS 227 'engineered mutation' 20 7 
2 6DG0 ALA B 42 ? UNP Q22039 CYS 266 'engineered mutation' 59 8 
# 
loop_
_chem_comp.id 
_chem_comp.type 
_chem_comp.mon_nstd_flag 
_chem_comp.name 
_chem_comp.pdbx_synonyms 
_chem_comp.formula 
_chem_comp.formula_weight 
ALA 'L-peptide linking' y ALANINE                              ? 'C3 H7 N O2'      89.093  
ARG 'L-peptide linking' y ARGININE                             ? 'C6 H15 N4 O2 1'  175.209 
ASN 'L-peptide linking' y ASPARAGINE                           ? 'C4 H8 N2 O3'     132.118 
ASP 'L-peptide linking' y 'ASPARTIC ACID'                      ? 'C4 H7 N O4'      133.103 
CYS 'L-peptide linking' y CYSTEINE                             ? 'C3 H7 N O2 S'    121.158 
DA  'DNA linking'       y "2'-DEOXYADENOSINE-5'-MONOPHOSPHATE" ? 'C10 H14 N5 O6 P' 331.222 
DC  'DNA linking'       y "2'-DEOXYCYTIDINE-5'-MONOPHOSPHATE"  ? 'C9 H14 N3 O7 P'  307.197 
DG  'DNA linking'       y "2'-DEOXYGUANOSINE-5'-MONOPHOSPHATE" ? 'C10 H14 N5 O7 P' 347.221 
GLN 'L-peptide linking' y GLUTAMINE                            ? 'C5 H10 N2 O3'    146.144 
GLU 'L-peptide linking' y 'GLUTAMIC ACID'                      ? 'C5 H9 N O4'      147.129 
GLY 'peptide linking'   y GLYCINE                              ? 'C2 H5 N O2'      75.067  
HIS 'L-peptide linking' y HISTIDINE                            ? 'C6 H10 N3 O2 1'  156.162 
HOH non-polymer         . WATER                                ? 'H2 O'            18.015  
ILE 'L-peptide linking' y ISOLEUCINE                           ? 'C6 H13 N O2'     131.173 
LEU 'L-peptide linking' y LEUCINE                              ? 'C6 H13 N O2'     131.173 
LYS 'L-peptide linking' y LYSINE                               ? 'C6 H15 N2 O2 1'  147.195 
MET 'L-peptide linking' y METHIONINE                           ? 'C5 H11 N O2 S'   149.211 
PHE 'L-peptide linking' y PHENYLALANINE                        ? 'C9 H11 N O2'     165.189 
SER 'L-peptide linking' y SERINE                               ? 'C3 H7 N O3'      105.093 
THR 'L-peptide linking' y THREONINE                            ? 'C4 H9 N O3'      119.119 
TYR 'L-peptide linking' y TYROSINE                             ? 'C9 H11 N O3'     181.189 
VAL 'L-peptide linking' y VALINE                               ? 'C5 H11 N O2'     117.146 
# 
_exptl.absorpt_coefficient_mu     ? 
_exptl.absorpt_correction_T_max   ? 
_exptl.absorpt_correction_T_min   ? 
_exptl.absorpt_correction_type    ? 
_exptl.absorpt_process_details    ? 
_exptl.entry_id                   6DG0 
_exptl.crystals_number            1 
_exptl.details                    ? 
_exptl.method                     'X-RAY DIFFRACTION' 
_exptl.method_details             ? 
# 
_exptl_crystal.colour                      ? 
_exptl_crystal.density_diffrn              ? 
_exptl_crystal.density_Matthews            2.73 
_exptl_crystal.density_method              ? 
_exptl_crystal.density_percent_sol         54.98 
_exptl_crystal.description                 ? 
_exptl_crystal.F_000                       ? 
_exptl_crystal.id                          1 
_exptl_crystal.preparation                 ? 
_exptl_crystal.size_max                    ? 
_exptl_crystal.size_mid                    ? 
_exptl_crystal.size_min                    ? 
_exptl_crystal.size_rad                    ? 
_exptl_crystal.colour_lustre               ? 
_exptl_crystal.colour_modifier             ? 
_exptl_crystal.colour_primary              ? 
_exptl_crystal.density_meas                ? 
_exptl_crystal.density_meas_esd            ? 
_exptl_crystal.density_meas_gt             ? 
_exptl_crystal.density_meas_lt             ? 
_exptl_crystal.density_meas_temp           ? 
_exptl_crystal.density_meas_temp_esd       ? 
_exptl_crystal.density_meas_temp_gt        ? 
_exptl_crystal.density_meas_temp_lt        ? 
_exptl_crystal.pdbx_crystal_image_url      ? 
_exptl_crystal.pdbx_crystal_image_format   ? 
_exptl_crystal.pdbx_mosaicity              ? 
_exptl_crystal.pdbx_mosaicity_esd          ? 
# 
_exptl_crystal_grow.apparatus       ? 
_exptl_crystal_grow.atmosphere      ? 
_exptl_crystal_grow.crystal_id      1 
_exptl_crystal_grow.details         ? 
_exptl_crystal_grow.method          'VAPOR DIFFUSION, SITTING DROP' 
_exptl_crystal_grow.method_ref      ? 
_exptl_crystal_grow.pH              7.5 
_exptl_crystal_grow.pressure        ? 
_exptl_crystal_grow.pressure_esd    ? 
_exptl_crystal_grow.seeding         ? 
_exptl_crystal_grow.seeding_ref     ? 
_exptl_crystal_grow.temp            294 
_exptl_crystal_grow.temp_details    ? 
_exptl_crystal_grow.temp_esd        ? 
_exptl_crystal_grow.time            ? 
_exptl_crystal_grow.pdbx_details    '1mM MES ph6.5, PEG 8000 25%' 
_exptl_crystal_grow.pdbx_pH_range   ? 
# 
_diffrn.ambient_environment    ? 
_diffrn.ambient_temp           100 
_diffrn.ambient_temp_details   ? 
_diffrn.ambient_temp_esd       ? 
_diffrn.crystal_id             1 
_diffrn.crystal_support        ? 
_diffrn.crystal_treatment      ? 
_diffrn.details                ? 
_diffrn.id                     1 
_diffrn.ambient_pressure       ? 
_diffrn.ambient_pressure_esd   ? 
_diffrn.ambient_pressure_gt    ? 
_diffrn.ambient_pressure_lt    ? 
_diffrn.ambient_temp_gt        ? 
_diffrn.ambient_temp_lt        ? 
# 
_diffrn_detector.details                      ? 
_diffrn_detector.detector                     PIXEL 
_diffrn_detector.diffrn_id                    1 
_diffrn_detector.type                         'DECTRIS PILATUS 200K' 
_diffrn_detector.area_resol_mean              ? 
_diffrn_detector.dtime                        ? 
_diffrn_detector.pdbx_frames_total            ? 
_diffrn_detector.pdbx_collection_time_total   ? 
_diffrn_detector.pdbx_collection_date         2015-01-01 
# 
_diffrn_radiation.collimation                      ? 
_diffrn_radiation.diffrn_id                        1 
_diffrn_radiation.filter_edge                      ? 
_diffrn_radiation.inhomogeneity                    ? 
_diffrn_radiation.monochromator                    ? 
_diffrn_radiation.polarisn_norm                    ? 
_diffrn_radiation.polarisn_ratio                   ? 
_diffrn_radiation.probe                            ? 
_diffrn_radiation.type                             ? 
_diffrn_radiation.xray_symbol                      ? 
_diffrn_radiation.wavelength_id                    1 
_diffrn_radiation.pdbx_monochromatic_or_laue_m_l   M 
_diffrn_radiation.pdbx_wavelength_list             ? 
_diffrn_radiation.pdbx_wavelength                  ? 
_diffrn_radiation.pdbx_diffrn_protocol             'SINGLE WAVELENGTH' 
_diffrn_radiation.pdbx_analyzer                    ? 
_diffrn_radiation.pdbx_scattering_type             x-ray 
# 
_diffrn_radiation_wavelength.id           1 
_diffrn_radiation_wavelength.wavelength   0.97 
_diffrn_radiation_wavelength.wt           1.0 
# 
_diffrn_source.current                     ? 
_diffrn_source.details                     ? 
_diffrn_source.diffrn_id                   1 
_diffrn_source.power                       ? 
_diffrn_source.size                        ? 
_diffrn_source.source                      'ROTATING ANODE' 
_diffrn_source.target                      ? 
_diffrn_source.type                        'RIGAKU FR-X' 
_diffrn_source.voltage                     ? 
_diffrn_source.take-off_angle              ? 
_diffrn_source.pdbx_wavelength_list        0.97 
_diffrn_source.pdbx_wavelength             ? 
_diffrn_source.pdbx_synchrotron_beamline   ? 
_diffrn_source.pdbx_synchrotron_site       ? 
# 
_reflns.B_iso_Wilson_estimate            31.75 
_reflns.entry_id                         6DG0 
_reflns.data_reduction_details           ? 
_reflns.data_reduction_method            ? 
_reflns.d_resolution_high                2.457 
_reflns.d_resolution_low                 28.082 
_reflns.details                          ? 
_reflns.limit_h_max                      ? 
_reflns.limit_h_min                      ? 
_reflns.limit_k_max                      ? 
_reflns.limit_k_min                      ? 
_reflns.limit_l_max                      ? 
_reflns.limit_l_min                      ? 
_reflns.number_all                       ? 
_reflns.number_obs                       8221 
_reflns.observed_criterion               ? 
_reflns.observed_criterion_F_max         ? 
_reflns.observed_criterion_F_min         ? 
_reflns.observed_criterion_I_max         ? 
_reflns.observed_criterion_I_min         ? 
_reflns.observed_criterion_sigma_F       ? 
_reflns.observed_criterion_sigma_I       ? 
_reflns.percent_possible_obs             94.1 
_reflns.R_free_details                   ? 
_reflns.Rmerge_F_all                     ? 
_reflns.Rmerge_F_obs                     ? 
_reflns.Friedel_coverage                 ? 
_reflns.number_gt                        ? 
_reflns.threshold_expression             ? 
_reflns.pdbx_redundancy                  1.8 
_reflns.pdbx_Rmerge_I_obs                0.05359 
_reflns.pdbx_Rmerge_I_all                ? 
_reflns.pdbx_Rsym_value                  ? 
_reflns.pdbx_netI_over_av_sigmaI         ? 
_reflns.pdbx_netI_over_sigmaI            9.64 
_reflns.pdbx_res_netI_over_av_sigmaI_2   ? 
_reflns.pdbx_res_netI_over_sigmaI_2      ? 
_reflns.pdbx_chi_squared                 ? 
_reflns.pdbx_scaling_rejects             ? 
_reflns.pdbx_d_res_high_opt              ? 
_reflns.pdbx_d_res_low_opt               ? 
_reflns.pdbx_d_res_opt_method            ? 
_reflns.phase_calculation_details        ? 
_reflns.pdbx_Rrim_I_all                  0.07579 
_reflns.pdbx_Rpim_I_all                  ? 
_reflns.pdbx_d_opt                       ? 
_reflns.pdbx_number_measured_all         ? 
_reflns.pdbx_diffrn_id                   1 
_reflns.pdbx_ordinal                     1 
_reflns.pdbx_CC_half                     0.996 
_reflns.pdbx_R_split                     ? 
# 
_reflns_shell.d_res_high                  2.457 
_reflns_shell.d_res_low                   2.544 
_reflns_shell.meanI_over_sigI_all         ? 
_reflns_shell.meanI_over_sigI_obs         2.56 
_reflns_shell.number_measured_all         ? 
_reflns_shell.number_measured_obs         ? 
_reflns_shell.number_possible             ? 
_reflns_shell.number_unique_all           ? 
_reflns_shell.number_unique_obs           658 
_reflns_shell.percent_possible_all        76.33 
_reflns_shell.percent_possible_obs        ? 
_reflns_shell.Rmerge_F_all                ? 
_reflns_shell.Rmerge_F_obs                ? 
_reflns_shell.Rmerge_I_all                ? 
_reflns_shell.Rmerge_I_obs                0.2121 
_reflns_shell.meanI_over_sigI_gt          ? 
_reflns_shell.meanI_over_uI_all           ? 
_reflns_shell.meanI_over_uI_gt            ? 
_reflns_shell.number_measured_gt          ? 
_reflns_shell.number_unique_gt            ? 
_reflns_shell.percent_possible_gt         ? 
_reflns_shell.Rmerge_F_gt                 ? 
_reflns_shell.Rmerge_I_gt                 ? 
_reflns_shell.pdbx_redundancy             1.4 
_reflns_shell.pdbx_Rsym_value             ? 
_reflns_shell.pdbx_chi_squared            ? 
_reflns_shell.pdbx_netI_over_sigmaI_all   ? 
_reflns_shell.pdbx_netI_over_sigmaI_obs   ? 
_reflns_shell.pdbx_Rrim_I_all             ? 
_reflns_shell.pdbx_Rpim_I_all             ? 
_reflns_shell.pdbx_rejects                ? 
_reflns_shell.pdbx_ordinal                1 
_reflns_shell.pdbx_diffrn_id              1 
_reflns_shell.pdbx_CC_half                0.932 
_reflns_shell.pdbx_R_split                ? 
# 
_refine.aniso_B[1][1]                            ? 
_refine.aniso_B[1][2]                            ? 
_refine.aniso_B[1][3]                            ? 
_refine.aniso_B[2][2]                            ? 
_refine.aniso_B[2][3]                            ? 
_refine.aniso_B[3][3]                            ? 
_refine.B_iso_max                                ? 
_refine.B_iso_mean                               ? 
_refine.B_iso_min                                ? 
_refine.correlation_coeff_Fo_to_Fc               ? 
_refine.correlation_coeff_Fo_to_Fc_free          ? 
_refine.details                                  ? 
_refine.diff_density_max                         ? 
_refine.diff_density_max_esd                     ? 
_refine.diff_density_min                         ? 
_refine.diff_density_min_esd                     ? 
_refine.diff_density_rms                         ? 
_refine.diff_density_rms_esd                     ? 
_refine.entry_id                                 6DG0 
_refine.pdbx_refine_id                           'X-RAY DIFFRACTION' 
_refine.ls_abs_structure_details                 ? 
_refine.ls_abs_structure_Flack                   ? 
_refine.ls_abs_structure_Flack_esd               ? 
_refine.ls_abs_structure_Rogers                  ? 
_refine.ls_abs_structure_Rogers_esd              ? 
_refine.ls_d_res_high                            2.457 
_refine.ls_d_res_low                             28.082 
_refine.ls_extinction_coef                       ? 
_refine.ls_extinction_coef_esd                   ? 
_refine.ls_extinction_expression                 ? 
_refine.ls_extinction_method                     ? 
_refine.ls_goodness_of_fit_all                   ? 
_refine.ls_goodness_of_fit_all_esd               ? 
_refine.ls_goodness_of_fit_obs                   ? 
_refine.ls_goodness_of_fit_obs_esd               ? 
_refine.ls_hydrogen_treatment                    ? 
_refine.ls_matrix_type                           ? 
_refine.ls_number_constraints                    ? 
_refine.ls_number_parameters                     ? 
_refine.ls_number_reflns_all                     ? 
_refine.ls_number_reflns_obs                     8221 
_refine.ls_number_reflns_R_free                  413 
_refine.ls_number_reflns_R_work                  ? 
_refine.ls_number_restraints                     ? 
_refine.ls_percent_reflns_obs                    94.16 
_refine.ls_percent_reflns_R_free                 5.02 
_refine.ls_R_factor_all                          ? 
_refine.ls_R_factor_obs                          0.2376 
_refine.ls_R_factor_R_free                       0.2871 
_refine.ls_R_factor_R_free_error                 ? 
_refine.ls_R_factor_R_free_error_details         ? 
_refine.ls_R_factor_R_work                       0.2350 
_refine.ls_R_Fsqd_factor_obs                     ? 
_refine.ls_R_I_factor_obs                        ? 
_refine.ls_redundancy_reflns_all                 ? 
_refine.ls_redundancy_reflns_obs                 ? 
_refine.ls_restrained_S_all                      ? 
_refine.ls_restrained_S_obs                      ? 
_refine.ls_shift_over_esd_max                    ? 
_refine.ls_shift_over_esd_mean                   ? 
_refine.ls_structure_factor_coef                 ? 
_refine.ls_weighting_details                     ? 
_refine.ls_weighting_scheme                      ? 
_refine.ls_wR_factor_all                         ? 
_refine.ls_wR_factor_obs                         ? 
_refine.ls_wR_factor_R_free                      ? 
_refine.ls_wR_factor_R_work                      ? 
_refine.occupancy_max                            ? 
_refine.occupancy_min                            ? 
_refine.solvent_model_details                    'FLAT BULK SOLVENT MODEL' 
_refine.solvent_model_param_bsol                 ? 
_refine.solvent_model_param_ksol                 ? 
_refine.ls_R_factor_gt                           ? 
_refine.ls_goodness_of_fit_gt                    ? 
_refine.ls_goodness_of_fit_ref                   ? 
_refine.ls_shift_over_su_max                     ? 
_refine.ls_shift_over_su_max_lt                  ? 
_refine.ls_shift_over_su_mean                    ? 
_refine.ls_shift_over_su_mean_lt                 ? 
_refine.pdbx_ls_sigma_I                          ? 
_refine.pdbx_ls_sigma_F                          1.34 
_refine.pdbx_ls_sigma_Fsqd                       ? 
_refine.pdbx_data_cutoff_high_absF               ? 
_refine.pdbx_data_cutoff_high_rms_absF           ? 
_refine.pdbx_data_cutoff_low_absF                ? 
_refine.pdbx_isotropic_thermal_model             ? 
_refine.pdbx_ls_cross_valid_method               'FREE R-VALUE' 
_refine.pdbx_method_to_determine_struct          'MOLECULAR REPLACEMENT' 
_refine.pdbx_starting_model                      1URN 
_refine.pdbx_stereochemistry_target_values       ML 
_refine.pdbx_R_Free_selection_details            ? 
_refine.pdbx_stereochem_target_val_spec_case     ? 
_refine.pdbx_overall_ESU_R                       ? 
_refine.pdbx_overall_ESU_R_Free                  ? 
_refine.pdbx_solvent_vdw_probe_radii             1.11 
_refine.pdbx_solvent_ion_probe_radii             ? 
_refine.pdbx_solvent_shrinkage_radii             0.90 
_refine.pdbx_real_space_R                        ? 
_refine.pdbx_density_correlation                 ? 
_refine.pdbx_pd_number_of_powder_patterns        ? 
_refine.pdbx_pd_number_of_points                 ? 
_refine.pdbx_pd_meas_number_of_points            ? 
_refine.pdbx_pd_proc_ls_prof_R_factor            ? 
_refine.pdbx_pd_proc_ls_prof_wR_factor           ? 
_refine.pdbx_pd_Marquardt_correlation_coeff      ? 
_refine.pdbx_pd_Fsqrd_R_factor                   ? 
_refine.pdbx_pd_ls_matrix_band_width             ? 
_refine.pdbx_overall_phase_error                 31.51 
_refine.pdbx_overall_SU_R_free_Cruickshank_DPI   ? 
_refine.pdbx_overall_SU_R_free_Blow_DPI          ? 
_refine.pdbx_overall_SU_R_Blow_DPI               ? 
_refine.pdbx_TLS_residual_ADP_flag               ? 
_refine.pdbx_diffrn_id                           1 
_refine.overall_SU_B                             ? 
_refine.overall_SU_ML                            0.37 
_refine.overall_SU_R_Cruickshank_DPI             ? 
_refine.overall_SU_R_free                        ? 
_refine.overall_FOM_free_R_set                   ? 
_refine.overall_FOM_work_R_set                   ? 
_refine.pdbx_average_fsc_overall                 ? 
_refine.pdbx_average_fsc_work                    ? 
_refine.pdbx_average_fsc_free                    ? 
# 
_refine_hist.pdbx_refine_id                   'X-RAY DIFFRACTION' 
_refine_hist.cycle_id                         LAST 
_refine_hist.pdbx_number_atoms_protein        1278 
_refine_hist.pdbx_number_atoms_nucleic_acid   240 
_refine_hist.pdbx_number_atoms_ligand         0 
_refine_hist.number_atoms_solvent             102 
_refine_hist.number_atoms_total               1620 
_refine_hist.d_res_high                       2.457 
_refine_hist.d_res_low                        28.082 
# 
loop_
_refine_ls_restr.pdbx_refine_id 
_refine_ls_restr.criterion 
_refine_ls_restr.dev_ideal 
_refine_ls_restr.dev_ideal_target 
_refine_ls_restr.number 
_refine_ls_restr.rejects 
_refine_ls_restr.type 
_refine_ls_restr.weight 
_refine_ls_restr.pdbx_restraint_function 
'X-RAY DIFFRACTION' ? 0.003  ? 1571 ? f_bond_d           ? ? 
'X-RAY DIFFRACTION' ? 0.779  ? 2161 ? f_angle_d          ? ? 
'X-RAY DIFFRACTION' ? 17.758 ? 573  ? f_dihedral_angle_d ? ? 
'X-RAY DIFFRACTION' ? 0.032  ? 244  ? f_chiral_restr     ? ? 
'X-RAY DIFFRACTION' ? 0.002  ? 243  ? f_plane_restr      ? ? 
# 
loop_
_refine_ls_shell.pdbx_refine_id 
_refine_ls_shell.d_res_high 
_refine_ls_shell.d_res_low 
_refine_ls_shell.number_reflns_all 
_refine_ls_shell.number_reflns_obs 
_refine_ls_shell.number_reflns_R_free 
_refine_ls_shell.number_reflns_R_work 
_refine_ls_shell.percent_reflns_obs 
_refine_ls_shell.percent_reflns_R_free 
_refine_ls_shell.R_factor_all 
_refine_ls_shell.R_factor_obs 
_refine_ls_shell.R_factor_R_free 
_refine_ls_shell.R_factor_R_free_error 
_refine_ls_shell.R_factor_R_work 
_refine_ls_shell.redundancy_reflns_all 
_refine_ls_shell.redundancy_reflns_obs 
_refine_ls_shell.wR_factor_all 
_refine_ls_shell.wR_factor_obs 
_refine_ls_shell.wR_factor_R_free 
_refine_ls_shell.wR_factor_R_work 
_refine_ls_shell.pdbx_total_number_of_bins_used 
_refine_ls_shell.pdbx_phase_error 
_refine_ls_shell.pdbx_fsc_work 
_refine_ls_shell.pdbx_fsc_free 
'X-RAY DIFFRACTION' 2.4567 2.8119  . . 133 2426 89.00 . . . 0.3764 . 0.2913 . . . . . . . . . . 
'X-RAY DIFFRACTION' 2.8119 3.5415  . . 141 2732 99.00 . . . 0.3519 . 0.2615 . . . . . . . . . . 
'X-RAY DIFFRACTION' 3.5415 28.0835 . . 139 2650 95.00 . . . 0.2284 . 0.2024 . . . . . . . . . . 
# 
_struct.entry_id                     6DG0 
_struct.title                        'MEC-8 C-terminal RRM domain bound to AGCACA' 
_struct.pdbx_model_details           ? 
_struct.pdbx_formula_weight          ? 
_struct.pdbx_formula_weight_method   ? 
_struct.pdbx_model_type_details      ? 
_struct.pdbx_CASP_flag               N 
# 
_struct_keywords.entry_id        6DG0 
_struct_keywords.text            
'RNA recognition motif, splicing factor, RNA-binding, RNA BINDING PROTEIN, RNA BINDING PROTEIN-DNA complex' 
_struct_keywords.pdbx_keywords   'RNA BINDING PROTEIN/DNA' 
# 
loop_
_struct_asym.id 
_struct_asym.pdbx_blank_PDB_chainid_flag 
_struct_asym.pdbx_modified 
_struct_asym.entity_id 
_struct_asym.details 
A N N 1 ? 
B N N 1 ? 
C N N 2 ? 
D N N 2 ? 
E N N 3 ? 
F N N 3 ? 
G N N 3 ? 
H N N 3 ? 
# 
loop_
_struct_conf.conf_type_id 
_struct_conf.id 
_struct_conf.pdbx_PDB_helix_id 
_struct_conf.beg_label_comp_id 
_struct_conf.beg_label_asym_id 
_struct_conf.beg_label_seq_id 
_struct_conf.pdbx_beg_PDB_ins_code 
_struct_conf.end_label_comp_id 
_struct_conf.end_label_asym_id 
_struct_conf.end_label_seq_id 
_struct_conf.pdbx_end_PDB_ins_code 
_struct_conf.beg_auth_comp_id 
_struct_conf.beg_auth_asym_id 
_struct_conf.beg_auth_seq_id 
_struct_conf.end_auth_comp_id 
_struct_conf.end_auth_asym_id 
_struct_conf.end_auth_seq_id 
_struct_conf.pdbx_PDB_helix_class 
_struct_conf.details 
_struct_conf.pdbx_PDB_helix_length 
HELX_P HELX_P1 AA1 ASN A 16 ? LYS A 25 ? ASN A 33 LYS A 42 1 ? 10 
HELX_P HELX_P2 AA2 ASP A 50 ? GLN A 62 ? ASP A 67 GLN A 79 1 ? 13 
HELX_P HELX_P3 AA3 ASN B 16 ? LYS B 25 ? ASN B 33 LYS B 42 1 ? 10 
HELX_P HELX_P4 AA4 ASP B 50 ? GLN B 62 ? ASP B 67 GLN B 79 1 ? 13 
# 
_struct_conf_type.id          HELX_P 
_struct_conf_type.criteria    ? 
_struct_conf_type.reference   ? 
# 
loop_
_struct_sheet.id 
_struct_sheet.type 
_struct_sheet.number_strands 
_struct_sheet.details 
AA1 ? 4 ? 
AA2 ? 4 ? 
# 
loop_
_struct_sheet_order.sheet_id 
_struct_sheet_order.range_id_1 
_struct_sheet_order.range_id_2 
_struct_sheet_order.offset 
_struct_sheet_order.sense 
AA1 1 2 ? anti-parallel 
AA1 2 3 ? anti-parallel 
AA1 3 4 ? anti-parallel 
AA2 1 2 ? anti-parallel 
AA2 2 3 ? anti-parallel 
AA2 3 4 ? anti-parallel 
# 
loop_
_struct_sheet_range.sheet_id 
_struct_sheet_range.id 
_struct_sheet_range.beg_label_comp_id 
_struct_sheet_range.beg_label_asym_id 
_struct_sheet_range.beg_label_seq_id 
_struct_sheet_range.pdbx_beg_PDB_ins_code 
_struct_sheet_range.end_label_comp_id 
_struct_sheet_range.end_label_asym_id 
_struct_sheet_range.end_label_seq_id 
_struct_sheet_range.pdbx_end_PDB_ins_code 
_struct_sheet_range.beg_auth_comp_id 
_struct_sheet_range.beg_auth_asym_id 
_struct_sheet_range.beg_auth_seq_id 
_struct_sheet_range.end_auth_comp_id 
_struct_sheet_range.end_auth_asym_id 
_struct_sheet_range.end_auth_seq_id 
AA1 1 PHE A 30 ? ASN A 37 ? PHE A 47 ASN A 54 
AA1 2 ALA A 42 ? TYR A 48 ? ALA A 59 TYR A 65 
AA1 3 SER A 4  ? LEU A 11 ? SER A 21 LEU A 28 
AA1 4 ARG A 75 ? TYR A 78 ? ARG A 92 TYR A 95 
AA2 1 PHE B 30 ? ASN B 37 ? PHE B 47 ASN B 54 
AA2 2 ALA B 42 ? TYR B 48 ? ALA B 59 TYR B 65 
AA2 3 SER B 4  ? LEU B 11 ? SER B 21 LEU B 28 
AA2 4 ARG B 75 ? TYR B 78 ? ARG B 92 TYR B 95 
# 
loop_
_pdbx_struct_sheet_hbond.sheet_id 
_pdbx_struct_sheet_hbond.range_id_1 
_pdbx_struct_sheet_hbond.range_id_2 
_pdbx_struct_sheet_hbond.range_1_label_atom_id 
_pdbx_struct_sheet_hbond.range_1_label_comp_id 
_pdbx_struct_sheet_hbond.range_1_label_asym_id 
_pdbx_struct_sheet_hbond.range_1_label_seq_id 
_pdbx_struct_sheet_hbond.range_1_PDB_ins_code 
_pdbx_struct_sheet_hbond.range_1_auth_atom_id 
_pdbx_struct_sheet_hbond.range_1_auth_comp_id 
_pdbx_struct_sheet_hbond.range_1_auth_asym_id 
_pdbx_struct_sheet_hbond.range_1_auth_seq_id 
_pdbx_struct_sheet_hbond.range_2_label_atom_id 
_pdbx_struct_sheet_hbond.range_2_label_comp_id 
_pdbx_struct_sheet_hbond.range_2_label_asym_id 
_pdbx_struct_sheet_hbond.range_2_label_seq_id 
_pdbx_struct_sheet_hbond.range_2_PDB_ins_code 
_pdbx_struct_sheet_hbond.range_2_auth_atom_id 
_pdbx_struct_sheet_hbond.range_2_auth_comp_id 
_pdbx_struct_sheet_hbond.range_2_auth_asym_id 
_pdbx_struct_sheet_hbond.range_2_auth_seq_id 
AA1 1 2 N ARG A 32 ? N ARG A 49 O GLU A 47 ? O GLU A 64 
AA1 2 3 O VAL A 46 ? O VAL A 63 N LEU A 6  ? N LEU A 23 
AA1 3 4 N PHE A 7  ? N PHE A 24 O GLU A 77 ? O GLU A 94 
AA2 1 2 N ARG B 32 ? N ARG B 49 O GLU B 47 ? O GLU B 64 
AA2 2 3 O VAL B 46 ? O VAL B 63 N LEU B 6  ? N LEU B 23 
AA2 3 4 N PHE B 7  ? N PHE B 24 O GLU B 77 ? O GLU B 94 
# 
_atom_sites.entry_id                    6DG0 
_atom_sites.fract_transf_matrix[1][1]   0.00156465 
_atom_sites.fract_transf_matrix[1][2]   0.00718811 
_atom_sites.fract_transf_matrix[1][3]   0.01469290 
_atom_sites.fract_transf_matrix[2][1]   -0.01215620 
_atom_sites.fract_transf_matrix[2][2]   -0.00659974 
_atom_sites.fract_transf_matrix[2][3]   0.00452326 
_atom_sites.fract_transf_matrix[3][1]   0.01046209 
_atom_sites.fract_transf_matrix[3][2]   -0.00867206 
_atom_sites.fract_transf_matrix[3][3]   0.01546361 
_atom_sites.fract_transf_vector[1]      1.200122 
_atom_sites.fract_transf_vector[2]      -0.056941 
_atom_sites.fract_transf_vector[3]      0.408291 
# 
loop_
_atom_type.symbol 
C 
N 
O 
P 
S 
# 
loop_
_atom_site.group_PDB 
_atom_site.id 
_atom_site.type_symbol 
_atom_site.label_atom_id 
_atom_site.label_alt_id 
_atom_site.label_comp_id 
_atom_site.label_asym_id 
_atom_site.label_entity_id 
_atom_site.label_seq_id 
_atom_site.pdbx_PDB_ins_code 
_atom_site.Cartn_x 
_atom_site.Cartn_y 
_atom_site.Cartn_z 
_atom_site.occupancy 
_atom_site.B_iso_or_equiv 
_atom_site.pdbx_formal_charge 
_atom_site.auth_seq_id 
_atom_site.auth_comp_id 
_atom_site.auth_asym_id 
_atom_site.auth_atom_id 
_atom_site.pdbx_PDB_model_num 
ATOM   1    N N     . ALA A 1 2  ? -0.636  -14.185 8.534   1.00 31.21 ? 19  ALA A N     1 
ATOM   2    C CA    . ALA A 1 2  ? 0.129   -13.772 9.702   1.00 35.64 ? 19  ALA A CA    1 
ATOM   3    C C     . ALA A 1 2  ? 0.280   -12.257 9.751   1.00 34.37 ? 19  ALA A C     1 
ATOM   4    O O     . ALA A 1 2  ? 0.500   -11.614 8.727   1.00 35.01 ? 19  ALA A O     1 
ATOM   5    C CB    . ALA A 1 2  ? 1.491   -14.442 9.703   1.00 39.58 ? 19  ALA A CB    1 
ATOM   6    N N     . ALA A 1 3  ? 0.171   -11.695 10.950  1.00 34.48 ? 20  ALA A N     1 
ATOM   7    C CA    . ALA A 1 3  ? 0.255   -10.252 11.133  1.00 34.68 ? 20  ALA A CA    1 
ATOM   8    C C     . ALA A 1 3  ? 1.698   -9.767  11.028  1.00 35.94 ? 20  ALA A C     1 
ATOM   9    O O     . ALA A 1 3  ? 2.601   -10.350 11.627  1.00 32.51 ? 20  ALA A O     1 
ATOM   10   C CB    . ALA A 1 3  ? -0.344  -9.855  12.471  1.00 29.48 ? 20  ALA A CB    1 
ATOM   11   N N     . SER A 1 4  ? 1.907   -8.699  10.265  1.00 30.80 ? 21  SER A N     1 
ATOM   12   C CA    . SER A 1 4  ? 3.241   -8.140  10.070  1.00 26.83 ? 21  SER A CA    1 
ATOM   13   C C     . SER A 1 4  ? 3.405   -6.797  10.775  1.00 26.52 ? 21  SER A C     1 
ATOM   14   O O     . SER A 1 4  ? 2.584   -5.893  10.613  1.00 29.57 ? 21  SER A O     1 
ATOM   15   C CB    . SER A 1 4  ? 3.541   -7.990  8.578   1.00 27.95 ? 21  SER A CB    1 
ATOM   16   O OG    . SER A 1 4  ? 4.852   -7.494  8.368   1.00 33.29 ? 21  SER A OG    1 
ATOM   17   N N     . THR A 1 5  ? 4.477   -6.675  11.551  1.00 25.93 ? 22  THR A N     1 
ATOM   18   C CA    . THR A 1 5  ? 4.722   -5.483  12.355  1.00 30.02 ? 22  THR A CA    1 
ATOM   19   C C     . THR A 1 5  ? 5.744   -4.544  11.711  1.00 29.85 ? 22  THR A C     1 
ATOM   20   O O     . THR A 1 5  ? 6.760   -4.992  11.178  1.00 31.01 ? 22  THR A O     1 
ATOM   21   C CB    . THR A 1 5  ? 5.221   -5.873  13.766  1.00 27.30 ? 22  THR A CB    1 
ATOM   22   O OG1   . THR A 1 5  ? 4.239   -6.688  14.417  1.00 34.87 ? 22  THR A OG1   1 
ATOM   23   C CG2   . THR A 1 5  ? 5.484   -4.636  14.614  1.00 28.25 ? 22  THR A CG2   1 
ATOM   24   N N     . LEU A 1 6  ? 5.473   -3.244  11.777  1.00 28.36 ? 23  LEU A N     1 
ATOM   25   C CA    . LEU A 1 6  ? 6.399   -2.232  11.276  1.00 25.89 ? 23  LEU A CA    1 
ATOM   26   C C     . LEU A 1 6  ? 7.102   -1.507  12.422  1.00 25.73 ? 23  LEU A C     1 
ATOM   27   O O     . LEU A 1 6  ? 6.563   -1.401  13.523  1.00 25.72 ? 23  LEU A O     1 
ATOM   28   C CB    . LEU A 1 6  ? 5.666   -1.215  10.396  1.00 25.04 ? 23  LEU A CB    1 
ATOM   29   C CG    . LEU A 1 6  ? 5.016   -1.720  9.106   1.00 26.10 ? 23  LEU A CG    1 
ATOM   30   C CD1   . LEU A 1 6  ? 4.228   -0.604  8.434   1.00 23.45 ? 23  LEU A CD1   1 
ATOM   31   C CD2   . LEU A 1 6  ? 6.069   -2.281  8.161   1.00 22.42 ? 23  LEU A CD2   1 
ATOM   32   N N     . PHE A 1 7  ? 8.314   -1.023  12.159  1.00 25.81 ? 24  PHE A N     1 
ATOM   33   C CA    . PHE A 1 7  ? 9.045   -0.193  13.113  1.00 24.40 ? 24  PHE A CA    1 
ATOM   34   C C     . PHE A 1 7  ? 9.052   1.267   12.658  1.00 22.30 ? 24  PHE A C     1 
ATOM   35   O O     . PHE A 1 7  ? 9.405   1.563   11.519  1.00 21.27 ? 24  PHE A O     1 
ATOM   36   C CB    . PHE A 1 7  ? 10.478  -0.708  13.289  1.00 20.88 ? 24  PHE A CB    1 
ATOM   37   C CG    . PHE A 1 7  ? 11.383  0.244   14.022  1.00 22.06 ? 24  PHE A CG    1 
ATOM   38   C CD1   . PHE A 1 7  ? 11.349  0.327   15.405  1.00 21.82 ? 24  PHE A CD1   1 
ATOM   39   C CD2   . PHE A 1 7  ? 12.280  1.044   13.331  1.00 21.75 ? 24  PHE A CD2   1 
ATOM   40   C CE1   . PHE A 1 7  ? 12.178  1.204   16.084  1.00 21.23 ? 24  PHE A CE1   1 
ATOM   41   C CE2   . PHE A 1 7  ? 13.113  1.918   14.004  1.00 19.82 ? 24  PHE A CE2   1 
ATOM   42   C CZ    . PHE A 1 7  ? 13.062  1.997   15.382  1.00 22.19 ? 24  PHE A CZ    1 
ATOM   43   N N     . VAL A 1 8  ? 8.675   2.176   13.553  1.00 21.55 ? 25  VAL A N     1 
ATOM   44   C CA    . VAL A 1 8  ? 8.605   3.597   13.216  1.00 23.30 ? 25  VAL A CA    1 
ATOM   45   C C     . VAL A 1 8  ? 9.505   4.458   14.103  1.00 19.95 ? 25  VAL A C     1 
ATOM   46   O O     . VAL A 1 8  ? 9.390   4.444   15.325  1.00 22.23 ? 25  VAL A O     1 
ATOM   47   C CB    . VAL A 1 8  ? 7.159   4.121   13.317  1.00 27.99 ? 25  VAL A CB    1 
ATOM   48   C CG1   . VAL A 1 8  ? 7.088   5.579   12.886  1.00 24.18 ? 25  VAL A CG1   1 
ATOM   49   C CG2   . VAL A 1 8  ? 6.224   3.265   12.472  1.00 22.31 ? 25  VAL A CG2   1 
ATOM   50   N N     . ALA A 1 9  ? 10.394  5.213   13.463  1.00 19.09 ? 26  ALA A N     1 
ATOM   51   C CA    . ALA A 1 9  ? 11.336  6.099   14.147  1.00 23.78 ? 26  ALA A CA    1 
ATOM   52   C C     . ALA A 1 9  ? 11.064  7.553   13.771  1.00 26.01 ? 26  ALA A C     1 
ATOM   53   O O     . ALA A 1 9  ? 10.127  7.833   13.023  1.00 27.07 ? 26  ALA A O     1 
ATOM   54   C CB    . ALA A 1 9  ? 12.770  5.716   13.810  1.00 19.65 ? 26  ALA A CB    1 
ATOM   55   N N     . ASN A 1 10 ? 11.854  8.472   14.325  1.00 24.91 ? 27  ASN A N     1 
ATOM   56   C CA    . ASN A 1 10 ? 11.687  9.906   14.082  1.00 29.18 ? 27  ASN A CA    1 
ATOM   57   C C     . ASN A 1 10 ? 10.344  10.426  14.598  1.00 36.78 ? 27  ASN A C     1 
ATOM   58   O O     . ASN A 1 10 ? 9.587   11.086  13.883  1.00 35.40 ? 27  ASN A O     1 
ATOM   59   C CB    . ASN A 1 10 ? 11.873  10.205  12.584  1.00 30.29 ? 27  ASN A CB    1 
ATOM   60   C CG    . ASN A 1 10 ? 11.966  11.687  12.285  1.00 32.20 ? 27  ASN A CG    1 
ATOM   61   O OD1   . ASN A 1 10 ? 12.156  12.494  13.185  1.00 28.53 ? 27  ASN A OD1   1 
ATOM   62   N ND2   . ASN A 1 10 ? 11.912  12.042  11.010  1.00 33.49 ? 27  ASN A ND2   1 
ATOM   63   N N     . LEU A 1 11 ? 10.051  10.081  15.849  1.00 32.49 ? 28  LEU A N     1 
ATOM   64   C CA    . LEU A 1 11 ? 8.827   10.508  16.514  1.00 34.29 ? 28  LEU A CA    1 
ATOM   65   C C     . LEU A 1 11 ? 9.087   11.494  17.654  1.00 37.81 ? 28  LEU A C     1 
ATOM   66   O O     . LEU A 1 11 ? 10.001  11.303  18.457  1.00 44.61 ? 28  LEU A O     1 
ATOM   67   C CB    . LEU A 1 11 ? 8.068   9.298   17.061  1.00 30.48 ? 28  LEU A CB    1 
ATOM   68   C CG    . LEU A 1 11 ? 7.188   8.487   16.111  1.00 35.53 ? 28  LEU A CG    1 
ATOM   69   C CD1   . LEU A 1 11 ? 6.741   7.202   16.791  1.00 26.17 ? 28  LEU A CD1   1 
ATOM   70   C CD2   . LEU A 1 11 ? 5.989   9.313   15.672  1.00 31.89 ? 28  LEU A CD2   1 
ATOM   71   N N     . SER A 1 12 ? 8.263   12.534  17.736  1.00 33.16 ? 29  SER A N     1 
ATOM   72   C CA    . SER A 1 12 ? 8.360   13.509  18.818  1.00 37.81 ? 29  SER A CA    1 
ATOM   73   C C     . SER A 1 12 ? 7.891   12.859  20.118  1.00 37.05 ? 29  SER A C     1 
ATOM   74   O O     . SER A 1 12 ? 7.161   11.870  20.091  1.00 29.78 ? 29  SER A O     1 
ATOM   75   C CB    . SER A 1 12 ? 7.539   14.763  18.507  1.00 28.98 ? 29  SER A CB    1 
ATOM   76   O OG    . SER A 1 12 ? 6.153   14.478  18.488  1.00 40.66 ? 29  SER A OG    1 
ATOM   77   N N     . ALA A 1 13 ? 8.325   13.395  21.252  1.00 41.96 ? 30  ALA A N     1 
ATOM   78   C CA    . ALA A 1 13 ? 7.972   12.807  22.541  1.00 43.88 ? 30  ALA A CA    1 
ATOM   79   C C     . ALA A 1 13 ? 6.595   13.268  23.014  1.00 40.94 ? 30  ALA A C     1 
ATOM   80   O O     . ALA A 1 13 ? 6.084   12.784  24.025  1.00 36.08 ? 30  ALA A O     1 
ATOM   81   C CB    . ALA A 1 13 ? 9.027   13.145  23.582  1.00 42.29 ? 30  ALA A CB    1 
ATOM   82   N N     . GLU A 1 14 ? 5.997   14.199  22.278  1.00 38.40 ? 31  GLU A N     1 
ATOM   83   C CA    . GLU A 1 14 ? 4.708   14.761  22.668  1.00 38.13 ? 31  GLU A CA    1 
ATOM   84   C C     . GLU A 1 14 ? 3.544   14.160  21.885  1.00 35.92 ? 31  GLU A C     1 
ATOM   85   O O     . GLU A 1 14 ? 2.385   14.466  22.168  1.00 36.02 ? 31  GLU A O     1 
ATOM   86   C CB    . GLU A 1 14 ? 4.702   16.283  22.489  1.00 42.13 ? 31  GLU A CB    1 
ATOM   87   C CG    . GLU A 1 14 ? 5.639   17.041  23.418  1.00 52.86 ? 31  GLU A CG    1 
ATOM   88   C CD    . GLU A 1 14 ? 7.032   17.202  22.845  1.00 56.80 ? 31  GLU A CD    1 
ATOM   89   O OE1   . GLU A 1 14 ? 7.228   16.888  21.652  1.00 48.07 ? 31  GLU A OE1   1 
ATOM   90   O OE2   . GLU A 1 14 ? 7.930   17.653  23.588  1.00 73.52 ? 31  GLU A OE2   1 
ATOM   91   N N     . VAL A 1 15 ? 3.842   13.311  20.904  1.00 37.87 ? 32  VAL A N     1 
ATOM   92   C CA    . VAL A 1 15 ? 2.785   12.749  20.068  1.00 32.16 ? 32  VAL A CA    1 
ATOM   93   C C     . VAL A 1 15 ? 1.915   11.742  20.827  1.00 33.46 ? 32  VAL A C     1 
ATOM   94   O O     . VAL A 1 15 ? 2.409   10.880  21.556  1.00 35.98 ? 32  VAL A O     1 
ATOM   95   C CB    . VAL A 1 15 ? 3.359   12.083  18.790  1.00 35.15 ? 32  VAL A CB    1 
ATOM   96   C CG1   . VAL A 1 15 ? 4.313   10.952  19.131  1.00 37.57 ? 32  VAL A CG1   1 
ATOM   97   C CG2   . VAL A 1 15 ? 2.233   11.583  17.894  1.00 33.87 ? 32  VAL A CG2   1 
ATOM   98   N N     . ASN A 1 16 ? 0.607   11.898  20.656  1.00 34.47 ? 33  ASN A N     1 
ATOM   99   C CA    . ASN A 1 16 ? -0.404  11.012  21.229  1.00 33.27 ? 33  ASN A CA    1 
ATOM   100  C C     . ASN A 1 16 ? -0.482  9.638   20.578  1.00 29.19 ? 33  ASN A C     1 
ATOM   101  O O     . ASN A 1 16 ? -0.050  9.450   19.440  1.00 28.47 ? 33  ASN A O     1 
ATOM   102  C CB    . ASN A 1 16 ? -1.781  11.673  21.159  1.00 26.42 ? 33  ASN A CB    1 
ATOM   103  C CG    . ASN A 1 16 ? -1.969  12.732  22.217  1.00 29.07 ? 33  ASN A CG    1 
ATOM   104  O OD1   . ASN A 1 16 ? -2.411  13.840  21.928  1.00 37.97 ? 33  ASN A OD1   1 
ATOM   105  N ND2   . ASN A 1 16 ? -1.636  12.393  23.456  1.00 39.23 ? 33  ASN A ND2   1 
ATOM   106  N N     . GLU A 1 17 ? -1.015  8.675   21.322  1.00 31.32 ? 34  GLU A N     1 
ATOM   107  C CA    . GLU A 1 17 ? -1.234  7.338   20.793  1.00 34.05 ? 34  GLU A CA    1 
ATOM   108  C C     . GLU A 1 17 ? -2.404  7.397   19.815  1.00 32.79 ? 34  GLU A C     1 
ATOM   109  O O     . GLU A 1 17 ? -2.398  6.732   18.778  1.00 26.74 ? 34  GLU A O     1 
ATOM   110  C CB    . GLU A 1 17 ? -1.531  6.343   21.913  1.00 37.72 ? 34  GLU A CB    1 
ATOM   111  C CG    . GLU A 1 17 ? -1.610  4.902   21.448  1.00 46.68 ? 34  GLU A CG    1 
ATOM   112  C CD    . GLU A 1 17 ? -1.626  3.911   22.596  1.00 55.16 ? 34  GLU A CD    1 
ATOM   113  O OE1   . GLU A 1 17 ? -1.589  4.348   23.768  1.00 57.98 ? 34  GLU A OE1   1 
ATOM   114  O OE2   . GLU A 1 17 ? -1.690  2.694   22.323  1.00 54.34 ? 34  GLU A OE2   1 
ATOM   115  N N     . ASP A 1 18 ? -3.408  8.200   20.162  1.00 31.45 ? 35  ASP A N     1 
ATOM   116  C CA    . ASP A 1 18 ? -4.568  8.416   19.301  1.00 30.38 ? 35  ASP A CA    1 
ATOM   117  C C     . ASP A 1 18 ? -4.189  9.135   18.011  1.00 25.26 ? 35  ASP A C     1 
ATOM   118  O O     . ASP A 1 18 ? -4.693  8.803   16.938  1.00 26.15 ? 35  ASP A O     1 
ATOM   119  C CB    . ASP A 1 18 ? -5.644  9.220   20.034  1.00 29.40 ? 35  ASP A CB    1 
ATOM   120  C CG    . ASP A 1 18 ? -6.465  8.371   20.983  1.00 39.10 ? 35  ASP A CG    1 
ATOM   121  O OD1   . ASP A 1 18 ? -6.528  7.139   20.783  1.00 43.21 ? 35  ASP A OD1   1 
ATOM   122  O OD2   . ASP A 1 18 ? -7.052  8.939   21.927  1.00 43.65 ? 35  ASP A OD2   1 
ATOM   123  N N     . THR A 1 19 ? -3.301  10.118  18.126  1.00 21.50 ? 36  THR A N     1 
ATOM   124  C CA    . THR A 1 19 ? -2.821  10.859  16.964  1.00 23.43 ? 36  THR A CA    1 
ATOM   125  C C     . THR A 1 19 ? -2.127  9.930   15.985  1.00 25.51 ? 36  THR A C     1 
ATOM   126  O O     . THR A 1 19 ? -2.395  9.958   14.784  1.00 23.25 ? 36  THR A O     1 
ATOM   127  C CB    . THR A 1 19 ? -1.838  11.973  17.368  1.00 25.63 ? 36  THR A CB    1 
ATOM   128  O OG1   . THR A 1 19 ? -2.483  12.885  18.264  1.00 22.69 ? 36  THR A OG1   1 
ATOM   129  C CG2   . THR A 1 19 ? -1.340  12.726  16.143  1.00 21.84 ? 36  THR A CG2   1 
ATOM   130  N N     . LEU A 1 20 ? -1.234  9.104   16.516  1.00 26.27 ? 37  LEU A N     1 
ATOM   131  C CA    . LEU A 1 20 ? -0.465  8.176   15.704  1.00 25.38 ? 37  LEU A CA    1 
ATOM   132  C C     . LEU A 1 20 ? -1.368  7.108   15.098  1.00 24.14 ? 37  LEU A C     1 
ATOM   133  O O     . LEU A 1 20 ? -1.156  6.670   13.967  1.00 28.09 ? 37  LEU A O     1 
ATOM   134  C CB    . LEU A 1 20 ? 0.637   7.527   16.536  1.00 27.44 ? 37  LEU A CB    1 
ATOM   135  C CG    . LEU A 1 20 ? 1.744   6.855   15.729  1.00 36.78 ? 37  LEU A CG    1 
ATOM   136  C CD1   . LEU A 1 20 ? 2.385   7.855   14.781  1.00 34.50 ? 37  LEU A CD1   1 
ATOM   137  C CD2   . LEU A 1 20 ? 2.774   6.260   16.665  1.00 33.64 ? 37  LEU A CD2   1 
ATOM   138  N N     . ARG A 1 21 ? -2.363  6.683   15.871  1.00 25.64 ? 38  ARG A N     1 
ATOM   139  C CA    . ARG A 1 21 ? -3.351  5.723   15.396  1.00 27.68 ? 38  ARG A CA    1 
ATOM   140  C C     . ARG A 1 21 ? -4.107  6.280   14.196  1.00 24.58 ? 38  ARG A C     1 
ATOM   141  O O     . ARG A 1 21 ? -4.336  5.570   13.222  1.00 27.66 ? 38  ARG A O     1 
ATOM   142  C CB    . ARG A 1 21 ? -4.318  5.345   16.520  1.00 27.03 ? 38  ARG A CB    1 
ATOM   143  C CG    . ARG A 1 21 ? -5.371  4.321   16.124  1.00 32.77 ? 38  ARG A CG    1 
ATOM   144  C CD    . ARG A 1 21 ? -6.200  3.881   17.322  1.00 35.03 ? 38  ARG A CD    1 
ATOM   145  N NE    . ARG A 1 21 ? -5.367  3.273   18.357  1.00 36.41 ? 38  ARG A NE    1 
ATOM   146  C CZ    . ARG A 1 21 ? -5.028  3.860   19.500  1.00 40.36 ? 38  ARG A CZ    1 
ATOM   147  N NH1   . ARG A 1 21 ? -5.451  5.086   19.775  1.00 42.73 ? 38  ARG A NH1   1 
ATOM   148  N NH2   . ARG A 1 21 ? -4.262  3.215   20.370  1.00 36.99 ? 38  ARG A NH2   1 
ATOM   149  N N     . GLY A 1 22 ? -4.480  7.554   14.265  1.00 25.13 ? 39  GLY A N     1 
ATOM   150  C CA    . GLY A 1 22 ? -5.143  8.219   13.156  1.00 22.94 ? 39  GLY A CA    1 
ATOM   151  C C     . GLY A 1 22 ? -4.341  8.182   11.866  1.00 24.68 ? 39  GLY A C     1 
ATOM   152  O O     . GLY A 1 22 ? -4.908  8.145   10.775  1.00 21.59 ? 39  GLY A O     1 
ATOM   153  N N     . VAL A 1 23 ? -3.017  8.200   11.989  1.00 28.19 ? 40  VAL A N     1 
ATOM   154  C CA    . VAL A 1 23 ? -2.137  8.134   10.826  1.00 24.91 ? 40  VAL A CA    1 
ATOM   155  C C     . VAL A 1 23 ? -2.161  6.769   10.141  1.00 26.95 ? 40  VAL A C     1 
ATOM   156  O O     . VAL A 1 23 ? -2.335  6.674   8.925   1.00 27.11 ? 40  VAL A O     1 
ATOM   157  C CB    . VAL A 1 23 ? -0.675  8.452   11.217  1.00 23.60 ? 40  VAL A CB    1 
ATOM   158  C CG1   . VAL A 1 23 ? 0.264   8.219   10.040  1.00 24.69 ? 40  VAL A CG1   1 
ATOM   159  C CG2   . VAL A 1 23 ? -0.555  9.873   11.733  1.00 24.63 ? 40  VAL A CG2   1 
ATOM   160  N N     . PHE A 1 24 ? -1.982  5.716   10.933  1.00 25.95 ? 41  PHE A N     1 
ATOM   161  C CA    . PHE A 1 24 ? -1.863  4.356   10.413  1.00 24.50 ? 41  PHE A CA    1 
ATOM   162  C C     . PHE A 1 24 ? -3.195  3.624   10.216  1.00 27.77 ? 41  PHE A C     1 
ATOM   163  O O     . PHE A 1 24 ? -3.287  2.720   9.383   1.00 27.89 ? 41  PHE A O     1 
ATOM   164  C CB    . PHE A 1 24 ? -0.941  3.544   11.329  1.00 27.60 ? 41  PHE A CB    1 
ATOM   165  C CG    . PHE A 1 24 ? 0.489   4.015   11.305  1.00 28.50 ? 41  PHE A CG    1 
ATOM   166  C CD1   . PHE A 1 24 ? 0.901   5.062   12.112  1.00 27.71 ? 41  PHE A CD1   1 
ATOM   167  C CD2   . PHE A 1 24 ? 1.419   3.415   10.470  1.00 23.90 ? 41  PHE A CD2   1 
ATOM   168  C CE1   . PHE A 1 24 ? 2.210   5.505   12.085  1.00 27.84 ? 41  PHE A CE1   1 
ATOM   169  C CE2   . PHE A 1 24 ? 2.730   3.852   10.442  1.00 31.81 ? 41  PHE A CE2   1 
ATOM   170  C CZ    . PHE A 1 24 ? 3.127   4.897   11.252  1.00 28.82 ? 41  PHE A CZ    1 
ATOM   171  N N     . LYS A 1 25 ? -4.220  4.006   10.975  1.00 25.93 ? 42  LYS A N     1 
ATOM   172  C CA    . LYS A 1 25 ? -5.539  3.383   10.846  1.00 28.83 ? 42  LYS A CA    1 
ATOM   173  C C     . LYS A 1 25 ? -6.193  3.728   9.508   1.00 25.88 ? 42  LYS A C     1 
ATOM   174  O O     . LYS A 1 25 ? -7.125  3.055   9.072   1.00 32.07 ? 42  LYS A O     1 
ATOM   175  C CB    . LYS A 1 25 ? -6.451  3.818   11.997  1.00 25.91 ? 42  LYS A CB    1 
ATOM   176  C CG    . LYS A 1 25 ? -7.655  2.932   12.244  1.00 28.46 ? 42  LYS A CG    1 
ATOM   177  C CD    . LYS A 1 25 ? -8.461  3.466   13.419  1.00 37.95 ? 42  LYS A CD    1 
ATOM   178  C CE    . LYS A 1 25 ? -9.646  2.572   13.748  1.00 47.17 ? 42  LYS A CE    1 
ATOM   179  N NZ    . LYS A 1 25 ? -9.217  1.198   14.125  1.00 46.14 ? 42  LYS A NZ    1 
ATOM   180  N N     . ALA A 1 26 ? -5.690  4.771   8.855   1.00 25.50 ? 43  ALA A N     1 
ATOM   181  C CA    . ALA A 1 26 ? -6.218  5.202   7.566   1.00 24.32 ? 43  ALA A CA    1 
ATOM   182  C C     . ALA A 1 26 ? -5.896  4.212   6.452   1.00 28.75 ? 43  ALA A C     1 
ATOM   183  O O     . ALA A 1 26 ? -6.432  4.314   5.349   1.00 29.27 ? 43  ALA A O     1 
ATOM   184  C CB    . ALA A 1 26 ? -5.677  6.581   7.213   1.00 23.09 ? 43  ALA A CB    1 
ATOM   185  N N     . PHE A 1 27 ? -5.011  3.261   6.739   1.00 26.28 ? 44  PHE A N     1 
ATOM   186  C CA    . PHE A 1 27 ? -4.614  2.266   5.752   1.00 23.56 ? 44  PHE A CA    1 
ATOM   187  C C     . PHE A 1 27 ? -5.170  0.882   6.069   1.00 27.90 ? 44  PHE A C     1 
ATOM   188  O O     . PHE A 1 27 ? -5.275  0.489   7.231   1.00 28.31 ? 44  PHE A O     1 
ATOM   189  C CB    . PHE A 1 27 ? -3.091  2.222   5.641   1.00 26.50 ? 44  PHE A CB    1 
ATOM   190  C CG    . PHE A 1 27 ? -2.506  3.470   5.058   1.00 27.16 ? 44  PHE A CG    1 
ATOM   191  C CD1   . PHE A 1 27 ? -2.238  4.563   5.863   1.00 25.29 ? 44  PHE A CD1   1 
ATOM   192  C CD2   . PHE A 1 27 ? -2.250  3.563   3.702   1.00 28.08 ? 44  PHE A CD2   1 
ATOM   193  C CE1   . PHE A 1 27 ? -1.717  5.721   5.328   1.00 25.07 ? 44  PHE A CE1   1 
ATOM   194  C CE2   . PHE A 1 27 ? -1.729  4.720   3.162   1.00 25.93 ? 44  PHE A CE2   1 
ATOM   195  C CZ    . PHE A 1 27 ? -1.457  5.800   3.976   1.00 22.40 ? 44  PHE A CZ    1 
ATOM   196  N N     . SER A 1 28 ? -5.522  0.153   5.015   1.00 29.67 ? 45  SER A N     1 
ATOM   197  C CA    . SER A 1 28 ? -6.177  -1.144  5.143   1.00 28.95 ? 45  SER A CA    1 
ATOM   198  C C     . SER A 1 28 ? -5.348  -2.161  5.923   1.00 33.38 ? 45  SER A C     1 
ATOM   199  O O     . SER A 1 28 ? -4.143  -2.297  5.708   1.00 32.85 ? 45  SER A O     1 
ATOM   200  C CB    . SER A 1 28 ? -6.504  -1.701  3.756   1.00 28.98 ? 45  SER A CB    1 
ATOM   201  O OG    . SER A 1 28 ? -7.154  -2.955  3.854   1.00 41.55 ? 45  SER A OG    1 
ATOM   202  N N     . GLY A 1 29 ? -6.009  -2.871  6.832   1.00 30.54 ? 46  GLY A N     1 
ATOM   203  C CA    . GLY A 1 29 ? -5.397  -3.970  7.556   1.00 29.20 ? 46  GLY A CA    1 
ATOM   204  C C     . GLY A 1 29 ? -4.792  -3.618  8.903   1.00 31.57 ? 46  GLY A C     1 
ATOM   205  O O     . GLY A 1 29 ? -4.160  -4.463  9.536   1.00 30.32 ? 46  GLY A O     1 
ATOM   206  N N     . PHE A 1 30 ? -4.990  -2.379  9.347   1.00 26.91 ? 47  PHE A N     1 
ATOM   207  C CA    . PHE A 1 30 ? -4.465  -1.927  10.637  1.00 28.00 ? 47  PHE A CA    1 
ATOM   208  C C     . PHE A 1 30 ? -5.067  -2.700  11.804  1.00 31.32 ? 47  PHE A C     1 
ATOM   209  O O     . PHE A 1 30 ? -6.280  -2.681  12.006  1.00 35.74 ? 47  PHE A O     1 
ATOM   210  C CB    . PHE A 1 30 ? -4.719  -0.430  10.833  1.00 24.87 ? 47  PHE A CB    1 
ATOM   211  C CG    . PHE A 1 30 ? -4.344  0.070   12.202  1.00 26.12 ? 47  PHE A CG    1 
ATOM   212  C CD1   . PHE A 1 30 ? -3.027  0.368   12.510  1.00 25.51 ? 47  PHE A CD1   1 
ATOM   213  C CD2   . PHE A 1 30 ? -5.309  0.240   13.183  1.00 29.50 ? 47  PHE A CD2   1 
ATOM   214  C CE1   . PHE A 1 30 ? -2.679  0.826   13.768  1.00 28.54 ? 47  PHE A CE1   1 
ATOM   215  C CE2   . PHE A 1 30 ? -4.968  0.697   14.443  1.00 28.70 ? 47  PHE A CE2   1 
ATOM   216  C CZ    . PHE A 1 30 ? -3.651  0.990   14.736  1.00 30.70 ? 47  PHE A CZ    1 
ATOM   217  N N     . THR A 1 31 ? -4.222  -3.390  12.565  1.00 34.54 ? 48  THR A N     1 
ATOM   218  C CA    . THR A 1 31 ? -4.708  -4.134  13.720  1.00 30.61 ? 48  THR A CA    1 
ATOM   219  C C     . THR A 1 31 ? -4.472  -3.414  15.045  1.00 34.83 ? 48  THR A C     1 
ATOM   220  O O     . THR A 1 31 ? -5.418  -3.145  15.782  1.00 35.63 ? 48  THR A O     1 
ATOM   221  C CB    . THR A 1 31 ? -4.051  -5.525  13.796  1.00 35.49 ? 48  THR A CB    1 
ATOM   222  O OG1   . THR A 1 31 ? -4.128  -6.164  12.515  1.00 33.91 ? 48  THR A OG1   1 
ATOM   223  C CG2   . THR A 1 31 ? -4.750  -6.385  14.836  1.00 35.29 ? 48  THR A CG2   1 
ATOM   224  N N     . ARG A 1 32 ? -3.216  -3.089  15.339  1.00 34.18 ? 49  ARG A N     1 
ATOM   225  C CA    . ARG A 1 32 ? -2.870  -2.500  16.632  1.00 34.05 ? 49  ARG A CA    1 
ATOM   226  C C     . ARG A 1 32 ? -1.532  -1.760  16.626  1.00 32.51 ? 49  ARG A C     1 
ATOM   227  O O     . ARG A 1 32 ? -0.659  -2.027  15.800  1.00 31.31 ? 49  ARG A O     1 
ATOM   228  C CB    . ARG A 1 32 ? -2.865  -3.573  17.721  1.00 34.33 ? 49  ARG A CB    1 
ATOM   229  C CG    . ARG A 1 32 ? -2.038  -4.793  17.395  1.00 36.44 ? 49  ARG A CG    1 
ATOM   230  C CD    . ARG A 1 32 ? -2.549  -5.996  18.165  1.00 37.20 ? 49  ARG A CD    1 
ATOM   231  N NE    . ARG A 1 32 ? -1.796  -7.208  17.867  1.00 37.57 ? 49  ARG A NE    1 
ATOM   232  C CZ    . ARG A 1 32 ? -0.920  -7.762  18.698  1.00 34.21 ? 49  ARG A CZ    1 
ATOM   233  N NH1   . ARG A 1 32 ? -0.279  -8.868  18.346  1.00 37.53 ? 49  ARG A NH1   1 
ATOM   234  N NH2   . ARG A 1 32 ? -0.689  -7.210  19.881  1.00 35.85 ? 49  ARG A NH2   1 
ATOM   235  N N     . LEU A 1 33 ? -1.389  -0.828  17.563  1.00 28.51 ? 50  LEU A N     1 
ATOM   236  C CA    . LEU A 1 33 ? -0.203  0.016   17.673  1.00 29.17 ? 50  LEU A CA    1 
ATOM   237  C C     . LEU A 1 33 ? 0.331   0.066   19.109  1.00 27.66 ? 50  LEU A C     1 
ATOM   238  O O     . LEU A 1 33 ? -0.440  0.061   20.066  1.00 35.37 ? 50  LEU A O     1 
ATOM   239  C CB    . LEU A 1 33 ? -0.530  1.430   17.170  1.00 32.77 ? 50  LEU A CB    1 
ATOM   240  C CG    . LEU A 1 33 ? 0.446   2.592   17.369  1.00 32.03 ? 50  LEU A CG    1 
ATOM   241  C CD1   . LEU A 1 33 ? 0.310   3.560   16.210  1.00 32.04 ? 50  LEU A CD1   1 
ATOM   242  C CD2   . LEU A 1 33 ? 0.201   3.319   18.686  1.00 33.71 ? 50  LEU A CD2   1 
ATOM   243  N N     . ARG A 1 34 ? 1.653   0.109   19.250  1.00 28.34 ? 51  ARG A N     1 
ATOM   244  C CA    . ARG A 1 34 ? 2.274   0.311   20.557  1.00 35.77 ? 51  ARG A CA    1 
ATOM   245  C C     . ARG A 1 34 ? 3.312   1.420   20.514  1.00 31.26 ? 51  ARG A C     1 
ATOM   246  O O     . ARG A 1 34 ? 4.209   1.419   19.665  1.00 27.08 ? 51  ARG A O     1 
ATOM   247  C CB    . ARG A 1 34 ? 2.920   -0.976  21.082  1.00 30.18 ? 51  ARG A CB    1 
ATOM   248  C CG    . ARG A 1 34 ? 1.918   -1.992  21.602  1.00 38.63 ? 51  ARG A CG    1 
ATOM   249  C CD    . ARG A 1 34 ? 2.291   -3.425  21.267  1.00 47.49 ? 51  ARG A CD    1 
ATOM   250  N NE    . ARG A 1 34 ? 2.830   -4.127  22.432  1.00 59.84 ? 51  ARG A NE    1 
ATOM   251  C CZ    . ARG A 1 34 ? 2.094   -4.848  23.276  1.00 61.15 ? 51  ARG A CZ    1 
ATOM   252  N NH1   . ARG A 1 34 ? 0.784   -4.947  23.092  1.00 59.52 ? 51  ARG A NH1   1 
ATOM   253  N NH2   . ARG A 1 34 ? 2.661   -5.457  24.312  1.00 56.85 ? 51  ARG A NH2   1 
ATOM   254  N N     . LEU A 1 35 ? 3.178   2.354   21.450  1.00 30.69 ? 52  LEU A N     1 
ATOM   255  C CA    . LEU A 1 35 ? 4.024   3.536   21.515  1.00 31.47 ? 52  LEU A CA    1 
ATOM   256  C C     . LEU A 1 35 ? 4.959   3.428   22.717  1.00 42.08 ? 52  LEU A C     1 
ATOM   257  O O     . LEU A 1 35 ? 4.518   3.367   23.869  1.00 47.79 ? 52  LEU A O     1 
ATOM   258  C CB    . LEU A 1 35 ? 3.176   4.804   21.602  1.00 37.35 ? 52  LEU A CB    1 
ATOM   259  C CG    . LEU A 1 35 ? 3.903   6.149   21.608  1.00 46.00 ? 52  LEU A CG    1 
ATOM   260  C CD1   . LEU A 1 35 ? 4.769   6.294   20.374  1.00 39.96 ? 52  LEU A CD1   1 
ATOM   261  C CD2   . LEU A 1 35 ? 2.901   7.287   21.705  1.00 28.78 ? 52  LEU A CD2   1 
ATOM   262  N N     . HIS A 1 36 ? 6.257   3.413   22.444  1.00 42.56 ? 53  HIS A N     1 
ATOM   263  C CA    . HIS A 1 36 ? 7.252   3.156   23.471  1.00 46.15 ? 53  HIS A CA    1 
ATOM   264  C C     . HIS A 1 36 ? 8.254   4.287   23.576  1.00 52.30 ? 53  HIS A C     1 
ATOM   265  O O     . HIS A 1 36 ? 8.731   4.815   22.568  1.00 46.37 ? 53  HIS A O     1 
ATOM   266  C CB    . HIS A 1 36 ? 7.985   1.851   23.185  1.00 41.21 ? 53  HIS A CB    1 
ATOM   267  C CG    . HIS A 1 36 ? 9.258   1.695   23.958  1.00 52.83 ? 53  HIS A CG    1 
ATOM   268  N ND1   . HIS A 1 36 ? 10.499  1.908   23.389  1.00 54.73 ? 53  HIS A ND1   1 
ATOM   269  C CD2   . HIS A 1 36 ? 9.487   1.366   25.247  1.00 58.05 ? 53  HIS A CD2   1 
ATOM   270  C CE1   . HIS A 1 36 ? 11.435  1.699   24.299  1.00 56.05 ? 53  HIS A CE1   1 
ATOM   271  N NE2   . HIS A 1 36 ? 10.849  1.372   25.436  1.00 61.10 ? 53  HIS A NE2   1 
ATOM   272  N N     . ASN A 1 37 ? 8.559   4.664   24.811  1.00 65.21 ? 54  ASN A N     1 
ATOM   273  C CA    . ASN A 1 37 ? 9.528   5.714   25.055  1.00 67.36 ? 54  ASN A CA    1 
ATOM   274  C C     . ASN A 1 37 ? 10.614  5.230   26.001  1.00 72.54 ? 54  ASN A C     1 
ATOM   275  O O     . ASN A 1 37 ? 10.374  4.416   26.887  1.00 72.09 ? 54  ASN A O     1 
ATOM   276  C CB    . ASN A 1 37 ? 8.842   6.959   25.620  1.00 64.23 ? 54  ASN A CB    1 
ATOM   277  C CG    . ASN A 1 37 ? 9.722   8.180   25.543  1.00 70.63 ? 54  ASN A CG    1 
ATOM   278  O OD1   . ASN A 1 37 ? 10.803  8.127   24.965  1.00 74.27 ? 54  ASN A OD1   1 
ATOM   279  N ND2   . ASN A 1 37 ? 9.252   9.298   26.088  1.00 74.13 ? 54  ASN A ND2   1 
ATOM   280  N N     . LYS A 1 38 ? 11.810  5.767   25.805  1.00 74.22 ? 55  LYS A N     1 
ATOM   281  C CA    . LYS A 1 38 ? 12.983  5.406   26.588  1.00 73.44 ? 55  LYS A CA    1 
ATOM   282  C C     . LYS A 1 38 ? 13.633  6.617   27.246  1.00 76.48 ? 55  LYS A C     1 
ATOM   283  O O     . LYS A 1 38 ? 13.094  7.186   28.191  1.00 81.35 ? 55  LYS A O     1 
ATOM   284  C CB    . LYS A 1 38 ? 13.993  4.675   25.704  1.00 73.47 ? 55  LYS A CB    1 
ATOM   285  N N     . ASN A 1 39 ? 14.803  6.997   26.746  1.00 82.14 ? 56  ASN A N     1 
ATOM   286  C CA    . ASN A 1 39 ? 15.493  8.179   27.242  1.00 83.22 ? 56  ASN A CA    1 
ATOM   287  C C     . ASN A 1 39 ? 14.971  9.491   26.647  1.00 83.06 ? 56  ASN A C     1 
ATOM   288  O O     . ASN A 1 39 ? 14.467  10.339  27.381  1.00 85.02 ? 56  ASN A O     1 
ATOM   289  C CB    . ASN A 1 39 ? 16.997  8.048   26.981  1.00 78.58 ? 56  ASN A CB    1 
ATOM   290  N N     . GLY A 1 40 ? 15.060  9.654   25.331  1.00 82.07 ? 57  GLY A N     1 
ATOM   291  C CA    . GLY A 1 40 ? 14.510  10.837  24.688  1.00 83.32 ? 57  GLY A CA    1 
ATOM   292  C C     . GLY A 1 40 ? 13.256  10.607  23.860  1.00 85.05 ? 57  GLY A C     1 
ATOM   293  O O     . GLY A 1 40 ? 12.202  10.266  24.389  1.00 83.67 ? 57  GLY A O     1 
ATOM   294  N N     . SER A 1 41 ? 13.371  10.857  22.560  1.00 90.37 ? 58  SER A N     1 
ATOM   295  C CA    . SER A 1 41 ? 12.278  10.693  21.596  1.00 71.87 ? 58  SER A CA    1 
ATOM   296  C C     . SER A 1 41 ? 11.730  9.258   21.574  1.00 67.87 ? 58  SER A C     1 
ATOM   297  O O     . SER A 1 41 ? 12.411  8.323   21.982  1.00 65.22 ? 58  SER A O     1 
ATOM   298  C CB    . SER A 1 41 ? 12.727  11.129  20.198  1.00 65.80 ? 58  SER A CB    1 
ATOM   299  O OG    . SER A 1 41 ? 13.630  10.193  19.638  1.00 65.01 ? 58  SER A OG    1 
ATOM   300  N N     . ALA A 1 42 ? 10.493  9.097   21.112  1.00 55.70 ? 59  ALA A N     1 
ATOM   301  C CA    . ALA A 1 42 ? 9.820   7.795   21.100  1.00 46.98 ? 59  ALA A CA    1 
ATOM   302  C C     . ALA A 1 42 ? 9.848   7.060   19.753  1.00 38.83 ? 59  ALA A C     1 
ATOM   303  O O     . ALA A 1 42 ? 10.082  7.660   18.706  1.00 36.15 ? 59  ALA A O     1 
ATOM   304  C CB    . ALA A 1 42 ? 8.379   7.959   21.560  1.00 51.41 ? 59  ALA A CB    1 
ATOM   305  N N     . VAL A 1 43 ? 9.647   5.744   19.809  1.00 33.10 ? 60  VAL A N     1 
ATOM   306  C CA    . VAL A 1 43 ? 9.474   4.924   18.611  1.00 29.65 ? 60  VAL A CA    1 
ATOM   307  C C     . VAL A 1 43 ? 8.120   4.223   18.697  1.00 30.86 ? 60  VAL A C     1 
ATOM   308  O O     . VAL A 1 43 ? 7.455   4.281   19.731  1.00 28.07 ? 60  VAL A O     1 
ATOM   309  C CB    . VAL A 1 43 ? 10.585  3.861   18.462  1.00 26.01 ? 60  VAL A CB    1 
ATOM   310  C CG1   . VAL A 1 43 ? 11.962  4.501   18.517  1.00 18.75 ? 60  VAL A CG1   1 
ATOM   311  C CG2   . VAL A 1 43 ? 10.439  2.780   19.530  1.00 24.57 ? 60  VAL A CG2   1 
ATOM   312  N N     . ALA A 1 44 ? 7.700   3.575   17.615  1.00 28.14 ? 61  ALA A N     1 
ATOM   313  C CA    . ALA A 1 44 ? 6.406   2.896   17.607  1.00 24.77 ? 61  ALA A CA    1 
ATOM   314  C C     . ALA A 1 44 ? 6.431   1.587   16.831  1.00 26.81 ? 61  ALA A C     1 
ATOM   315  O O     . ALA A 1 44 ? 7.156   1.452   15.847  1.00 22.47 ? 61  ALA A O     1 
ATOM   316  C CB    . ALA A 1 44 ? 5.343   3.813   17.038  1.00 26.90 ? 61  ALA A CB    1 
ATOM   317  N N     . PHE A 1 45 ? 5.631   0.626   17.282  1.00 25.44 ? 62  PHE A N     1 
ATOM   318  C CA    . PHE A 1 45 ? 5.435   -0.616  16.550  1.00 23.55 ? 62  PHE A CA    1 
ATOM   319  C C     . PHE A 1 45 ? 3.983   -0.731  16.093  1.00 26.27 ? 62  PHE A C     1 
ATOM   320  O O     . PHE A 1 45 ? 3.062   -0.746  16.911  1.00 24.21 ? 62  PHE A O     1 
ATOM   321  C CB    . PHE A 1 45 ? 5.837   -1.812  17.417  1.00 27.90 ? 62  PHE A CB    1 
ATOM   322  C CG    . PHE A 1 45 ? 7.278   -1.790  17.841  1.00 22.44 ? 62  PHE A CG    1 
ATOM   323  C CD1   . PHE A 1 45 ? 8.271   -2.270  17.004  1.00 24.79 ? 62  PHE A CD1   1 
ATOM   324  C CD2   . PHE A 1 45 ? 7.641   -1.272  19.072  1.00 24.03 ? 62  PHE A CD2   1 
ATOM   325  C CE1   . PHE A 1 45 ? 9.596   -2.245  17.393  1.00 26.78 ? 62  PHE A CE1   1 
ATOM   326  C CE2   . PHE A 1 45 ? 8.965   -1.244  19.468  1.00 25.43 ? 62  PHE A CE2   1 
ATOM   327  C CZ    . PHE A 1 45 ? 9.944   -1.730  18.627  1.00 22.77 ? 62  PHE A CZ    1 
ATOM   328  N N     . VAL A 1 46 ? 3.784   -0.809  14.780  1.00 30.80 ? 63  VAL A N     1 
ATOM   329  C CA    . VAL A 1 46 ? 2.442   -0.838  14.207  1.00 26.29 ? 63  VAL A CA    1 
ATOM   330  C C     . VAL A 1 46 ? 2.184   -2.141  13.459  1.00 26.55 ? 63  VAL A C     1 
ATOM   331  O O     . VAL A 1 46 ? 2.919   -2.495  12.537  1.00 28.08 ? 63  VAL A O     1 
ATOM   332  C CB    . VAL A 1 46 ? 2.216   0.347   13.249  1.00 25.16 ? 63  VAL A CB    1 
ATOM   333  C CG1   . VAL A 1 46 ? 0.756   0.416   12.833  1.00 24.90 ? 63  VAL A CG1   1 
ATOM   334  C CG2   . VAL A 1 46 ? 2.643   1.643   13.911  1.00 27.39 ? 63  VAL A CG2   1 
ATOM   335  N N     . GLU A 1 47 ? 1.132   -2.848  13.858  1.00 29.65 ? 64  GLU A N     1 
ATOM   336  C CA    . GLU A 1 47 ? 0.820   -4.150  13.280  1.00 27.91 ? 64  GLU A CA    1 
ATOM   337  C C     . GLU A 1 47 ? -0.288  -4.095  12.229  1.00 29.38 ? 64  GLU A C     1 
ATOM   338  O O     . GLU A 1 47 ? -1.296  -3.413  12.410  1.00 30.01 ? 64  GLU A O     1 
ATOM   339  C CB    . GLU A 1 47 ? 0.424   -5.132  14.381  1.00 23.47 ? 64  GLU A CB    1 
ATOM   340  C CG    . GLU A 1 47 ? 0.288   -6.558  13.894  1.00 29.82 ? 64  GLU A CG    1 
ATOM   341  C CD    . GLU A 1 47 ? -0.206  -7.496  14.973  1.00 37.54 ? 64  GLU A CD    1 
ATOM   342  O OE1   . GLU A 1 47 ? -1.311  -7.261  15.503  1.00 37.41 ? 64  GLU A OE1   1 
ATOM   343  O OE2   . GLU A 1 47 ? 0.512   -8.468  15.292  1.00 38.27 ? 64  GLU A OE2   1 
ATOM   344  N N     . TYR A 1 48 ? -0.088  -4.817  11.131  1.00 28.10 ? 65  TYR A N     1 
ATOM   345  C CA    . TYR A 1 48 ? -1.118  -4.971  10.107  1.00 29.65 ? 65  TYR A CA    1 
ATOM   346  C C     . TYR A 1 48 ? -1.511  -6.439  9.917   1.00 28.98 ? 65  TYR A C     1 
ATOM   347  O O     . TYR A 1 48 ? -0.771  -7.340  10.307  1.00 32.23 ? 65  TYR A O     1 
ATOM   348  C CB    . TYR A 1 48 ? -0.648  -4.360  8.789   1.00 26.17 ? 65  TYR A CB    1 
ATOM   349  C CG    . TYR A 1 48 ? -0.721  -2.850  8.783   1.00 30.03 ? 65  TYR A CG    1 
ATOM   350  C CD1   . TYR A 1 48 ? 0.327   -2.079  9.276   1.00 26.50 ? 65  TYR A CD1   1 
ATOM   351  C CD2   . TYR A 1 48 ? -1.841  -2.194  8.290   1.00 31.14 ? 65  TYR A CD2   1 
ATOM   352  C CE1   . TYR A 1 48 ? 0.256   -0.695  9.276   1.00 27.28 ? 65  TYR A CE1   1 
ATOM   353  C CE2   . TYR A 1 48 ? -1.922  -0.816  8.285   1.00 29.49 ? 65  TYR A CE2   1 
ATOM   354  C CZ    . TYR A 1 48 ? -0.870  -0.072  8.778   1.00 27.31 ? 65  TYR A CZ    1 
ATOM   355  O OH    . TYR A 1 48 ? -0.950  1.302   8.772   1.00 29.89 ? 65  TYR A OH    1 
ATOM   356  N N     . SER A 1 49 ? -2.672  -6.670  9.306   1.00 31.70 ? 66  SER A N     1 
ATOM   357  C CA    . SER A 1 49 ? -3.250  -8.013  9.224   1.00 28.99 ? 66  SER A CA    1 
ATOM   358  C C     . SER A 1 49 ? -2.391  -9.000  8.434   1.00 32.96 ? 66  SER A C     1 
ATOM   359  O O     . SER A 1 49 ? -2.407  -10.199 8.709   1.00 35.53 ? 66  SER A O     1 
ATOM   360  C CB    . SER A 1 49 ? -4.650  -7.942  8.608   1.00 23.34 ? 66  SER A CB    1 
ATOM   361  O OG    . SER A 1 49 ? -4.606  -7.428  7.289   1.00 33.30 ? 66  SER A OG    1 
ATOM   362  N N     . ASP A 1 50 ? -1.639  -8.497  7.463   1.00 32.09 ? 67  ASP A N     1 
ATOM   363  C CA    . ASP A 1 50 ? -0.715  -9.334  6.704   1.00 30.71 ? 67  ASP A CA    1 
ATOM   364  C C     . ASP A 1 50 ? 0.442   -8.495  6.161   1.00 33.82 ? 67  ASP A C     1 
ATOM   365  O O     . ASP A 1 50 ? 0.434   -7.268  6.278   1.00 33.43 ? 67  ASP A O     1 
ATOM   366  C CB    . ASP A 1 50 ? -1.446  -10.072 5.570   1.00 27.86 ? 67  ASP A CB    1 
ATOM   367  C CG    . ASP A 1 50 ? -2.073  -9.132  4.546   1.00 34.71 ? 67  ASP A CG    1 
ATOM   368  O OD1   . ASP A 1 50 ? -1.370  -8.249  4.008   1.00 35.16 ? 67  ASP A OD1   1 
ATOM   369  O OD2   . ASP A 1 50 ? -3.282  -9.284  4.273   1.00 38.15 ? 67  ASP A OD2   1 
ATOM   370  N N     . LEU A 1 51 ? 1.436   -9.165  5.586   1.00 32.10 ? 68  LEU A N     1 
ATOM   371  C CA    . LEU A 1 51 ? 2.618   -8.493  5.052   1.00 32.54 ? 68  LEU A CA    1 
ATOM   372  C C     . LEU A 1 51 ? 2.297   -7.458  3.978   1.00 29.58 ? 68  LEU A C     1 
ATOM   373  O O     . LEU A 1 51 ? 2.835   -6.352  3.997   1.00 27.84 ? 68  LEU A O     1 
ATOM   374  C CB    . LEU A 1 51 ? 3.599   -9.519  4.483   1.00 28.48 ? 68  LEU A CB    1 
ATOM   375  C CG    . LEU A 1 51 ? 4.887   -8.918  3.915   1.00 34.31 ? 68  LEU A CG    1 
ATOM   376  C CD1   . LEU A 1 51 ? 5.628   -8.134  4.985   1.00 30.24 ? 68  LEU A CD1   1 
ATOM   377  C CD2   . LEU A 1 51 ? 5.774   -9.999  3.319   1.00 36.89 ? 68  LEU A CD2   1 
ATOM   378  N N     . GLN A 1 52 ? 1.417   -7.819  3.049   1.00 27.55 ? 69  GLN A N     1 
ATOM   379  C CA    . GLN A 1 52 ? 1.110   -6.960  1.906   1.00 33.33 ? 69  GLN A CA    1 
ATOM   380  C C     . GLN A 1 52 ? 0.514   -5.618  2.326   1.00 30.45 ? 69  GLN A C     1 
ATOM   381  O O     . GLN A 1 52 ? 0.769   -4.592  1.697   1.00 33.65 ? 69  GLN A O     1 
ATOM   382  C CB    . GLN A 1 52 ? 0.153   -7.663  0.933   1.00 29.81 ? 69  GLN A CB    1 
ATOM   383  C CG    . GLN A 1 52 ? 0.702   -8.916  0.253   1.00 38.01 ? 69  GLN A CG    1 
ATOM   384  C CD    . GLN A 1 52 ? 0.932   -10.071 1.208   1.00 36.70 ? 69  GLN A CD    1 
ATOM   385  O OE1   . GLN A 1 52 ? 0.278   -10.176 2.246   1.00 38.83 ? 69  GLN A OE1   1 
ATOM   386  N NE2   . GLN A 1 52 ? 1.869   -10.944 0.860   1.00 41.15 ? 69  GLN A NE2   1 
ATOM   387  N N     . LYS A 1 53 ? -0.276  -5.627  3.393   1.00 31.69 ? 70  LYS A N     1 
ATOM   388  C CA    . LYS A 1 53 ? -0.888  -4.399  3.879   1.00 28.38 ? 70  LYS A CA    1 
ATOM   389  C C     . LYS A 1 53 ? 0.123   -3.577  4.668   1.00 28.79 ? 70  LYS A C     1 
ATOM   390  O O     . LYS A 1 53 ? 0.061   -2.348  4.676   1.00 30.36 ? 70  LYS A O     1 
ATOM   391  C CB    . LYS A 1 53 ? -2.107  -4.713  4.749   1.00 34.21 ? 70  LYS A CB    1 
ATOM   392  C CG    . LYS A 1 53 ? -3.218  -5.472  4.034   1.00 39.11 ? 70  LYS A CG    1 
ATOM   393  C CD    . LYS A 1 53 ? -3.846  -4.638  2.927   1.00 39.68 ? 70  LYS A CD    1 
ATOM   394  C CE    . LYS A 1 53 ? -4.981  -5.394  2.256   1.00 41.02 ? 70  LYS A CE    1 
ATOM   395  N NZ    . LYS A 1 53 ? -6.064  -5.732  3.220   1.00 33.59 ? 70  LYS A NZ    1 
ATOM   396  N N     . ALA A 1 54 ? 1.051   -4.261  5.329   1.00 29.24 ? 71  ALA A N     1 
ATOM   397  C CA    . ALA A 1 54 ? 2.126   -3.596  6.059   1.00 24.91 ? 71  ALA A CA    1 
ATOM   398  C C     . ALA A 1 54 ? 3.087   -2.903  5.099   1.00 29.87 ? 71  ALA A C     1 
ATOM   399  O O     . ALA A 1 54 ? 3.481   -1.757  5.319   1.00 24.15 ? 71  ALA A O     1 
ATOM   400  C CB    . ALA A 1 54 ? 2.872   -4.593  6.932   1.00 22.75 ? 71  ALA A CB    1 
ATOM   401  N N     . THR A 1 55 ? 3.466   -3.612  4.041   1.00 32.00 ? 72  THR A N     1 
ATOM   402  C CA    . THR A 1 55 ? 4.342   -3.067  3.010   1.00 28.76 ? 72  THR A CA    1 
ATOM   403  C C     . THR A 1 55 ? 3.684   -1.866  2.344   1.00 31.89 ? 72  THR A C     1 
ATOM   404  O O     . THR A 1 55 ? 4.312   -0.828  2.141   1.00 28.29 ? 72  THR A O     1 
ATOM   405  C CB    . THR A 1 55 ? 4.682   -4.124  1.942   1.00 28.63 ? 72  THR A CB    1 
ATOM   406  O OG1   . THR A 1 55 ? 5.359   -5.225  2.559   1.00 26.29 ? 72  THR A OG1   1 
ATOM   407  C CG2   . THR A 1 55 ? 5.584   -3.532  0.872   1.00 29.09 ? 72  THR A CG2   1 
ATOM   408  N N     . GLN A 1 56 ? 2.403   -2.023  2.022   1.00 31.74 ? 73  GLN A N     1 
ATOM   409  C CA    . GLN A 1 56 ? 1.616   -0.982  1.369   1.00 31.36 ? 73  GLN A CA    1 
ATOM   410  C C     . GLN A 1 56 ? 1.584   0.294   2.204   1.00 28.45 ? 73  GLN A C     1 
ATOM   411  O O     . GLN A 1 56 ? 1.725   1.398   1.679   1.00 28.43 ? 73  GLN A O     1 
ATOM   412  C CB    . GLN A 1 56 ? 0.197   -1.493  1.120   1.00 30.21 ? 73  GLN A CB    1 
ATOM   413  C CG    . GLN A 1 56 ? -0.774  -0.493  0.530   1.00 34.84 ? 73  GLN A CG    1 
ATOM   414  C CD    . GLN A 1 56 ? -2.153  -1.097  0.350   1.00 34.93 ? 73  GLN A CD    1 
ATOM   415  O OE1   . GLN A 1 56 ? -2.283  -2.275  0.019   1.00 35.57 ? 73  GLN A OE1   1 
ATOM   416  N NE2   . GLN A 1 56 ? -3.190  -0.293  0.562   1.00 33.12 ? 73  GLN A NE2   1 
ATOM   417  N N     . ALA A 1 57 ? 1.401   0.128   3.510   1.00 28.81 ? 74  ALA A N     1 
ATOM   418  C CA    . ALA A 1 57 ? 1.367   1.249   4.440   1.00 27.31 ? 74  ALA A CA    1 
ATOM   419  C C     . ALA A 1 57 ? 2.747   1.862   4.685   1.00 26.07 ? 74  ALA A C     1 
ATOM   420  O O     . ALA A 1 57 ? 2.867   3.077   4.835   1.00 23.08 ? 74  ALA A O     1 
ATOM   421  C CB    . ALA A 1 57 ? 0.750   0.813   5.762   1.00 25.81 ? 74  ALA A CB    1 
ATOM   422  N N     . MET A 1 58 ? 3.784   1.027   4.717   1.00 28.36 ? 75  MET A N     1 
ATOM   423  C CA    . MET A 1 58 ? 5.137   1.522   4.966   1.00 29.41 ? 75  MET A CA    1 
ATOM   424  C C     . MET A 1 58 ? 5.603   2.427   3.831   1.00 25.56 ? 75  MET A C     1 
ATOM   425  O O     . MET A 1 58 ? 6.138   3.510   4.068   1.00 24.61 ? 75  MET A O     1 
ATOM   426  C CB    . MET A 1 58 ? 6.120   0.364   5.149   1.00 20.67 ? 75  MET A CB    1 
ATOM   427  C CG    . MET A 1 58 ? 7.566   0.822   5.287   1.00 28.17 ? 75  MET A CG    1 
ATOM   428  S SD    . MET A 1 58 ? 8.724   -0.502  5.666   1.00 33.49 ? 75  MET A SD    1 
ATOM   429  C CE    . MET A 1 58 ? 8.633   -1.447  4.152   1.00 34.05 ? 75  MET A CE    1 
ATOM   430  N N     . ILE A 1 59 ? 5.411   1.964   2.600   1.00 24.71 ? 76  ILE A N     1 
ATOM   431  C CA    . ILE A 1 59 ? 5.751   2.741   1.412   1.00 25.15 ? 76  ILE A CA    1 
ATOM   432  C C     . ILE A 1 59 ? 4.990   4.067   1.379   1.00 27.39 ? 76  ILE A C     1 
ATOM   433  O O     . ILE A 1 59 ? 5.565   5.119   1.094   1.00 23.52 ? 76  ILE A O     1 
ATOM   434  C CB    . ILE A 1 59 ? 5.473   1.943   0.113   1.00 25.32 ? 76  ILE A CB    1 
ATOM   435  C CG1   . ILE A 1 59 ? 6.672   1.058   -0.245  1.00 31.32 ? 76  ILE A CG1   1 
ATOM   436  C CG2   . ILE A 1 59 ? 5.282   2.881   -1.061  1.00 27.92 ? 76  ILE A CG2   1 
ATOM   437  C CD1   . ILE A 1 59 ? 6.968   -0.069  0.722   1.00 32.73 ? 76  ILE A CD1   1 
ATOM   438  N N     . SER A 1 60 ? 3.699   4.010   1.693   1.00 26.28 ? 77  SER A N     1 
ATOM   439  C CA    . SER A 1 60 ? 2.835   5.186   1.633   1.00 28.71 ? 77  SER A CA    1 
ATOM   440  C C     . SER A 1 60 ? 3.144   6.232   2.704   1.00 24.62 ? 77  SER A C     1 
ATOM   441  O O     . SER A 1 60 ? 3.062   7.432   2.444   1.00 25.31 ? 77  SER A O     1 
ATOM   442  C CB    . SER A 1 60 ? 1.372   4.761   1.749   1.00 20.88 ? 77  SER A CB    1 
ATOM   443  O OG    . SER A 1 60 ? 0.971   3.984   0.635   1.00 21.47 ? 77  SER A OG    1 
ATOM   444  N N     . LEU A 1 61 ? 3.499   5.778   3.902   1.00 21.59 ? 78  LEU A N     1 
ATOM   445  C CA    . LEU A 1 61 ? 3.720   6.680   5.031   1.00 21.14 ? 78  LEU A CA    1 
ATOM   446  C C     . LEU A 1 61 ? 5.192   6.994   5.252   1.00 22.77 ? 78  LEU A C     1 
ATOM   447  O O     . LEU A 1 61 ? 5.551   7.661   6.220   1.00 17.79 ? 78  LEU A O     1 
ATOM   448  C CB    . LEU A 1 61 ? 3.120   6.099   6.311   1.00 22.55 ? 78  LEU A CB    1 
ATOM   449  C CG    . LEU A 1 61 ? 1.594   6.109   6.367   1.00 24.39 ? 78  LEU A CG    1 
ATOM   450  C CD1   . LEU A 1 61 ? 1.090   5.356   7.584   1.00 18.73 ? 78  LEU A CD1   1 
ATOM   451  C CD2   . LEU A 1 61 ? 1.088   7.549   6.367   1.00 18.51 ? 78  LEU A CD2   1 
ATOM   452  N N     . GLN A 1 62 ? 6.041   6.497   4.363   1.00 24.05 ? 79  GLN A N     1 
ATOM   453  C CA    . GLN A 1 62 ? 7.472   6.742   4.461   1.00 22.77 ? 79  GLN A CA    1 
ATOM   454  C C     . GLN A 1 62 ? 7.753   8.235   4.336   1.00 25.46 ? 79  GLN A C     1 
ATOM   455  O O     . GLN A 1 62 ? 7.461   8.852   3.311   1.00 27.37 ? 79  GLN A O     1 
ATOM   456  C CB    . GLN A 1 62 ? 8.232   5.961   3.388   1.00 26.61 ? 79  GLN A CB    1 
ATOM   457  C CG    . GLN A 1 62 ? 9.735   5.906   3.609   1.00 25.96 ? 79  GLN A CG    1 
ATOM   458  C CD    . GLN A 1 62 ? 10.106  5.086   4.832   1.00 28.39 ? 79  GLN A CD    1 
ATOM   459  O OE1   . GLN A 1 62 ? 10.302  5.625   5.922   1.00 25.00 ? 79  GLN A OE1   1 
ATOM   460  N NE2   . GLN A 1 62 ? 10.194  3.773   4.655   1.00 24.97 ? 79  GLN A NE2   1 
ATOM   461  N N     . GLY A 1 63 ? 8.320   8.813   5.389   1.00 26.30 ? 80  GLY A N     1 
ATOM   462  C CA    . GLY A 1 63 ? 8.615   10.231  5.400   1.00 20.13 ? 80  GLY A CA    1 
ATOM   463  C C     . GLY A 1 63 ? 7.389   11.070  5.696   1.00 25.45 ? 80  GLY A C     1 
ATOM   464  O O     . GLY A 1 63 ? 7.352   12.260  5.379   1.00 29.83 ? 80  GLY A O     1 
ATOM   465  N N     . PHE A 1 64 ? 6.374   10.445  6.293   1.00 27.69 ? 81  PHE A N     1 
ATOM   466  C CA    . PHE A 1 64 ? 5.139   11.151  6.613   1.00 23.68 ? 81  PHE A CA    1 
ATOM   467  C C     . PHE A 1 64 ? 5.411   12.269  7.598   1.00 25.47 ? 81  PHE A C     1 
ATOM   468  O O     . PHE A 1 64 ? 6.028   12.056  8.643   1.00 24.70 ? 81  PHE A O     1 
ATOM   469  C CB    . PHE A 1 64 ? 4.082   10.210  7.198   1.00 21.17 ? 81  PHE A CB    1 
ATOM   470  C CG    . PHE A 1 64 ? 2.833   10.916  7.665   1.00 17.96 ? 81  PHE A CG    1 
ATOM   471  C CD1   . PHE A 1 64 ? 1.840   11.270  6.767   1.00 25.20 ? 81  PHE A CD1   1 
ATOM   472  C CD2   . PHE A 1 64 ? 2.658   11.232  9.004   1.00 20.84 ? 81  PHE A CD2   1 
ATOM   473  C CE1   . PHE A 1 64 ? 0.693   11.918  7.195   1.00 24.48 ? 81  PHE A CE1   1 
ATOM   474  C CE2   . PHE A 1 64 ? 1.517   11.885  9.437   1.00 24.26 ? 81  PHE A CE2   1 
ATOM   475  C CZ    . PHE A 1 64 ? 0.533   12.225  8.533   1.00 25.73 ? 81  PHE A CZ    1 
ATOM   476  N N     . GLN A 1 65 ? 4.949   13.463  7.259   1.00 18.74 ? 82  GLN A N     1 
ATOM   477  C CA    . GLN A 1 65 ? 5.085   14.598  8.147   1.00 26.22 ? 82  GLN A CA    1 
ATOM   478  C C     . GLN A 1 65 ? 3.699   15.031  8.577   1.00 26.59 ? 82  GLN A C     1 
ATOM   479  O O     . GLN A 1 65 ? 2.821   15.253  7.740   1.00 26.96 ? 82  GLN A O     1 
ATOM   480  C CB    . GLN A 1 65 ? 5.822   15.752  7.472   1.00 19.88 ? 82  GLN A CB    1 
ATOM   481  C CG    . GLN A 1 65 ? 7.333   15.625  7.518   1.00 24.88 ? 82  GLN A CG    1 
ATOM   482  C CD    . GLN A 1 65 ? 8.034   16.925  7.187   1.00 30.29 ? 82  GLN A CD    1 
ATOM   483  O OE1   . GLN A 1 65 ? 7.534   17.731  6.401   1.00 36.62 ? 82  GLN A OE1   1 
ATOM   484  N NE2   . GLN A 1 65 ? 9.204   17.134  7.781   1.00 31.98 ? 82  GLN A NE2   1 
ATOM   485  N N     . THR A 1 67 ? 4.734   15.040  13.490  1.00 37.38 ? 84  THR A N     1 
ATOM   486  C CA    . THR A 1 67 ? 4.905   14.188  14.663  1.00 38.70 ? 84  THR A CA    1 
ATOM   487  C C     . THR A 1 67 ? 6.365   13.750  14.812  1.00 31.92 ? 84  THR A C     1 
ATOM   488  O O     . THR A 1 67 ? 6.662   12.780  15.505  1.00 30.13 ? 84  THR A O     1 
ATOM   489  C CB    . THR A 1 67 ? 3.985   12.954  14.587  1.00 40.07 ? 84  THR A CB    1 
ATOM   490  O OG1   . THR A 1 67 ? 4.125   12.332  13.303  1.00 39.23 ? 84  THR A OG1   1 
ATOM   491  C CG2   . THR A 1 67 ? 2.531   13.366  14.779  1.00 32.33 ? 84  THR A CG2   1 
ATOM   492  N N     . ALA A 1 68 ? 7.263   14.465  14.137  1.00 35.14 ? 85  ALA A N     1 
ATOM   493  C CA    . ALA A 1 68 ? 8.680   14.087  14.052  1.00 35.36 ? 85  ALA A CA    1 
ATOM   494  C C     . ALA A 1 68 ? 9.667   14.996  14.797  1.00 42.70 ? 85  ALA A C     1 
ATOM   495  O O     . ALA A 1 68 ? 9.306   16.092  15.233  1.00 45.44 ? 85  ALA A O     1 
ATOM   496  C CB    . ALA A 1 68 ? 9.088   14.018  12.590  1.00 26.43 ? 85  ALA A CB    1 
ATOM   497  N N     . ASN A 1 69 ? 10.914  14.537  14.937  1.00 42.52 ? 86  ASN A N     1 
ATOM   498  C CA    . ASN A 1 69 ? 11.987  15.391  15.459  1.00 42.03 ? 86  ASN A CA    1 
ATOM   499  C C     . ASN A 1 69 ? 12.881  15.834  14.291  1.00 46.75 ? 86  ASN A C     1 
ATOM   500  O O     . ASN A 1 69 ? 12.984  17.019  14.020  1.00 57.92 ? 86  ASN A O     1 
ATOM   501  C CB    . ASN A 1 69 ? 12.789  14.710  16.590  1.00 43.86 ? 86  ASN A CB    1 
ATOM   502  C CG    . ASN A 1 69 ? 13.032  13.244  16.343  1.00 48.07 ? 86  ASN A CG    1 
ATOM   503  O OD1   . ASN A 1 69 ? 13.649  12.862  15.349  1.00 50.15 ? 86  ASN A OD1   1 
ATOM   504  N ND2   . ASN A 1 69 ? 12.494  12.409  17.213  1.00 52.71 ? 86  ASN A ND2   1 
ATOM   505  N N     A ASP A 1 70 ? 13.535  14.882  13.617  1.00 45.58 ? 87  ASP A N     1 
ATOM   506  C CA    A ASP A 1 70 ? 14.502  15.191  12.559  1.00 38.14 ? 87  ASP A CA    1 
ATOM   507  C C     A ASP A 1 70 ? 13.795  15.519  11.232  1.00 37.40 ? 87  ASP A C     1 
ATOM   508  O O     A ASP A 1 70 ? 12.585  15.317  11.099  1.00 35.55 ? 87  ASP A O     1 
ATOM   509  C CB    A ASP A 1 70 ? 15.486  14.033  12.355  1.00 40.64 ? 87  ASP A CB    1 
ATOM   510  C CG    A ASP A 1 70 ? 16.317  13.755  13.589  1.00 41.40 ? 87  ASP A CG    1 
ATOM   511  O OD1   A ASP A 1 70 ? 16.365  14.625  14.485  1.00 48.92 ? 87  ASP A OD1   1 
ATOM   512  O OD2   A ASP A 1 70 ? 16.934  12.675  13.663  1.00 36.80 ? 87  ASP A OD2   1 
ATOM   513  N N     . ARG A 1 71 ? 14.548  16.049  10.269  1.00 32.66 ? 88  ARG A N     1 
ATOM   514  C CA    . ARG A 1 71 ? 14.020  16.334  8.932   1.00 29.91 ? 88  ARG A CA    1 
ATOM   515  C C     . ARG A 1 71 ? 13.904  15.028  8.158   1.00 32.15 ? 88  ARG A C     1 
ATOM   516  O O     . ARG A 1 71 ? 14.669  14.098  8.397   1.00 33.02 ? 88  ARG A O     1 
ATOM   517  C CB    . ARG A 1 71 ? 14.935  17.301  8.174   1.00 37.20 ? 88  ARG A CB    1 
ATOM   518  C CG    . ARG A 1 71 ? 14.471  18.746  8.146   1.00 42.85 ? 88  ARG A CG    1 
ATOM   519  C CD    . ARG A 1 71 ? 15.660  19.704  8.174   1.00 43.27 ? 88  ARG A CD    1 
ATOM   520  N NE    . ARG A 1 71 ? 16.244  19.903  6.848   1.00 55.50 ? 88  ARG A NE    1 
ATOM   521  C CZ    . ARG A 1 71 ? 17.404  20.516  6.626   1.00 51.23 ? 88  ARG A CZ    1 
ATOM   522  N NH1   . ARG A 1 71 ? 17.861  20.654  5.387   1.00 50.39 ? 88  ARG A NH1   1 
ATOM   523  N NH2   . ARG A 1 71 ? 18.106  20.998  7.642   1.00 45.26 ? 88  ARG A NH2   1 
ATOM   524  N N     . GLY A 1 72 ? 12.964  14.939  7.227   1.00 27.85 ? 89  GLY A N     1 
ATOM   525  C CA    . GLY A 1 72 ? 12.768  13.665  6.565   1.00 27.71 ? 89  GLY A CA    1 
ATOM   526  C C     . GLY A 1 72 ? 11.412  13.054  6.849   1.00 25.23 ? 89  GLY A C     1 
ATOM   527  O O     . GLY A 1 72 ? 10.908  12.258  6.057   1.00 27.31 ? 89  GLY A O     1 
ATOM   528  N N     . GLY A 1 73 ? 10.826  13.408  7.989   1.00 23.29 ? 90  GLY A N     1 
ATOM   529  C CA    . GLY A 1 73 ? 9.529   12.878  8.361   1.00 24.82 ? 90  GLY A CA    1 
ATOM   530  C C     . GLY A 1 73 ? 9.720   11.516  8.990   1.00 27.98 ? 90  GLY A C     1 
ATOM   531  O O     . GLY A 1 73 ? 10.833  11.166  9.371   1.00 26.76 ? 90  GLY A O     1 
ATOM   532  N N     . LEU A 1 74 ? 8.651   10.735  9.071   1.00 26.34 ? 91  LEU A N     1 
ATOM   533  C CA    . LEU A 1 74 ? 8.708   9.439   9.737   1.00 25.91 ? 91  LEU A CA    1 
ATOM   534  C C     . LEU A 1 74 ? 9.635   8.461   9.021   1.00 25.21 ? 91  LEU A C     1 
ATOM   535  O O     . LEU A 1 74 ? 9.615   8.361   7.796   1.00 25.71 ? 91  LEU A O     1 
ATOM   536  C CB    . LEU A 1 74 ? 7.307   8.836   9.834   1.00 24.54 ? 91  LEU A CB    1 
ATOM   537  C CG    . LEU A 1 74 ? 6.310   9.521   10.768  1.00 24.08 ? 91  LEU A CG    1 
ATOM   538  C CD1   . LEU A 1 74 ? 5.015   8.726   10.829  1.00 25.53 ? 91  LEU A CD1   1 
ATOM   539  C CD2   . LEU A 1 74 ? 6.899   9.723   12.160  1.00 23.35 ? 91  LEU A CD2   1 
ATOM   540  N N     . ARG A 1 75 ? 10.445  7.740   9.791   1.00 24.86 ? 92  ARG A N     1 
ATOM   541  C CA    . ARG A 1 75 ? 11.290  6.694   9.225   1.00 27.13 ? 92  ARG A CA    1 
ATOM   542  C C     . ARG A 1 75 ? 10.756  5.326   9.633   1.00 25.76 ? 92  ARG A C     1 
ATOM   543  O O     . ARG A 1 75 ? 10.759  4.966   10.810  1.00 24.24 ? 92  ARG A O     1 
ATOM   544  C CB    . ARG A 1 75 ? 12.749  6.856   9.663   1.00 28.36 ? 92  ARG A CB    1 
ATOM   545  C CG    . ARG A 1 75 ? 13.419  8.113   9.131   1.00 25.72 ? 92  ARG A CG    1 
ATOM   546  C CD    . ARG A 1 75 ? 14.886  8.201   9.542   1.00 21.13 ? 92  ARG A CD    1 
ATOM   547  N NE    . ARG A 1 75 ? 15.086  8.067   10.983  1.00 23.06 ? 92  ARG A NE    1 
ATOM   548  C CZ    . ARG A 1 75 ? 15.116  9.090   11.831  1.00 23.39 ? 92  ARG A CZ    1 
ATOM   549  N NH1   . ARG A 1 75 ? 14.966  10.330  11.387  1.00 31.28 ? 92  ARG A NH1   1 
ATOM   550  N NH2   . ARG A 1 75 ? 15.314  8.875   13.124  1.00 21.51 ? 92  ARG A NH2   1 
ATOM   551  N N     . ILE A 1 76 ? 10.299  4.567   8.641   1.00 23.95 ? 93  ILE A N     1 
ATOM   552  C CA    . ILE A 1 76 ? 9.656   3.285   8.892   1.00 22.45 ? 93  ILE A CA    1 
ATOM   553  C C     . ILE A 1 76 ? 10.427  2.105   8.308   1.00 26.55 ? 93  ILE A C     1 
ATOM   554  O O     . ILE A 1 76 ? 10.867  2.142   7.159   1.00 26.51 ? 93  ILE A O     1 
ATOM   555  C CB    . ILE A 1 76 ? 8.225   3.266   8.317   1.00 23.38 ? 93  ILE A CB    1 
ATOM   556  C CG1   . ILE A 1 76 ? 7.455   4.516   8.754   1.00 24.28 ? 93  ILE A CG1   1 
ATOM   557  C CG2   . ILE A 1 76 ? 7.491   2.000   8.737   1.00 21.70 ? 93  ILE A CG2   1 
ATOM   558  C CD1   . ILE A 1 76 ? 6.029   4.566   8.241   1.00 18.90 ? 93  ILE A CD1   1 
ATOM   559  N N     . GLU A 1 77 ? 10.584  1.059   9.115   1.00 21.20 ? 94  GLU A N     1 
ATOM   560  C CA    . GLU A 1 77 ? 11.202  -0.186  8.673   1.00 23.84 ? 94  GLU A CA    1 
ATOM   561  C C     . GLU A 1 77 ? 10.312  -1.363  9.042   1.00 24.58 ? 94  GLU A C     1 
ATOM   562  O O     . GLU A 1 77 ? 9.385   -1.222  9.839   1.00 19.35 ? 94  GLU A O     1 
ATOM   563  C CB    . GLU A 1 77 ? 12.582  -0.373  9.305   1.00 20.75 ? 94  GLU A CB    1 
ATOM   564  C CG    . GLU A 1 77 ? 13.540  0.781   9.115   1.00 22.94 ? 94  GLU A CG    1 
ATOM   565  C CD    . GLU A 1 77 ? 14.826  0.587   9.891   1.00 27.57 ? 94  GLU A CD    1 
ATOM   566  O OE1   . GLU A 1 77 ? 14.971  -0.465  10.553  1.00 28.52 ? 94  GLU A OE1   1 
ATOM   567  O OE2   . GLU A 1 77 ? 15.691  1.487   9.845   1.00 25.24 ? 94  GLU A OE2   1 
ATOM   568  N N     . TYR A 1 78 ? 10.593  -2.525  8.461   1.00 24.25 ? 95  TYR A N     1 
ATOM   569  C CA    . TYR A 1 78 ? 10.014  -3.763  8.963   1.00 25.42 ? 95  TYR A CA    1 
ATOM   570  C C     . TYR A 1 78 ? 10.593  -4.028  10.347  1.00 28.71 ? 95  TYR A C     1 
ATOM   571  O O     . TYR A 1 78 ? 11.802  -3.900  10.549  1.00 31.94 ? 95  TYR A O     1 
ATOM   572  C CB    . TYR A 1 78 ? 10.309  -4.948  8.038   1.00 26.79 ? 95  TYR A CB    1 
ATOM   573  C CG    . TYR A 1 78 ? 9.615   -4.917  6.693   1.00 28.57 ? 95  TYR A CG    1 
ATOM   574  C CD1   . TYR A 1 78 ? 8.236   -5.057  6.592   1.00 27.02 ? 95  TYR A CD1   1 
ATOM   575  C CD2   . TYR A 1 78 ? 10.348  -4.796  5.519   1.00 29.05 ? 95  TYR A CD2   1 
ATOM   576  C CE1   . TYR A 1 78 ? 7.605   -5.043  5.360   1.00 27.34 ? 95  TYR A CE1   1 
ATOM   577  C CE2   . TYR A 1 78 ? 9.728   -4.786  4.286   1.00 22.26 ? 95  TYR A CE2   1 
ATOM   578  C CZ    . TYR A 1 78 ? 8.357   -4.909  4.210   1.00 28.55 ? 95  TYR A CZ    1 
ATOM   579  O OH    . TYR A 1 78 ? 7.738   -4.898  2.982   1.00 26.82 ? 95  TYR A OH    1 
ATOM   580  N N     . ALA A 1 79 ? 9.742   -4.398  11.299  1.00 27.29 ? 96  ALA A N     1 
ATOM   581  C CA    . ALA A 1 79 ? 10.225  -4.762  12.627  1.00 27.80 ? 96  ALA A CA    1 
ATOM   582  C C     . ALA A 1 79 ? 10.999  -6.070  12.541  1.00 27.88 ? 96  ALA A C     1 
ATOM   583  O O     . ALA A 1 79 ? 10.730  -6.902  11.674  1.00 30.70 ? 96  ALA A O     1 
ATOM   584  C CB    . ALA A 1 79 ? 9.072   -4.880  13.610  1.00 26.42 ? 96  ALA A CB    1 
ATOM   585  N N     . ARG A 1 80 ? 11.961  -6.255  13.437  1.00 31.05 ? 97  ARG A N     1 
ATOM   586  C CA    . ARG A 1 80 ? 12.792  -7.452  13.406  1.00 34.64 ? 97  ARG A CA    1 
ATOM   587  C C     . ARG A 1 80 ? 11.999  -8.654  13.896  1.00 32.09 ? 97  ARG A C     1 
ATOM   588  O O     . ARG A 1 80 ? 12.240  -9.788  13.481  1.00 37.18 ? 97  ARG A O     1 
ATOM   589  C CB    . ARG A 1 80 ? 14.058  -7.257  14.241  1.00 25.83 ? 97  ARG A CB    1 
ATOM   590  C CG    . ARG A 1 80 ? 15.008  -6.215  13.672  1.00 27.05 ? 97  ARG A CG    1 
ATOM   591  C CD    . ARG A 1 80 ? 16.327  -6.191  14.427  1.00 23.29 ? 97  ARG A CD    1 
ATOM   592  N NE    . ARG A 1 80 ? 17.156  -5.052  14.044  1.00 30.87 ? 97  ARG A NE    1 
ATOM   593  C CZ    . ARG A 1 80 ? 17.320  -3.966  14.791  1.00 29.21 ? 97  ARG A CZ    1 
ATOM   594  N NH1   . ARG A 1 80 ? 16.709  -3.869  15.965  1.00 25.16 ? 97  ARG A NH1   1 
ATOM   595  N NH2   . ARG A 1 80 ? 18.091  -2.976  14.365  1.00 39.13 ? 97  ARG A NH2   1 
ATOM   596  N N     . ASN A 1 81 ? 11.048  -8.391  14.782  1.00 25.99 ? 98  ASN A N     1 
ATOM   597  C CA    . ASN A 1 81 ? 10.212  -9.442  15.332  1.00 30.75 ? 98  ASN A CA    1 
ATOM   598  C C     . ASN A 1 81 ? 8.747   -9.047  15.247  1.00 34.73 ? 98  ASN A C     1 
ATOM   599  O O     . ASN A 1 81 ? 8.416   -7.861  15.249  1.00 31.12 ? 98  ASN A O     1 
ATOM   600  C CB    . ASN A 1 81 ? 10.592  -9.731  16.785  1.00 28.12 ? 98  ASN A CB    1 
ATOM   601  C CG    . ASN A 1 81 ? 12.054  -10.090 16.945  1.00 32.76 ? 98  ASN A CG    1 
ATOM   602  O OD1   . ASN A 1 81 ? 12.869  -9.247  17.318  1.00 32.13 ? 98  ASN A OD1   1 
ATOM   603  N ND2   . ASN A 1 81 ? 12.393  -11.342 16.666  1.00 34.22 ? 98  ASN A ND2   1 
ATOM   604  N N     . LYS A 1 82 ? 7.872   -10.040 15.149  1.00 35.57 ? 99  LYS A N     1 
ATOM   605  C CA    . LYS A 1 82 ? 6.442   -9.785  15.165  1.00 37.88 ? 99  LYS A CA    1 
ATOM   606  C C     . LYS A 1 82 ? 6.018   -9.263  16.525  1.00 35.57 ? 99  LYS A C     1 
ATOM   607  O O     . LYS A 1 82 ? 6.658   -9.546  17.536  1.00 33.37 ? 99  LYS A O     1 
ATOM   608  C CB    . LYS A 1 82 ? 5.659   -11.050 14.812  1.00 38.59 ? 99  LYS A CB    1 
ATOM   609  C CG    . LYS A 1 82 ? 6.021   -11.634 13.460  1.00 46.15 ? 99  LYS A CG    1 
ATOM   610  C CD    . LYS A 1 82 ? 5.076   -12.758 13.080  1.00 49.01 ? 99  LYS A CD    1 
ATOM   611  C CE    . LYS A 1 82 ? 5.072   -12.971 11.579  1.00 56.46 ? 99  LYS A CE    1 
ATOM   612  N NZ    . LYS A 1 82 ? 6.433   -12.821 10.991  1.00 60.22 ? 99  LYS A NZ    1 
ATOM   613  N N     . MET A 1 83 ? 4.926   -8.511  16.544  1.00 34.21 ? 100 MET A N     1 
ATOM   614  C CA    . MET A 1 83 ? 4.338   -8.082  17.799  1.00 39.92 ? 100 MET A CA    1 
ATOM   615  C C     . MET A 1 83 ? 3.770   -9.310  18.495  1.00 39.72 ? 100 MET A C     1 
ATOM   616  O O     . MET A 1 83 ? 3.113   -10.136 17.860  1.00 40.74 ? 100 MET A O     1 
ATOM   617  C CB    . MET A 1 83 ? 3.258   -7.031  17.555  1.00 33.90 ? 100 MET A CB    1 
ATOM   618  C CG    . MET A 1 83 ? 2.678   -6.399  18.805  1.00 35.80 ? 100 MET A CG    1 
ATOM   619  S SD    . MET A 1 83 ? 1.480   -5.123  18.377  1.00 37.27 ? 100 MET A SD    1 
ATOM   620  C CE    . MET A 1 83 ? 2.523   -3.983  17.468  1.00 30.14 ? 100 MET A CE    1 
ATOM   621  N N     . ALA A 1 84 ? 4.043   -9.432  19.791  1.00 40.35 ? 101 ALA A N     1 
ATOM   622  C CA    . ALA A 1 84 ? 3.621   -10.589 20.576  1.00 46.05 ? 101 ALA A CA    1 
ATOM   623  C C     . ALA A 1 84 ? 2.121   -10.834 20.466  1.00 44.60 ? 101 ALA A C     1 
ATOM   624  O O     . ALA A 1 84 ? 1.343   -9.896  20.291  1.00 41.68 ? 101 ALA A O     1 
ATOM   625  C CB    . ALA A 1 84 ? 4.022   -10.410 22.033  1.00 37.94 ? 101 ALA A CB    1 
ATOM   626  N N     . ASP A 1 85 ? 1.721   -12.100 20.559  1.00 50.08 ? 102 ASP A N     1 
ATOM   627  C CA    . ASP A 1 85 ? 0.309   -12.474 20.474  1.00 52.22 ? 102 ASP A CA    1 
ATOM   628  C C     . ASP A 1 85 ? -0.506  -11.835 21.602  1.00 56.29 ? 102 ASP A C     1 
ATOM   629  O O     . ASP A 1 85 ? 0.063   -11.165 22.470  1.00 57.53 ? 102 ASP A O     1 
ATOM   630  C CB    . ASP A 1 85 ? 0.153   -13.997 20.490  1.00 50.41 ? 102 ASP A CB    1 
ATOM   631  C CG    . ASP A 1 85 ? 0.529   -14.635 19.161  1.00 58.35 ? 102 ASP A CG    1 
ATOM   632  O OD1   . ASP A 1 85 ? 0.810   -13.890 18.196  1.00 56.76 ? 102 ASP A OD1   1 
ATOM   633  O OD2   . ASP A 1 85 ? 0.535   -15.882 19.076  1.00 55.87 ? 102 ASP A OD2   1 
ATOM   634  N N     . VAL A 1 86 ? -1.822  -12.063 21.581  1.00 62.16 ? 103 VAL A N     1 
ATOM   635  C CA    . VAL A 1 86 ? -2.814  -11.318 22.373  1.00 57.63 ? 103 VAL A CA    1 
ATOM   636  C C     . VAL A 1 86 ? -2.969  -9.892  21.854  1.00 57.91 ? 103 VAL A C     1 
ATOM   637  O O     . VAL A 1 86 ? -3.383  -9.677  20.714  1.00 58.91 ? 103 VAL A O     1 
ATOM   638  C CB    . VAL A 1 86 ? -2.471  -11.256 23.877  1.00 58.47 ? 103 VAL A CB    1 
ATOM   639  C CG1   . VAL A 1 86 ? -3.593  -10.561 24.651  1.00 64.65 ? 103 VAL A CG1   1 
ATOM   640  C CG2   . VAL A 1 86 ? -2.185  -12.643 24.414  1.00 63.80 ? 103 VAL A CG2   1 
ATOM   641  N N     . SER B 1 1  ? 13.649  -3.219  -14.845 1.00 54.49 ? 18  SER B N     1 
ATOM   642  C CA    . SER B 1 1  ? 14.594  -3.360  -13.743 1.00 62.72 ? 18  SER B CA    1 
ATOM   643  C C     . SER B 1 1  ? 13.905  -3.955  -12.517 1.00 61.05 ? 18  SER B C     1 
ATOM   644  O O     . SER B 1 1  ? 13.698  -5.166  -12.437 1.00 66.19 ? 18  SER B O     1 
ATOM   645  C CB    . SER B 1 1  ? 15.222  -2.005  -13.400 1.00 61.87 ? 18  SER B CB    1 
ATOM   646  O OG    . SER B 1 1  ? 16.501  -2.162  -12.811 1.00 67.12 ? 18  SER B OG    1 
ATOM   647  N N     . ALA B 1 2  ? 13.545  -3.097  -11.568 1.00 62.10 ? 19  ALA B N     1 
ATOM   648  C CA    . ALA B 1 2  ? 12.814  -3.523  -10.378 1.00 57.34 ? 19  ALA B CA    1 
ATOM   649  C C     . ALA B 1 2  ? 11.331  -3.192  -10.525 1.00 51.42 ? 19  ALA B C     1 
ATOM   650  O O     . ALA B 1 2  ? 10.762  -2.465  -9.710  1.00 46.03 ? 19  ALA B O     1 
ATOM   651  C CB    . ALA B 1 2  ? 13.392  -2.865  -9.130  1.00 51.94 ? 19  ALA B CB    1 
ATOM   652  N N     . ALA B 1 3  ? 10.717  -3.723  -11.578 1.00 45.26 ? 20  ALA B N     1 
ATOM   653  C CA    . ALA B 1 3  ? 9.314   -3.456  -11.871 1.00 41.24 ? 20  ALA B CA    1 
ATOM   654  C C     . ALA B 1 3  ? 8.353   -4.246  -10.983 1.00 40.95 ? 20  ALA B C     1 
ATOM   655  O O     . ALA B 1 3  ? 8.508   -5.454  -10.796 1.00 40.45 ? 20  ALA B O     1 
ATOM   656  C CB    . ALA B 1 3  ? 9.029   -3.749  -13.335 1.00 39.68 ? 20  ALA B CB    1 
ATOM   657  N N     . SER B 1 4  ? 7.360   -3.550  -10.437 1.00 35.81 ? 21  SER B N     1 
ATOM   658  C CA    . SER B 1 4  ? 6.342   -4.173  -9.598  1.00 34.83 ? 21  SER B CA    1 
ATOM   659  C C     . SER B 1 4  ? 4.994   -4.166  -10.315 1.00 34.28 ? 21  SER B C     1 
ATOM   660  O O     . SER B 1 4  ? 4.547   -3.124  -10.795 1.00 32.15 ? 21  SER B O     1 
ATOM   661  C CB    . SER B 1 4  ? 6.233   -3.452  -8.258  1.00 28.96 ? 21  SER B CB    1 
ATOM   662  O OG    . SER B 1 4  ? 6.173   -2.053  -8.453  1.00 36.43 ? 21  SER B OG    1 
ATOM   663  N N     . THR B 1 5  ? 4.355   -5.329  -10.387 1.00 35.14 ? 22  THR B N     1 
ATOM   664  C CA    . THR B 1 5  ? 3.090   -5.473  -11.103 1.00 32.87 ? 22  THR B CA    1 
ATOM   665  C C     . THR B 1 5  ? 1.898   -5.504  -10.148 1.00 32.13 ? 22  THR B C     1 
ATOM   666  O O     . THR B 1 5  ? 1.967   -6.107  -9.076  1.00 32.87 ? 22  THR B O     1 
ATOM   667  C CB    . THR B 1 5  ? 3.086   -6.755  -11.969 1.00 36.02 ? 22  THR B CB    1 
ATOM   668  O OG1   . THR B 1 5  ? 4.155   -6.697  -12.921 1.00 38.01 ? 22  THR B OG1   1 
ATOM   669  C CG2   . THR B 1 5  ? 1.766   -6.907  -12.717 1.00 33.53 ? 22  THR B CG2   1 
ATOM   670  N N     . LEU B 1 6  ? 0.806   -4.855  -10.541 1.00 30.35 ? 23  LEU B N     1 
ATOM   671  C CA    . LEU B 1 6  ? -0.420  -4.875  -9.751  1.00 28.77 ? 23  LEU B CA    1 
ATOM   672  C C     . LEU B 1 6  ? -1.467  -5.792  -10.369 1.00 26.18 ? 23  LEU B C     1 
ATOM   673  O O     . LEU B 1 6  ? -1.500  -5.985  -11.584 1.00 25.55 ? 23  LEU B O     1 
ATOM   674  C CB    . LEU B 1 6  ? -1.002  -3.468  -9.618  1.00 24.15 ? 23  LEU B CB    1 
ATOM   675  C CG    . LEU B 1 6  ? -0.203  -2.393  -8.886  1.00 24.03 ? 23  LEU B CG    1 
ATOM   676  C CD1   . LEU B 1 6  ? -0.915  -1.055  -9.014  1.00 24.98 ? 23  LEU B CD1   1 
ATOM   677  C CD2   . LEU B 1 6  ? -0.022  -2.766  -7.426  1.00 21.34 ? 23  LEU B CD2   1 
ATOM   678  N N     . PHE B 1 7  ? -2.325  -6.348  -9.520  1.00 21.80 ? 24  PHE B N     1 
ATOM   679  C CA    . PHE B 1 7  ? -3.460  -7.135  -9.979  1.00 22.47 ? 24  PHE B CA    1 
ATOM   680  C C     . PHE B 1 7  ? -4.736  -6.324  -9.798  1.00 21.76 ? 24  PHE B C     1 
ATOM   681  O O     . PHE B 1 7  ? -4.994  -5.803  -8.716  1.00 22.95 ? 24  PHE B O     1 
ATOM   682  C CB    . PHE B 1 7  ? -3.544  -8.459  -9.213  1.00 24.97 ? 24  PHE B CB    1 
ATOM   683  C CG    . PHE B 1 7  ? -4.832  -9.204  -9.423  1.00 23.75 ? 24  PHE B CG    1 
ATOM   684  C CD1   . PHE B 1 7  ? -5.023  -9.980  -10.553 1.00 22.48 ? 24  PHE B CD1   1 
ATOM   685  C CD2   . PHE B 1 7  ? -5.848  -9.138  -8.483  1.00 21.81 ? 24  PHE B CD2   1 
ATOM   686  C CE1   . PHE B 1 7  ? -6.205  -10.672 -10.748 1.00 25.78 ? 24  PHE B CE1   1 
ATOM   687  C CE2   . PHE B 1 7  ? -7.033  -9.827  -8.671  1.00 19.44 ? 24  PHE B CE2   1 
ATOM   688  C CZ    . PHE B 1 7  ? -7.211  -10.595 -9.806  1.00 23.72 ? 24  PHE B CZ    1 
ATOM   689  N N     . VAL B 1 8  ? -5.531  -6.213  -10.855 1.00 21.07 ? 25  VAL B N     1 
ATOM   690  C CA    . VAL B 1 8  ? -6.763  -5.434  -10.791 1.00 19.55 ? 25  VAL B CA    1 
ATOM   691  C C     . VAL B 1 8  ? -7.979  -6.288  -11.131 1.00 19.92 ? 25  VAL B C     1 
ATOM   692  O O     . VAL B 1 8  ? -8.042  -6.892  -12.201 1.00 23.78 ? 25  VAL B O     1 
ATOM   693  C CB    . VAL B 1 8  ? -6.716  -4.223  -11.741 1.00 21.39 ? 25  VAL B CB    1 
ATOM   694  C CG1   . VAL B 1 8  ? -7.985  -3.401  -11.615 1.00 26.70 ? 25  VAL B CG1   1 
ATOM   695  C CG2   . VAL B 1 8  ? -5.486  -3.372  -11.460 1.00 21.45 ? 25  VAL B CG2   1 
ATOM   696  N N     . ALA B 1 9  ? -8.947  -6.333  -10.221 1.00 19.35 ? 26  ALA B N     1 
ATOM   697  C CA    . ALA B 1 9  ? -10.159 -7.110  -10.450 1.00 21.97 ? 26  ALA B CA    1 
ATOM   698  C C     . ALA B 1 9  ? -11.394 -6.215  -10.504 1.00 22.72 ? 26  ALA B C     1 
ATOM   699  O O     . ALA B 1 9  ? -11.304 -5.009  -10.277 1.00 18.78 ? 26  ALA B O     1 
ATOM   700  C CB    . ALA B 1 9  ? -10.317 -8.166  -9.368  1.00 24.07 ? 26  ALA B CB    1 
ATOM   701  N N     . ASN B 1 10 ? -12.540 -6.799  -10.835 1.00 25.07 ? 27  ASN B N     1 
ATOM   702  C CA    . ASN B 1 10 ? -13.791 -6.078  -11.016 1.00 31.01 ? 27  ASN B CA    1 
ATOM   703  C C     . ASN B 1 10 ? -13.654 -5.091  -12.149 1.00 27.24 ? 27  ASN B C     1 
ATOM   704  O O     . ASN B 1 10 ? -13.966 -3.953  -12.053 1.00 24.79 ? 27  ASN B O     1 
ATOM   705  C CB    . ASN B 1 10 ? -14.301 -5.385  -9.748  1.00 28.67 ? 27  ASN B CB    1 
ATOM   706  C CG    . ASN B 1 10 ? -15.777 -5.070  -9.809  1.00 29.72 ? 27  ASN B CG    1 
ATOM   707  O OD1   . ASN B 1 10 ? -16.472 -5.618  -10.595 1.00 26.00 ? 27  ASN B OD1   1 
ATOM   708  N ND2   . ASN B 1 10 ? -16.224 -4.171  -8.995  1.00 27.99 ? 27  ASN B ND2   1 
ATOM   709  N N     . LEU B 1 11 ? -13.162 -5.586  -13.233 1.00 28.89 ? 28  LEU B N     1 
ATOM   710  C CA    . LEU B 1 11 ? -12.960 -4.755  -14.409 1.00 31.40 ? 28  LEU B CA    1 
ATOM   711  C C     . LEU B 1 11 ? -13.985 -5.165  -15.454 1.00 36.68 ? 28  LEU B C     1 
ATOM   712  O O     . LEU B 1 11 ? -14.216 -6.358  -15.656 1.00 44.73 ? 28  LEU B O     1 
ATOM   713  C CB    . LEU B 1 11 ? -11.534 -4.925  -14.932 1.00 34.83 ? 28  LEU B CB    1 
ATOM   714  C CG    . LEU B 1 11 ? -10.854 -3.821  -15.737 1.00 31.52 ? 28  LEU B CG    1 
ATOM   715  C CD1   . LEU B 1 11 ? -10.723 -2.551  -14.920 1.00 28.28 ? 28  LEU B CD1   1 
ATOM   716  C CD2   . LEU B 1 11 ? -9.489  -4.318  -16.160 1.00 41.39 ? 28  LEU B CD2   1 
ATOM   717  N N     . SER B 1 12 ? -14.603 -4.197  -16.124 1.00 35.94 ? 29  SER B N     1 
ATOM   718  C CA    . SER B 1 12 ? -15.607 -4.539  -17.125 1.00 39.93 ? 29  SER B CA    1 
ATOM   719  C C     . SER B 1 12 ? -14.958 -5.186  -18.338 1.00 38.94 ? 29  SER B C     1 
ATOM   720  O O     . SER B 1 12 ? -13.795 -4.928  -18.645 1.00 39.50 ? 29  SER B O     1 
ATOM   721  C CB    . SER B 1 12 ? -16.398 -3.300  -17.550 1.00 39.09 ? 29  SER B CB    1 
ATOM   722  O OG    . SER B 1 12 ? -15.582 -2.379  -18.249 1.00 35.90 ? 29  SER B OG    1 
ATOM   723  N N     . ALA B 1 13 ? -15.718 -6.038  -19.017 1.00 38.99 ? 30  ALA B N     1 
ATOM   724  C CA    . ALA B 1 13 ? -15.214 -6.747  -20.183 1.00 45.10 ? 30  ALA B CA    1 
ATOM   725  C C     . ALA B 1 13 ? -15.404 -5.928  -21.453 1.00 44.14 ? 30  ALA B C     1 
ATOM   726  O O     . ALA B 1 13 ? -14.913 -6.297  -22.520 1.00 53.88 ? 30  ALA B O     1 
ATOM   727  C CB    . ALA B 1 13 ? -15.899 -8.096  -20.315 1.00 48.36 ? 30  ALA B CB    1 
ATOM   728  N N     . GLU B 1 14 ? -16.117 -4.812  -21.330 1.00 38.86 ? 31  GLU B N     1 
ATOM   729  C CA    . GLU B 1 14 ? -16.458 -3.990  -22.486 1.00 38.15 ? 31  GLU B CA    1 
ATOM   730  C C     . GLU B 1 14 ? -15.581 -2.746  -22.618 1.00 38.66 ? 31  GLU B C     1 
ATOM   731  O O     . GLU B 1 14 ? -15.679 -2.016  -23.604 1.00 45.93 ? 31  GLU B O     1 
ATOM   732  C CB    . GLU B 1 14 ? -17.930 -3.577  -22.418 1.00 35.43 ? 31  GLU B CB    1 
ATOM   733  N N     . VAL B 1 15 ? -14.728 -2.508  -21.627 1.00 36.26 ? 32  VAL B N     1 
ATOM   734  C CA    . VAL B 1 15 ? -13.869 -1.328  -21.633 1.00 38.10 ? 32  VAL B CA    1 
ATOM   735  C C     . VAL B 1 15 ? -12.800 -1.465  -22.712 1.00 33.02 ? 32  VAL B C     1 
ATOM   736  O O     . VAL B 1 15 ? -12.225 -2.539  -22.896 1.00 35.32 ? 32  VAL B O     1 
ATOM   737  C CB    . VAL B 1 15 ? -13.206 -1.089  -20.252 1.00 37.17 ? 32  VAL B CB    1 
ATOM   738  C CG1   . VAL B 1 15 ? -12.344 -2.276  -19.842 1.00 32.94 ? 32  VAL B CG1   1 
ATOM   739  C CG2   . VAL B 1 15 ? -12.387 0.195   -20.263 1.00 34.88 ? 32  VAL B CG2   1 
ATOM   740  N N     . ASN B 1 16 ? -12.549 -0.386  -23.445 1.00 38.54 ? 33  ASN B N     1 
ATOM   741  C CA    . ASN B 1 16 ? -11.507 -0.421  -24.455 1.00 33.30 ? 33  ASN B CA    1 
ATOM   742  C C     . ASN B 1 16 ? -10.160 -0.529  -23.751 1.00 35.18 ? 33  ASN B C     1 
ATOM   743  O O     . ASN B 1 16 ? -9.991  -0.019  -22.642 1.00 33.62 ? 33  ASN B O     1 
ATOM   744  C CB    . ASN B 1 16 ? -11.575 0.826   -25.339 1.00 35.50 ? 33  ASN B CB    1 
ATOM   745  C CG    . ASN B 1 16 ? -10.548 0.812   -26.450 1.00 33.76 ? 33  ASN B CG    1 
ATOM   746  O OD1   . ASN B 1 16 ? -9.446  1.337   -26.298 1.00 37.85 ? 33  ASN B OD1   1 
ATOM   747  N ND2   . ASN B 1 16 ? -10.901 0.204   -27.576 1.00 36.12 ? 33  ASN B ND2   1 
ATOM   748  N N     . GLU B 1 17 ? -9.203  -1.187  -24.395 1.00 37.09 ? 34  GLU B N     1 
ATOM   749  C CA    . GLU B 1 17 ? -7.886  -1.378  -23.797 1.00 37.88 ? 34  GLU B CA    1 
ATOM   750  C C     . GLU B 1 17 ? -7.013  -0.125  -23.854 1.00 39.83 ? 34  GLU B C     1 
ATOM   751  O O     . GLU B 1 17 ? -6.295  0.182   -22.901 1.00 37.84 ? 34  GLU B O     1 
ATOM   752  C CB    . GLU B 1 17 ? -7.175  -2.556  -24.464 1.00 39.42 ? 34  GLU B CB    1 
ATOM   753  C CG    . GLU B 1 17 ? -5.876  -2.962  -23.788 1.00 44.95 ? 34  GLU B CG    1 
ATOM   754  C CD    . GLU B 1 17 ? -5.377  -4.314  -24.261 1.00 44.56 ? 34  GLU B CD    1 
ATOM   755  O OE1   . GLU B 1 17 ? -6.046  -4.922  -25.125 1.00 39.28 ? 34  GLU B OE1   1 
ATOM   756  O OE2   . GLU B 1 17 ? -4.327  -4.773  -23.761 1.00 38.92 ? 34  GLU B OE2   1 
ATOM   757  N N     . ASP B 1 18 ? -7.085  0.598   -24.967 1.00 33.89 ? 35  ASP B N     1 
ATOM   758  C CA    . ASP B 1 18 ? -6.330  1.840   -25.114 1.00 41.22 ? 35  ASP B CA    1 
ATOM   759  C C     . ASP B 1 18 ? -6.825  2.887   -24.121 1.00 37.78 ? 35  ASP B C     1 
ATOM   760  O O     . ASP B 1 18 ? -6.032  3.639   -23.551 1.00 34.86 ? 35  ASP B O     1 
ATOM   761  C CB    . ASP B 1 18 ? -6.423  2.369   -26.548 1.00 45.07 ? 35  ASP B CB    1 
ATOM   762  C CG    . ASP B 1 18 ? -5.489  1.640   -27.498 1.00 49.15 ? 35  ASP B CG    1 
ATOM   763  O OD1   . ASP B 1 18 ? -4.485  1.068   -27.025 1.00 53.53 ? 35  ASP B OD1   1 
ATOM   764  O OD2   . ASP B 1 18 ? -5.756  1.641   -28.718 1.00 57.18 ? 35  ASP B OD2   1 
ATOM   765  N N     . THR B 1 19 ? -8.140  2.936   -23.928 1.00 34.47 ? 36  THR B N     1 
ATOM   766  C CA    . THR B 1 19 ? -8.749  3.836   -22.955 1.00 37.84 ? 36  THR B CA    1 
ATOM   767  C C     . THR B 1 19 ? -8.257  3.498   -21.552 1.00 37.04 ? 36  THR B C     1 
ATOM   768  O O     . THR B 1 19 ? -7.882  4.381   -20.779 1.00 33.25 ? 36  THR B O     1 
ATOM   769  C CB    . THR B 1 19 ? -10.285 3.758   -22.986 1.00 35.02 ? 36  THR B CB    1 
ATOM   770  O OG1   . THR B 1 19 ? -10.759 4.131   -24.285 1.00 37.06 ? 36  THR B OG1   1 
ATOM   771  C CG2   . THR B 1 19 ? -10.883 4.694   -21.950 1.00 32.67 ? 36  THR B CG2   1 
ATOM   772  N N     . LEU B 1 20 ? -8.269  2.208   -21.235 1.00 29.02 ? 37  LEU B N     1 
ATOM   773  C CA    . LEU B 1 20 ? -7.858  1.725   -19.924 1.00 28.07 ? 37  LEU B CA    1 
ATOM   774  C C     . LEU B 1 20 ? -6.372  1.972   -19.677 1.00 31.05 ? 37  LEU B C     1 
ATOM   775  O O     . LEU B 1 20 ? -5.964  2.256   -18.550 1.00 27.78 ? 37  LEU B O     1 
ATOM   776  C CB    . LEU B 1 20 ? -8.169  0.237   -19.782 1.00 30.01 ? 37  LEU B CB    1 
ATOM   777  C CG    . LEU B 1 20 ? -8.131  -0.303  -18.354 1.00 30.47 ? 37  LEU B CG    1 
ATOM   778  C CD1   . LEU B 1 20 ? -9.093  0.462   -17.458 1.00 30.30 ? 37  LEU B CD1   1 
ATOM   779  C CD2   . LEU B 1 20 ? -8.449  -1.784  -18.359 1.00 32.90 ? 37  LEU B CD2   1 
ATOM   780  N N     . ARG B 1 21 ? -5.564  1.840   -20.726 1.00 31.64 ? 38  ARG B N     1 
ATOM   781  C CA    . ARG B 1 21 ? -4.141  2.137   -20.619 1.00 33.68 ? 38  ARG B CA    1 
ATOM   782  C C     . ARG B 1 21 ? -3.948  3.597   -20.221 1.00 31.35 ? 38  ARG B C     1 
ATOM   783  O O     . ARG B 1 21 ? -3.119  3.911   -19.369 1.00 29.39 ? 38  ARG B O     1 
ATOM   784  C CB    . ARG B 1 21 ? -3.414  1.852   -21.934 1.00 35.01 ? 38  ARG B CB    1 
ATOM   785  C CG    . ARG B 1 21 ? -1.917  2.113   -21.860 1.00 31.95 ? 38  ARG B CG    1 
ATOM   786  C CD    . ARG B 1 21 ? -1.195  1.751   -23.147 1.00 39.02 ? 38  ARG B CD    1 
ATOM   787  N NE    . ARG B 1 21 ? -1.368  0.353   -23.525 1.00 38.74 ? 38  ARG B NE    1 
ATOM   788  C CZ    . ARG B 1 21 ? -2.150  -0.056  -24.519 1.00 39.10 ? 38  ARG B CZ    1 
ATOM   789  N NH1   . ARG B 1 21 ? -2.833  0.828   -25.231 1.00 42.66 ? 38  ARG B NH1   1 
ATOM   790  N NH2   . ARG B 1 21 ? -2.247  -1.348  -24.799 1.00 47.85 ? 38  ARG B NH2   1 
ATOM   791  N N     . GLY B 1 22 ? -4.725  4.480   -20.844 1.00 29.25 ? 39  GLY B N     1 
ATOM   792  C CA    . GLY B 1 22 ? -4.712  5.900   -20.529 1.00 29.39 ? 39  GLY B CA    1 
ATOM   793  C C     . GLY B 1 22 ? -5.018  6.206   -19.074 1.00 26.93 ? 39  GLY B C     1 
ATOM   794  O O     . GLY B 1 22 ? -4.516  7.181   -18.515 1.00 33.72 ? 39  GLY B O     1 
ATOM   795  N N     . VAL B 1 23 ? -5.850  5.371   -18.460 1.00 28.92 ? 40  VAL B N     1 
ATOM   796  C CA    . VAL B 1 23 ? -6.198  5.526   -17.051 1.00 25.34 ? 40  VAL B CA    1 
ATOM   797  C C     . VAL B 1 23 ? -4.994  5.236   -16.158 1.00 29.99 ? 40  VAL B C     1 
ATOM   798  O O     . VAL B 1 23 ? -4.698  6.000   -15.239 1.00 29.13 ? 40  VAL B O     1 
ATOM   799  C CB    . VAL B 1 23 ? -7.368  4.610   -16.648 1.00 23.68 ? 40  VAL B CB    1 
ATOM   800  C CG1   . VAL B 1 23 ? -7.629  4.705   -15.154 1.00 24.96 ? 40  VAL B CG1   1 
ATOM   801  C CG2   . VAL B 1 23 ? -8.618  4.990   -17.420 1.00 32.79 ? 40  VAL B CG2   1 
ATOM   802  N N     . PHE B 1 24 ? -4.293  4.140   -16.438 1.00 29.09 ? 41  PHE B N     1 
ATOM   803  C CA    . PHE B 1 24 ? -3.177  3.718   -15.597 1.00 26.91 ? 41  PHE B CA    1 
ATOM   804  C C     . PHE B 1 24 ? -1.912  4.494   -15.955 1.00 28.42 ? 41  PHE B C     1 
ATOM   805  O O     . PHE B 1 24 ? -1.025  4.665   -15.120 1.00 28.31 ? 41  PHE B O     1 
ATOM   806  C CB    . PHE B 1 24 ? -2.913  2.213   -15.740 1.00 25.92 ? 41  PHE B CB    1 
ATOM   807  C CG    . PHE B 1 24 ? -4.017  1.344   -15.209 1.00 27.14 ? 41  PHE B CG    1 
ATOM   808  C CD1   . PHE B 1 24 ? -4.267  1.267   -13.849 1.00 26.16 ? 41  PHE B CD1   1 
ATOM   809  C CD2   . PHE B 1 24 ? -4.789  0.582   -16.069 1.00 27.51 ? 41  PHE B CD2   1 
ATOM   810  C CE1   . PHE B 1 24 ? -5.278  0.464   -13.359 1.00 30.89 ? 41  PHE B CE1   1 
ATOM   811  C CE2   . PHE B 1 24 ? -5.800  -0.226  -15.585 1.00 27.73 ? 41  PHE B CE2   1 
ATOM   812  C CZ    . PHE B 1 24 ? -6.044  -0.285  -14.227 1.00 26.00 ? 41  PHE B CZ    1 
ATOM   813  N N     . LYS B 1 25 ? -1.836  4.959   -17.199 1.00 28.98 ? 42  LYS B N     1 
ATOM   814  C CA    . LYS B 1 25 ? -0.704  5.763   -17.655 1.00 35.39 ? 42  LYS B CA    1 
ATOM   815  C C     . LYS B 1 25 ? -0.693  7.138   -16.990 1.00 33.85 ? 42  LYS B C     1 
ATOM   816  O O     . LYS B 1 25 ? 0.322   7.836   -16.997 1.00 35.62 ? 42  LYS B O     1 
ATOM   817  C CB    . LYS B 1 25 ? -0.727  5.918   -19.178 1.00 34.23 ? 42  LYS B CB    1 
ATOM   818  C CG    . LYS B 1 25 ? 0.600   6.356   -19.774 1.00 34.49 ? 42  LYS B CG    1 
ATOM   819  C CD    . LYS B 1 25 ? 0.517   6.474   -21.285 1.00 38.46 ? 42  LYS B CD    1 
ATOM   820  C CE    . LYS B 1 25 ? 1.859   6.871   -21.874 1.00 33.75 ? 42  LYS B CE    1 
ATOM   821  N NZ    . LYS B 1 25 ? 2.916   5.868   -21.564 1.00 48.60 ? 42  LYS B NZ    1 
ATOM   822  N N     . ALA B 1 26 ? -1.826  7.517   -16.409 1.00 32.62 ? 43  ALA B N     1 
ATOM   823  C CA    . ALA B 1 26 ? -1.957  8.803   -15.735 1.00 33.37 ? 43  ALA B CA    1 
ATOM   824  C C     . ALA B 1 26 ? -1.133  8.869   -14.450 1.00 31.65 ? 43  ALA B C     1 
ATOM   825  O O     . ALA B 1 26 ? -0.964  9.940   -13.870 1.00 33.57 ? 43  ALA B O     1 
ATOM   826  C CB    . ALA B 1 26 ? -3.422  9.090   -15.434 1.00 30.28 ? 43  ALA B CB    1 
ATOM   827  N N     . PHE B 1 27 ? -0.624  7.723   -14.006 1.00 27.76 ? 44  PHE B N     1 
ATOM   828  C CA    . PHE B 1 27 ? 0.190   7.678   -12.798 1.00 32.03 ? 44  PHE B CA    1 
ATOM   829  C C     . PHE B 1 27 ? 1.653   7.436   -13.154 1.00 31.96 ? 44  PHE B C     1 
ATOM   830  O O     . PHE B 1 27 ? 1.962   6.714   -14.104 1.00 32.85 ? 44  PHE B O     1 
ATOM   831  C CB    . PHE B 1 27 ? -0.320  6.602   -11.836 1.00 26.37 ? 44  PHE B CB    1 
ATOM   832  C CG    . PHE B 1 27 ? -1.677  6.900   -11.266 1.00 28.55 ? 44  PHE B CG    1 
ATOM   833  C CD1   . PHE B 1 27 ? -2.825  6.528   -11.944 1.00 30.88 ? 44  PHE B CD1   1 
ATOM   834  C CD2   . PHE B 1 27 ? -1.803  7.584   -10.070 1.00 30.14 ? 44  PHE B CD2   1 
ATOM   835  C CE1   . PHE B 1 27 ? -4.075  6.810   -11.425 1.00 33.51 ? 44  PHE B CE1   1 
ATOM   836  C CE2   . PHE B 1 27 ? -3.046  7.875   -9.551  1.00 34.75 ? 44  PHE B CE2   1 
ATOM   837  C CZ    . PHE B 1 27 ? -4.186  7.488   -10.228 1.00 30.59 ? 44  PHE B CZ    1 
ATOM   838  N N     . SER B 1 28 ? 2.546   8.055   -12.390 1.00 29.92 ? 45  SER B N     1 
ATOM   839  C CA    . SER B 1 28 ? 3.976   8.013   -12.675 1.00 30.12 ? 45  SER B CA    1 
ATOM   840  C C     . SER B 1 28 ? 4.533   6.594   -12.685 1.00 29.29 ? 45  SER B C     1 
ATOM   841  O O     . SER B 1 28 ? 4.248   5.799   -11.790 1.00 29.01 ? 45  SER B O     1 
ATOM   842  C CB    . SER B 1 28 ? 4.736   8.855   -11.650 1.00 28.62 ? 45  SER B CB    1 
ATOM   843  O OG    . SER B 1 28 ? 4.195   10.161  -11.568 1.00 40.78 ? 45  SER B OG    1 
ATOM   844  N N     . GLY B 1 29 ? 5.333   6.286   -13.702 1.00 26.58 ? 46  GLY B N     1 
ATOM   845  C CA    . GLY B 1 29 ? 6.046   5.023   -13.758 1.00 27.80 ? 46  GLY B CA    1 
ATOM   846  C C     . GLY B 1 29 ? 5.355   3.899   -14.507 1.00 31.62 ? 46  GLY B C     1 
ATOM   847  O O     . GLY B 1 29 ? 5.827   2.764   -14.480 1.00 32.01 ? 46  GLY B O     1 
ATOM   848  N N     . PHE B 1 30 ? 4.241   4.202   -15.172 1.00 32.22 ? 47  PHE B N     1 
ATOM   849  C CA    . PHE B 1 30 ? 3.503   3.179   -15.913 1.00 31.68 ? 47  PHE B CA    1 
ATOM   850  C C     . PHE B 1 30 ? 4.341   2.583   -17.039 1.00 30.97 ? 47  PHE B C     1 
ATOM   851  O O     . PHE B 1 30 ? 4.746   3.283   -17.966 1.00 35.81 ? 47  PHE B O     1 
ATOM   852  C CB    . PHE B 1 30 ? 2.200   3.743   -16.484 1.00 29.08 ? 47  PHE B CB    1 
ATOM   853  C CG    . PHE B 1 30 ? 1.472   2.779   -17.378 1.00 33.87 ? 47  PHE B CG    1 
ATOM   854  C CD1   . PHE B 1 30 ? 0.689   1.774   -16.838 1.00 32.29 ? 47  PHE B CD1   1 
ATOM   855  C CD2   . PHE B 1 30 ? 1.577   2.871   -18.758 1.00 29.35 ? 47  PHE B CD2   1 
ATOM   856  C CE1   . PHE B 1 30 ? 0.024   0.881   -17.653 1.00 30.34 ? 47  PHE B CE1   1 
ATOM   857  C CE2   . PHE B 1 30 ? 0.913   1.980   -19.578 1.00 31.81 ? 47  PHE B CE2   1 
ATOM   858  C CZ    . PHE B 1 30 ? 0.136   0.983   -19.024 1.00 32.54 ? 47  PHE B CZ    1 
ATOM   859  N N     . THR B 1 31 ? 4.594   1.281   -16.954 1.00 36.35 ? 48  THR B N     1 
ATOM   860  C CA    . THR B 1 31 ? 5.386   0.593   -17.967 1.00 33.71 ? 48  THR B CA    1 
ATOM   861  C C     . THR B 1 31 ? 4.549   -0.190  -18.975 1.00 33.14 ? 48  THR B C     1 
ATOM   862  O O     . THR B 1 31 ? 4.668   0.027   -20.180 1.00 34.67 ? 48  THR B O     1 
ATOM   863  C CB    . THR B 1 31 ? 6.396   -0.369  -17.313 1.00 36.91 ? 48  THR B CB    1 
ATOM   864  O OG1   . THR B 1 31 ? 7.110   0.317   -16.278 1.00 37.67 ? 48  THR B OG1   1 
ATOM   865  C CG2   . THR B 1 31 ? 7.385   -0.873  -18.350 1.00 45.36 ? 48  THR B CG2   1 
ATOM   866  N N     . ARG B 1 32 ? 3.680   -1.070  -18.486 1.00 34.86 ? 49  ARG B N     1 
ATOM   867  C CA    . ARG B 1 32 ? 2.951   -1.990  -19.362 1.00 32.54 ? 49  ARG B CA    1 
ATOM   868  C C     . ARG B 1 32 ? 1.619   -2.427  -18.763 1.00 32.24 ? 49  ARG B C     1 
ATOM   869  O O     . ARG B 1 32 ? 1.422   -2.397  -17.547 1.00 31.58 ? 49  ARG B O     1 
ATOM   870  C CB    . ARG B 1 32 ? 3.781   -3.251  -19.661 1.00 37.48 ? 49  ARG B CB    1 
ATOM   871  C CG    . ARG B 1 32 ? 5.045   -3.049  -20.488 1.00 43.34 ? 49  ARG B CG    1 
ATOM   872  C CD    . ARG B 1 32 ? 5.538   -4.358  -21.095 1.00 41.25 ? 49  ARG B CD    1 
ATOM   873  N NE    . ARG B 1 32 ? 5.723   -5.409  -20.096 1.00 48.29 ? 49  ARG B NE    1 
ATOM   874  C CZ    . ARG B 1 32 ? 6.842   -5.603  -19.406 1.00 47.77 ? 49  ARG B CZ    1 
ATOM   875  N NH1   . ARG B 1 32 ? 7.891   -4.816  -19.598 1.00 55.47 ? 49  ARG B NH1   1 
ATOM   876  N NH2   . ARG B 1 32 ? 6.913   -6.587  -18.519 1.00 41.50 ? 49  ARG B NH2   1 
ATOM   877  N N     . LEU B 1 33 ? 0.706   -2.831  -19.640 1.00 30.23 ? 50  LEU B N     1 
ATOM   878  C CA    . LEU B 1 33 ? -0.621  -3.269  -19.236 1.00 29.80 ? 50  LEU B CA    1 
ATOM   879  C C     . LEU B 1 33 ? -0.929  -4.596  -19.905 1.00 34.03 ? 50  LEU B C     1 
ATOM   880  O O     . LEU B 1 33 ? -0.598  -4.797  -21.074 1.00 31.55 ? 50  LEU B O     1 
ATOM   881  C CB    . LEU B 1 33 ? -1.678  -2.229  -19.613 1.00 30.75 ? 50  LEU B CB    1 
ATOM   882  C CG    . LEU B 1 33 ? -3.147  -2.657  -19.503 1.00 31.14 ? 50  LEU B CG    1 
ATOM   883  C CD1   . LEU B 1 33 ? -3.554  -2.843  -18.053 1.00 23.66 ? 50  LEU B CD1   1 
ATOM   884  C CD2   . LEU B 1 33 ? -4.062  -1.661  -20.201 1.00 32.82 ? 50  LEU B CD2   1 
ATOM   885  N N     . ARG B 1 34 ? -1.567  -5.499  -19.171 1.00 27.32 ? 51  ARG B N     1 
ATOM   886  C CA    . ARG B 1 34 ? -2.018  -6.752  -19.758 1.00 29.57 ? 51  ARG B CA    1 
ATOM   887  C C     . ARG B 1 34 ? -3.468  -6.991  -19.368 1.00 36.22 ? 51  ARG B C     1 
ATOM   888  O O     . ARG B 1 34 ? -3.807  -7.003  -18.188 1.00 31.24 ? 51  ARG B O     1 
ATOM   889  C CB    . ARG B 1 34 ? -1.133  -7.914  -19.296 1.00 35.55 ? 51  ARG B CB    1 
ATOM   890  C CG    . ARG B 1 34 ? 0.271   -7.888  -19.882 1.00 37.65 ? 51  ARG B CG    1 
ATOM   891  C CD    . ARG B 1 34 ? 0.246   -7.880  -21.407 1.00 43.58 ? 51  ARG B CD    1 
ATOM   892  N NE    . ARG B 1 34 ? 1.572   -7.632  -21.970 1.00 50.93 ? 51  ARG B NE    1 
ATOM   893  C CZ    . ARG B 1 34 ? 2.588   -8.491  -21.932 1.00 60.79 ? 51  ARG B CZ    1 
ATOM   894  N NH1   . ARG B 1 34 ? 2.441   -9.687  -21.373 1.00 53.75 ? 51  ARG B NH1   1 
ATOM   895  N NH2   . ARG B 1 34 ? 3.754   -8.158  -22.473 1.00 57.38 ? 51  ARG B NH2   1 
ATOM   896  N N     . LEU B 1 35 ? -4.323  -7.190  -20.363 1.00 39.47 ? 52  LEU B N     1 
ATOM   897  C CA    . LEU B 1 35 ? -5.749  -7.330  -20.104 1.00 37.22 ? 52  LEU B CA    1 
ATOM   898  C C     . LEU B 1 35 ? -6.224  -8.742  -20.420 1.00 43.33 ? 52  LEU B C     1 
ATOM   899  O O     . LEU B 1 35 ? -6.190  -9.162  -21.572 1.00 48.25 ? 52  LEU B O     1 
ATOM   900  C CB    . LEU B 1 35 ? -6.525  -6.296  -20.922 1.00 37.72 ? 52  LEU B CB    1 
ATOM   901  C CG    . LEU B 1 35 ? -8.035  -6.184  -20.724 1.00 39.96 ? 52  LEU B CG    1 
ATOM   902  C CD1   . LEU B 1 35 ? -8.360  -5.904  -19.267 1.00 37.01 ? 52  LEU B CD1   1 
ATOM   903  C CD2   . LEU B 1 35 ? -8.589  -5.086  -21.615 1.00 41.33 ? 52  LEU B CD2   1 
ATOM   904  N N     . HIS B 1 36 ? -6.667  -9.470  -19.398 1.00 48.67 ? 53  HIS B N     1 
ATOM   905  C CA    . HIS B 1 36 ? -7.047  -10.867 -19.585 1.00 48.21 ? 53  HIS B CA    1 
ATOM   906  C C     . HIS B 1 36 ? -8.461  -11.149 -19.081 1.00 48.68 ? 53  HIS B C     1 
ATOM   907  O O     . HIS B 1 36 ? -8.827  -10.787 -17.961 1.00 44.07 ? 53  HIS B O     1 
ATOM   908  C CB    . HIS B 1 36 ? -6.043  -11.788 -18.879 1.00 41.69 ? 53  HIS B CB    1 
ATOM   909  C CG    . HIS B 1 36 ? -4.671  -11.733 -19.465 1.00 50.83 ? 53  HIS B CG    1 
ATOM   910  N ND1   . HIS B 1 36 ? -4.403  -11.235 -20.720 1.00 59.07 ? 53  HIS B ND1   1 
ATOM   911  C CD2   . HIS B 1 36 ? -3.462  -12.119 -18.961 1.00 51.83 ? 53  HIS B CD2   1 
ATOM   912  C CE1   . HIS B 1 36 ? -3.117  -11.311 -20.972 1.00 58.94 ? 53  HIS B CE1   1 
ATOM   913  N NE2   . HIS B 1 36 ? -2.520  -11.849 -19.914 1.00 53.16 ? 53  HIS B NE2   1 
ATOM   914  N N     . ASN B 1 37 ? -9.249  -11.799 -19.927 1.00 57.91 ? 54  ASN B N     1 
ATOM   915  C CA    . ASN B 1 37 ? -10.608 -12.179 -19.584 1.00 64.20 ? 54  ASN B CA    1 
ATOM   916  C C     . ASN B 1 37 ? -10.915 -13.628 -19.957 1.00 72.63 ? 54  ASN B C     1 
ATOM   917  O O     . ASN B 1 37 ? -10.314 -14.169 -20.889 1.00 72.54 ? 54  ASN B O     1 
ATOM   918  C CB    . ASN B 1 37 ? -11.599 -11.244 -20.272 1.00 61.75 ? 54  ASN B CB    1 
ATOM   919  C CG    . ASN B 1 37 ? -13.026 -11.450 -19.801 1.00 66.66 ? 54  ASN B CG    1 
ATOM   920  O OD1   . ASN B 1 37 ? -13.278 -12.178 -18.843 1.00 66.40 ? 54  ASN B OD1   1 
ATOM   921  N ND2   . ASN B 1 37 ? -13.972 -10.828 -20.499 1.00 68.31 ? 54  ASN B ND2   1 
ATOM   922  N N     . LYS B 1 38 ? -11.828 -14.261 -19.224 1.00 72.82 ? 55  LYS B N     1 
ATOM   923  C CA    . LYS B 1 38 ? -12.256 -15.611 -19.573 1.00 80.98 ? 55  LYS B CA    1 
ATOM   924  C C     . LYS B 1 38 ? -13.769 -15.595 -19.725 1.00 82.49 ? 55  LYS B C     1 
ATOM   925  O O     . LYS B 1 38 ? -14.300 -14.838 -20.535 1.00 79.03 ? 55  LYS B O     1 
ATOM   926  C CB    . LYS B 1 38 ? -11.833 -16.619 -18.505 1.00 79.88 ? 55  LYS B CB    1 
ATOM   927  N N     . ASN B 1 39 ? -14.460 -16.414 -18.940 1.00 83.73 ? 56  ASN B N     1 
ATOM   928  C CA    . ASN B 1 39 ? -15.908 -16.324 -18.849 1.00 82.92 ? 56  ASN B CA    1 
ATOM   929  C C     . ASN B 1 39 ? -16.236 -15.320 -17.756 1.00 77.85 ? 56  ASN B C     1 
ATOM   930  O O     . ASN B 1 39 ? -15.773 -15.473 -16.629 1.00 81.25 ? 56  ASN B O     1 
ATOM   931  C CB    . ASN B 1 39 ? -16.537 -17.684 -18.556 1.00 91.63 ? 56  ASN B CB    1 
ATOM   932  C CG    . ASN B 1 39 ? -15.971 -18.782 -19.427 1.00 93.55 ? 56  ASN B CG    1 
ATOM   933  O OD1   . ASN B 1 39 ? -15.243 -18.513 -20.381 1.00 97.32 ? 56  ASN B OD1   1 
ATOM   934  N ND2   . ASN B 1 39 ? -16.321 -20.026 -19.118 1.00 88.31 ? 56  ASN B ND2   1 
ATOM   935  N N     . GLY B 1 40 ? -17.007 -14.286 -18.062 1.00 77.24 ? 57  GLY B N     1 
ATOM   936  C CA    . GLY B 1 40 ? -17.417 -13.386 -17.003 1.00 72.07 ? 57  GLY B CA    1 
ATOM   937  C C     . GLY B 1 40 ? -16.344 -12.380 -16.641 1.00 65.13 ? 57  GLY B C     1 
ATOM   938  O O     . GLY B 1 40 ? -16.015 -11.495 -17.435 1.00 63.50 ? 57  GLY B O     1 
ATOM   939  N N     . SER B 1 41 ? -15.806 -12.518 -15.430 1.00 65.46 ? 58  SER B N     1 
ATOM   940  C CA    . SER B 1 41 ? -14.832 -11.571 -14.885 1.00 63.83 ? 58  SER B CA    1 
ATOM   941  C C     . SER B 1 41 ? -13.586 -11.299 -15.719 1.00 59.36 ? 58  SER B C     1 
ATOM   942  O O     . SER B 1 41 ? -12.928 -12.219 -16.205 1.00 59.10 ? 58  SER B O     1 
ATOM   943  C CB    . SER B 1 41 ? -14.360 -12.078 -13.515 1.00 64.72 ? 58  SER B CB    1 
ATOM   944  O OG    . SER B 1 41 ? -13.522 -13.212 -13.658 1.00 64.36 ? 58  SER B OG    1 
ATOM   945  N N     . ALA B 1 42 ? -13.253 -10.015 -15.830 1.00 53.30 ? 59  ALA B N     1 
ATOM   946  C CA    . ALA B 1 42 ? -12.034 -9.588  -16.497 1.00 49.58 ? 59  ALA B CA    1 
ATOM   947  C C     . ALA B 1 42 ? -11.066 -9.113  -15.425 1.00 39.70 ? 59  ALA B C     1 
ATOM   948  O O     . ALA B 1 42 ? -11.486 -8.552  -14.409 1.00 32.80 ? 59  ALA B O     1 
ATOM   949  C CB    . ALA B 1 42 ? -12.315 -8.489  -17.503 1.00 45.18 ? 59  ALA B CB    1 
ATOM   950  N N     . VAL B 1 43 ? -9.775  -9.321  -15.652 1.00 35.77 ? 60  VAL B N     1 
ATOM   951  C CA    . VAL B 1 43 ? -8.755  -8.751  -14.786 1.00 33.30 ? 60  VAL B CA    1 
ATOM   952  C C     . VAL B 1 43 ? -7.670  -8.051  -15.593 1.00 30.80 ? 60  VAL B C     1 
ATOM   953  O O     . VAL B 1 43 ? -7.641  -8.130  -16.822 1.00 31.54 ? 60  VAL B O     1 
ATOM   954  C CB    . VAL B 1 43 ? -8.108  -9.818  -13.878 1.00 28.48 ? 60  VAL B CB    1 
ATOM   955  C CG1   . VAL B 1 43 ? -9.170  -10.567 -13.075 1.00 18.96 ? 60  VAL B CG1   1 
ATOM   956  C CG2   . VAL B 1 43 ? -7.265  -10.777 -14.698 1.00 29.19 ? 60  VAL B CG2   1 
ATOM   957  N N     . ALA B 1 44 ? -6.775  -7.366  -14.892 1.00 24.91 ? 61  ALA B N     1 
ATOM   958  C CA    . ALA B 1 44 ? -5.672  -6.681  -15.546 1.00 29.12 ? 61  ALA B CA    1 
ATOM   959  C C     . ALA B 1 44 ? -4.398  -6.792  -14.723 1.00 27.52 ? 61  ALA B C     1 
ATOM   960  O O     . ALA B 1 44 ? -4.436  -6.826  -13.494 1.00 23.50 ? 61  ALA B O     1 
ATOM   961  C CB    . ALA B 1 44 ? -6.017  -5.220  -15.787 1.00 28.33 ? 61  ALA B CB    1 
ATOM   962  N N     . PHE B 1 45 ? -3.268  -6.858  -15.417 1.00 29.98 ? 62  PHE B N     1 
ATOM   963  C CA    . PHE B 1 45 ? -1.969  -6.786  -14.768 1.00 31.85 ? 62  PHE B CA    1 
ATOM   964  C C     . PHE B 1 45 ? -1.280  -5.512  -15.215 1.00 31.10 ? 62  PHE B C     1 
ATOM   965  O O     . PHE B 1 45 ? -1.009  -5.316  -16.400 1.00 28.12 ? 62  PHE B O     1 
ATOM   966  C CB    . PHE B 1 45 ? -1.118  -8.015  -15.093 1.00 32.02 ? 62  PHE B CB    1 
ATOM   967  C CG    . PHE B 1 45 ? -1.711  -9.302  -14.603 1.00 29.95 ? 62  PHE B CG    1 
ATOM   968  C CD1   . PHE B 1 45 ? -1.513  -9.717  -13.296 1.00 30.39 ? 62  PHE B CD1   1 
ATOM   969  C CD2   . PHE B 1 45 ? -2.480  -10.089 -15.440 1.00 30.29 ? 62  PHE B CD2   1 
ATOM   970  C CE1   . PHE B 1 45 ? -2.061  -10.900 -12.838 1.00 28.49 ? 62  PHE B CE1   1 
ATOM   971  C CE2   . PHE B 1 45 ? -3.035  -11.272 -14.987 1.00 27.94 ? 62  PHE B CE2   1 
ATOM   972  C CZ    . PHE B 1 45 ? -2.824  -11.679 -13.685 1.00 28.10 ? 62  PHE B CZ    1 
ATOM   973  N N     . VAL B 1 46 ? -0.990  -4.647  -14.251 1.00 27.64 ? 63  VAL B N     1 
ATOM   974  C CA    . VAL B 1 46 ? -0.426  -3.344  -14.553 1.00 30.84 ? 63  VAL B CA    1 
ATOM   975  C C     . VAL B 1 46 ? 0.961   -3.219  -13.949 1.00 31.31 ? 63  VAL B C     1 
ATOM   976  O O     . VAL B 1 46 ? 1.139   -3.374  -12.742 1.00 30.78 ? 63  VAL B O     1 
ATOM   977  C CB    . VAL B 1 46 ? -1.321  -2.211  -14.020 1.00 29.02 ? 63  VAL B CB    1 
ATOM   978  C CG1   . VAL B 1 46 ? -0.837  -0.873  -14.541 1.00 25.91 ? 63  VAL B CG1   1 
ATOM   979  C CG2   . VAL B 1 46 ? -2.766  -2.447  -14.426 1.00 21.59 ? 63  VAL B CG2   1 
ATOM   980  N N     . GLU B 1 47 ? 1.944   -2.942  -14.796 1.00 32.58 ? 64  GLU B N     1 
ATOM   981  C CA    . GLU B 1 47 ? 3.325   -2.859  -14.347 1.00 32.79 ? 64  GLU B CA    1 
ATOM   982  C C     . GLU B 1 47 ? 3.771   -1.417  -14.159 1.00 29.01 ? 64  GLU B C     1 
ATOM   983  O O     . GLU B 1 47 ? 3.504   -0.558  -14.998 1.00 33.66 ? 64  GLU B O     1 
ATOM   984  C CB    . GLU B 1 47 ? 4.247   -3.559  -15.347 1.00 36.33 ? 64  GLU B CB    1 
ATOM   985  C CG    . GLU B 1 47 ? 5.684   -3.683  -14.884 1.00 37.36 ? 64  GLU B CG    1 
ATOM   986  C CD    . GLU B 1 47 ? 6.580   -4.289  -15.947 1.00 44.36 ? 64  GLU B CD    1 
ATOM   987  O OE1   . GLU B 1 47 ? 6.664   -3.712  -17.052 1.00 43.25 ? 64  GLU B OE1   1 
ATOM   988  O OE2   . GLU B 1 47 ? 7.194   -5.344  -15.684 1.00 45.83 ? 64  GLU B OE2   1 
ATOM   989  N N     . TYR B 1 48 ? 4.454   -1.157  -13.049 1.00 31.20 ? 65  TYR B N     1 
ATOM   990  C CA    . TYR B 1 48 ? 5.067   0.144   -12.829 1.00 34.30 ? 65  TYR B CA    1 
ATOM   991  C C     . TYR B 1 48 ? 6.575   -0.006  -12.644 1.00 35.96 ? 65  TYR B C     1 
ATOM   992  O O     . TYR B 1 48 ? 7.066   -1.096  -12.343 1.00 36.81 ? 65  TYR B O     1 
ATOM   993  C CB    . TYR B 1 48 ? 4.426   0.846   -11.632 1.00 30.30 ? 65  TYR B CB    1 
ATOM   994  C CG    . TYR B 1 48 ? 3.060   1.406   -11.955 1.00 31.05 ? 65  TYR B CG    1 
ATOM   995  C CD1   . TYR B 1 48 ? 1.920   0.622   -11.820 1.00 31.81 ? 65  TYR B CD1   1 
ATOM   996  C CD2   . TYR B 1 48 ? 2.911   2.705   -12.426 1.00 29.71 ? 65  TYR B CD2   1 
ATOM   997  C CE1   . TYR B 1 48 ? 0.668   1.123   -12.125 1.00 29.12 ? 65  TYR B CE1   1 
ATOM   998  C CE2   . TYR B 1 48 ? 1.662   3.214   -12.736 1.00 28.59 ? 65  TYR B CE2   1 
ATOM   999  C CZ    . TYR B 1 48 ? 0.545   2.419   -12.584 1.00 29.44 ? 65  TYR B CZ    1 
ATOM   1000 O OH    . TYR B 1 48 ? -0.699  2.920   -12.892 1.00 28.13 ? 65  TYR B OH    1 
ATOM   1001 N N     . SER B 1 49 ? 7.304   1.092   -12.820 1.00 31.51 ? 66  SER B N     1 
ATOM   1002 C CA    . SER B 1 49 ? 8.767   1.058   -12.839 1.00 34.59 ? 66  SER B CA    1 
ATOM   1003 C C     . SER B 1 49 ? 9.378   0.622   -11.508 1.00 40.27 ? 66  SER B C     1 
ATOM   1004 O O     . SER B 1 49 ? 10.461  0.037   -11.480 1.00 44.87 ? 66  SER B O     1 
ATOM   1005 C CB    . SER B 1 49 ? 9.319   2.432   -13.231 1.00 38.87 ? 66  SER B CB    1 
ATOM   1006 O OG    . SER B 1 49 ? 8.937   3.426   -12.295 1.00 50.29 ? 66  SER B OG    1 
ATOM   1007 N N     . ASP B 1 50 ? 8.687   0.904   -10.410 1.00 36.00 ? 67  ASP B N     1 
ATOM   1008 C CA    . ASP B 1 50 ? 9.147   0.463   -9.095  1.00 38.37 ? 67  ASP B CA    1 
ATOM   1009 C C     . ASP B 1 50 ? 7.997   0.288   -8.103  1.00 33.20 ? 67  ASP B C     1 
ATOM   1010 O O     . ASP B 1 50 ? 6.855   0.646   -8.388  1.00 37.94 ? 67  ASP B O     1 
ATOM   1011 C CB    . ASP B 1 50 ? 10.199  1.438   -8.542  1.00 35.49 ? 67  ASP B CB    1 
ATOM   1012 C CG    . ASP B 1 50 ? 9.666   2.851   -8.361  1.00 38.14 ? 67  ASP B CG    1 
ATOM   1013 O OD1   . ASP B 1 50 ? 8.621   3.037   -7.701  1.00 39.93 ? 67  ASP B OD1   1 
ATOM   1014 O OD2   . ASP B 1 50 ? 10.305  3.787   -8.884  1.00 49.47 ? 67  ASP B OD2   1 
ATOM   1015 N N     . LEU B 1 51 ? 8.320   -0.272  -6.940  1.00 31.76 ? 68  LEU B N     1 
ATOM   1016 C CA    . LEU B 1 51 ? 7.340   -0.555  -5.896  1.00 33.16 ? 68  LEU B CA    1 
ATOM   1017 C C     . LEU B 1 51 ? 6.593   0.692   -5.435  1.00 33.85 ? 68  LEU B C     1 
ATOM   1018 O O     . LEU B 1 51 ? 5.376   0.663   -5.241  1.00 34.86 ? 68  LEU B O     1 
ATOM   1019 C CB    . LEU B 1 51 ? 8.026   -1.221  -4.701  1.00 31.29 ? 68  LEU B CB    1 
ATOM   1020 C CG    . LEU B 1 51 ? 7.113   -1.623  -3.542  1.00 34.91 ? 68  LEU B CG    1 
ATOM   1021 C CD1   . LEU B 1 51 ? 6.052   -2.598  -4.020  1.00 28.91 ? 68  LEU B CD1   1 
ATOM   1022 C CD2   . LEU B 1 51 ? 7.922   -2.218  -2.401  1.00 35.33 ? 68  LEU B CD2   1 
ATOM   1023 N N     . GLN B 1 52 ? 7.333   1.781   -5.249  1.00 32.86 ? 69  GLN B N     1 
ATOM   1024 C CA    . GLN B 1 52 ? 6.774   3.014   -4.708  1.00 33.52 ? 69  GLN B CA    1 
ATOM   1025 C C     . GLN B 1 52 ? 5.683   3.608   -5.599  1.00 35.98 ? 69  GLN B C     1 
ATOM   1026 O O     . GLN B 1 52 ? 4.697   4.158   -5.104  1.00 39.42 ? 69  GLN B O     1 
ATOM   1027 C CB    . GLN B 1 52 ? 7.889   4.043   -4.501  1.00 41.22 ? 69  GLN B CB    1 
ATOM   1028 C CG    . GLN B 1 52 ? 7.440   5.323   -3.821  1.00 50.59 ? 69  GLN B CG    1 
ATOM   1029 C CD    . GLN B 1 52 ? 8.556   6.340   -3.707  1.00 66.39 ? 69  GLN B CD    1 
ATOM   1030 O OE1   . GLN B 1 52 ? 9.623   6.173   -4.298  1.00 66.58 ? 69  GLN B OE1   1 
ATOM   1031 N NE2   . GLN B 1 52 ? 8.319   7.400   -2.942  1.00 65.45 ? 69  GLN B NE2   1 
ATOM   1032 N N     . LYS B 1 53 ? 5.864   3.495   -6.912  1.00 31.99 ? 70  LYS B N     1 
ATOM   1033 C CA    . LYS B 1 53 ? 4.888   4.013   -7.868  1.00 35.12 ? 70  LYS B CA    1 
ATOM   1034 C C     . LYS B 1 53 ? 3.706   3.069   -8.078  1.00 28.41 ? 70  LYS B C     1 
ATOM   1035 O O     . LYS B 1 53 ? 2.595   3.511   -8.365  1.00 23.94 ? 70  LYS B O     1 
ATOM   1036 C CB    . LYS B 1 53 ? 5.571   4.324   -9.200  1.00 29.52 ? 70  LYS B CB    1 
ATOM   1037 C CG    . LYS B 1 53 ? 6.642   5.389   -9.073  1.00 33.96 ? 70  LYS B CG    1 
ATOM   1038 C CD    . LYS B 1 53 ? 7.237   5.756   -10.414 1.00 34.40 ? 70  LYS B CD    1 
ATOM   1039 C CE    . LYS B 1 53 ? 8.051   7.031   -10.308 1.00 31.61 ? 70  LYS B CE    1 
ATOM   1040 N NZ    . LYS B 1 53 ? 9.051   6.952   -9.206  1.00 43.43 ? 70  LYS B NZ    1 
ATOM   1041 N N     . ALA B 1 54 ? 3.952   1.770   -7.944  1.00 33.71 ? 71  ALA B N     1 
ATOM   1042 C CA    . ALA B 1 54 ? 2.881   0.788   -8.038  1.00 32.17 ? 71  ALA B CA    1 
ATOM   1043 C C     . ALA B 1 54 ? 1.935   0.951   -6.855  1.00 30.38 ? 71  ALA B C     1 
ATOM   1044 O O     . ALA B 1 54 ? 0.715   0.910   -7.011  1.00 29.25 ? 71  ALA B O     1 
ATOM   1045 C CB    . ALA B 1 54 ? 3.440   -0.617  -8.087  1.00 28.78 ? 71  ALA B CB    1 
ATOM   1046 N N     . THR B 1 55 ? 2.513   1.125   -5.671  1.00 28.75 ? 72  THR B N     1 
ATOM   1047 C CA    . THR B 1 55 ? 1.742   1.352   -4.456  1.00 30.31 ? 72  THR B CA    1 
ATOM   1048 C C     . THR B 1 55 ? 0.905   2.626   -4.565  1.00 25.28 ? 72  THR B C     1 
ATOM   1049 O O     . THR B 1 55 ? -0.271  2.635   -4.202  1.00 25.21 ? 72  THR B O     1 
ATOM   1050 C CB    . THR B 1 55 ? 2.663   1.454   -3.223  1.00 27.77 ? 72  THR B CB    1 
ATOM   1051 O OG1   . THR B 1 55 ? 3.425   0.248   -3.089  1.00 23.53 ? 72  THR B OG1   1 
ATOM   1052 C CG2   . THR B 1 55 ? 1.852   1.691   -1.959  1.00 23.20 ? 72  THR B CG2   1 
ATOM   1053 N N     . GLN B 1 56 ? 1.523   3.693   -5.062  1.00 28.69 ? 73  GLN B N     1 
ATOM   1054 C CA    . GLN B 1 56 ? 0.855   4.984   -5.220  1.00 31.67 ? 73  GLN B CA    1 
ATOM   1055 C C     . GLN B 1 56 ? -0.363  4.905   -6.136  1.00 28.90 ? 73  GLN B C     1 
ATOM   1056 O O     . GLN B 1 56 ? -1.402  5.500   -5.853  1.00 29.79 ? 73  GLN B O     1 
ATOM   1057 C CB    . GLN B 1 56 ? 1.838   6.029   -5.756  1.00 33.05 ? 73  GLN B CB    1 
ATOM   1058 C CG    . GLN B 1 56 ? 1.210   7.384   -6.057  1.00 39.30 ? 73  GLN B CG    1 
ATOM   1059 C CD    . GLN B 1 56 ? 0.862   8.174   -4.808  1.00 45.85 ? 73  GLN B CD    1 
ATOM   1060 O OE1   . GLN B 1 56 ? 1.067   7.715   -3.686  1.00 58.18 ? 73  GLN B OE1   1 
ATOM   1061 N NE2   . GLN B 1 56 ? 0.331   9.374   -5.002  1.00 57.97 ? 73  GLN B NE2   1 
ATOM   1062 N N     . ALA B 1 57 ? -0.224  4.173   -7.236  1.00 30.06 ? 74  ALA B N     1 
ATOM   1063 C CA    . ALA B 1 57 ? -1.316  4.008   -8.187  1.00 28.74 ? 74  ALA B CA    1 
ATOM   1064 C C     . ALA B 1 57 ? -2.408  3.121   -7.600  1.00 24.70 ? 74  ALA B C     1 
ATOM   1065 O O     . ALA B 1 57 ? -3.595  3.346   -7.835  1.00 25.09 ? 74  ALA B O     1 
ATOM   1066 C CB    . ALA B 1 57 ? -0.797  3.424   -9.493  1.00 23.09 ? 74  ALA B CB    1 
ATOM   1067 N N     . MET B 1 58 ? -1.997  2.113   -6.837  1.00 21.73 ? 75  MET B N     1 
ATOM   1068 C CA    . MET B 1 58 ? -2.936  1.207   -6.186  1.00 24.47 ? 75  MET B CA    1 
ATOM   1069 C C     . MET B 1 58 ? -3.754  1.934   -5.125  1.00 26.01 ? 75  MET B C     1 
ATOM   1070 O O     . MET B 1 58 ? -4.976  1.786   -5.056  1.00 21.44 ? 75  MET B O     1 
ATOM   1071 C CB    . MET B 1 58 ? -2.201  0.024   -5.559  1.00 24.28 ? 75  MET B CB    1 
ATOM   1072 C CG    . MET B 1 58 ? -3.096  -0.874  -4.722  1.00 22.90 ? 75  MET B CG    1 
ATOM   1073 S SD    . MET B 1 58 ? -2.251  -2.346  -4.124  1.00 21.89 ? 75  MET B SD    1 
ATOM   1074 C CE    . MET B 1 58 ? -3.385  -2.873  -2.848  1.00 26.78 ? 75  MET B CE    1 
ATOM   1075 N N     . ILE B 1 59 ? -3.063  2.714   -4.299  1.00 25.31 ? 76  ILE B N     1 
ATOM   1076 C CA    . ILE B 1 59 ? -3.701  3.493   -3.245  1.00 22.59 ? 76  ILE B CA    1 
ATOM   1077 C C     . ILE B 1 59 ? -4.752  4.426   -3.836  1.00 27.90 ? 76  ILE B C     1 
ATOM   1078 O O     . ILE B 1 59 ? -5.866  4.536   -3.322  1.00 30.86 ? 76  ILE B O     1 
ATOM   1079 C CB    . ILE B 1 59 ? -2.663  4.328   -2.460  1.00 27.25 ? 76  ILE B CB    1 
ATOM   1080 C CG1   . ILE B 1 59 ? -1.826  3.432   -1.544  1.00 23.38 ? 76  ILE B CG1   1 
ATOM   1081 C CG2   . ILE B 1 59 ? -3.338  5.455   -1.689  1.00 29.41 ? 76  ILE B CG2   1 
ATOM   1082 C CD1   . ILE B 1 59 ? -2.603  2.817   -0.410  1.00 28.13 ? 76  ILE B CD1   1 
ATOM   1083 N N     . SER B 1 60 ? -4.386  5.087   -4.930  1.00 28.29 ? 77  SER B N     1 
ATOM   1084 C CA    . SER B 1 60 ? -5.257  6.056   -5.584  1.00 28.34 ? 77  SER B CA    1 
ATOM   1085 C C     . SER B 1 60 ? -6.454  5.410   -6.281  1.00 27.37 ? 77  SER B C     1 
ATOM   1086 O O     . SER B 1 60 ? -7.553  5.967   -6.287  1.00 21.74 ? 77  SER B O     1 
ATOM   1087 C CB    . SER B 1 60 ? -4.460  6.876   -6.598  1.00 28.06 ? 77  SER B CB    1 
ATOM   1088 O OG    . SER B 1 60 ? -3.478  7.667   -5.954  1.00 30.29 ? 77  SER B OG    1 
ATOM   1089 N N     . LEU B 1 61 ? -6.238  4.238   -6.869  1.00 26.53 ? 78  LEU B N     1 
ATOM   1090 C CA    . LEU B 1 61 ? -7.274  3.586   -7.666  1.00 21.43 ? 78  LEU B CA    1 
ATOM   1091 C C     . LEU B 1 61 ? -8.035  2.497   -6.907  1.00 24.72 ? 78  LEU B C     1 
ATOM   1092 O O     . LEU B 1 61 ? -8.894  1.828   -7.482  1.00 23.22 ? 78  LEU B O     1 
ATOM   1093 C CB    . LEU B 1 61 ? -6.660  2.999   -8.940  1.00 17.49 ? 78  LEU B CB    1 
ATOM   1094 C CG    . LEU B 1 61 ? -6.189  3.999   -10.001 1.00 27.25 ? 78  LEU B CG    1 
ATOM   1095 C CD1   . LEU B 1 61 ? -5.453  3.282   -11.123 1.00 22.17 ? 78  LEU B CD1   1 
ATOM   1096 C CD2   . LEU B 1 61 ? -7.355  4.818   -10.551 1.00 24.29 ? 78  LEU B CD2   1 
ATOM   1097 N N     . GLN B 1 62 ? -7.713  2.308   -5.629  1.00 26.85 ? 79  GLN B N     1 
ATOM   1098 C CA    . GLN B 1 62 ? -8.407  1.316   -4.808  1.00 21.31 ? 79  GLN B CA    1 
ATOM   1099 C C     . GLN B 1 62 ? -9.883  1.661   -4.611  1.00 20.75 ? 79  GLN B C     1 
ATOM   1100 O O     . GLN B 1 62 ? -10.215 2.671   -3.987  1.00 22.88 ? 79  GLN B O     1 
ATOM   1101 C CB    . GLN B 1 62 ? -7.724  1.175   -3.443  1.00 24.36 ? 79  GLN B CB    1 
ATOM   1102 C CG    . GLN B 1 62 ? -8.209  -0.014  -2.623  1.00 17.72 ? 79  GLN B CG    1 
ATOM   1103 C CD    . GLN B 1 62 ? -7.822  -1.346  -3.232  1.00 20.60 ? 79  GLN B CD    1 
ATOM   1104 O OE1   . GLN B 1 62 ? -8.592  -1.950  -3.979  1.00 22.44 ? 79  GLN B OE1   1 
ATOM   1105 N NE2   . GLN B 1 62 ? -6.625  -1.815  -2.909  1.00 17.76 ? 79  GLN B NE2   1 
ATOM   1106 N N     . GLY B 1 63 ? -10.765 0.818   -5.140  1.00 22.19 ? 80  GLY B N     1 
ATOM   1107 C CA    . GLY B 1 63 ? -12.197 1.022   -4.990  1.00 24.40 ? 80  GLY B CA    1 
ATOM   1108 C C     . GLY B 1 63 ? -12.729 2.121   -5.887  1.00 26.31 ? 80  GLY B C     1 
ATOM   1109 O O     . GLY B 1 63 ? -13.812 2.659   -5.648  1.00 30.11 ? 80  GLY B O     1 
ATOM   1110 N N     . PHE B 1 64 ? -11.963 2.451   -6.920  1.00 28.57 ? 81  PHE B N     1 
ATOM   1111 C CA    . PHE B 1 64 ? -12.311 3.541   -7.825  1.00 28.03 ? 81  PHE B CA    1 
ATOM   1112 C C     . PHE B 1 64 ? -13.617 3.287   -8.576  1.00 27.68 ? 81  PHE B C     1 
ATOM   1113 O O     . PHE B 1 64 ? -13.775 2.259   -9.234  1.00 25.29 ? 81  PHE B O     1 
ATOM   1114 C CB    . PHE B 1 64 ? -11.157 3.774   -8.808  1.00 21.50 ? 81  PHE B CB    1 
ATOM   1115 C CG    . PHE B 1 64 ? -11.449 4.797   -9.867  1.00 27.80 ? 81  PHE B CG    1 
ATOM   1116 C CD1   . PHE B 1 64 ? -11.369 6.146   -9.579  1.00 31.92 ? 81  PHE B CD1   1 
ATOM   1117 C CD2   . PHE B 1 64 ? -11.764 4.410   -11.160 1.00 24.24 ? 81  PHE B CD2   1 
ATOM   1118 C CE1   . PHE B 1 64 ? -11.627 7.092   -10.550 1.00 25.66 ? 81  PHE B CE1   1 
ATOM   1119 C CE2   . PHE B 1 64 ? -12.020 5.354   -12.138 1.00 30.94 ? 81  PHE B CE2   1 
ATOM   1120 C CZ    . PHE B 1 64 ? -11.950 6.698   -11.830 1.00 30.56 ? 81  PHE B CZ    1 
ATOM   1121 N N     . GLN B 1 65 ? -14.526 4.257   -8.481  1.00 27.14 ? 82  GLN B N     1 
ATOM   1122 C CA    . GLN B 1 65 ? -15.832 4.235   -9.142  1.00 34.87 ? 82  GLN B CA    1 
ATOM   1123 C C     . GLN B 1 65 ? -16.507 2.865   -9.100  1.00 33.78 ? 82  GLN B C     1 
ATOM   1124 O O     . GLN B 1 65 ? -17.710 2.756   -8.863  1.00 36.05 ? 82  GLN B O     1 
ATOM   1125 C CB    . GLN B 1 65 ? -15.697 4.703   -10.591 1.00 31.97 ? 82  GLN B CB    1 
ATOM   1126 C CG    . GLN B 1 65 ? -15.735 6.217   -10.749 1.00 31.21 ? 82  GLN B CG    1 
ATOM   1127 C CD    . GLN B 1 65 ? -15.969 6.656   -12.184 1.00 39.02 ? 82  GLN B CD    1 
ATOM   1128 O OE1   . GLN B 1 65 ? -15.538 5.991   -13.128 1.00 31.90 ? 82  GLN B OE1   1 
ATOM   1129 N NE2   . GLN B 1 65 ? -16.653 7.784   -12.354 1.00 44.58 ? 82  GLN B NE2   1 
ATOM   1130 N N     . THR B 1 67 ? -16.453 -0.085  -13.993 1.00 44.93 ? 84  THR B N     1 
ATOM   1131 C CA    . THR B 1 67 ? -16.421 -1.302  -13.193 1.00 31.72 ? 84  THR B CA    1 
ATOM   1132 C C     . THR B 1 67 ? -17.202 -2.411  -13.899 1.00 35.98 ? 84  THR B C     1 
ATOM   1133 O O     . THR B 1 67 ? -17.785 -2.185  -14.958 1.00 33.70 ? 84  THR B O     1 
ATOM   1134 C CB    . THR B 1 67 ? -16.988 -1.060  -11.783 1.00 32.82 ? 84  THR B CB    1 
ATOM   1135 O OG1   . THR B 1 67 ? -18.244 -0.380  -11.879 1.00 40.10 ? 84  THR B OG1   1 
ATOM   1136 C CG2   . THR B 1 67 ? -16.027 -0.204  -10.976 1.00 29.15 ? 84  THR B CG2   1 
ATOM   1137 N N     . ALA B 1 68 ? -17.224 -3.602  -13.312 1.00 38.36 ? 85  ALA B N     1 
ATOM   1138 C CA    . ALA B 1 68 ? -17.797 -4.763  -13.987 1.00 39.96 ? 85  ALA B CA    1 
ATOM   1139 C C     . ALA B 1 68 ? -19.148 -5.194  -13.440 1.00 47.71 ? 85  ALA B C     1 
ATOM   1140 O O     . ALA B 1 68 ? -20.199 -4.746  -13.897 1.00 59.34 ? 85  ALA B O     1 
ATOM   1141 C CB    . ALA B 1 68 ? -16.833 -5.935  -13.908 1.00 36.50 ? 85  ALA B CB    1 
ATOM   1142 N N     . ASN B 1 69 ? -19.095 -6.072  -12.449 1.00 51.25 ? 86  ASN B N     1 
ATOM   1143 C CA    . ASN B 1 69 ? -20.278 -6.638  -11.821 1.00 49.13 ? 86  ASN B CA    1 
ATOM   1144 C C     . ASN B 1 69 ? -20.593 -5.992  -10.476 1.00 45.33 ? 86  ASN B C     1 
ATOM   1145 O O     . ASN B 1 69 ? -21.669 -5.438  -10.260 1.00 39.07 ? 86  ASN B O     1 
ATOM   1146 C CB    . ASN B 1 69 ? -20.088 -8.145  -11.621 1.00 45.32 ? 86  ASN B CB    1 
ATOM   1147 C CG    . ASN B 1 69 ? -19.172 -8.768  -12.666 1.00 45.11 ? 86  ASN B CG    1 
ATOM   1148 O OD1   . ASN B 1 69 ? -19.422 -8.694  -13.869 1.00 54.41 ? 86  ASN B OD1   1 
ATOM   1149 N ND2   . ASN B 1 69 ? -18.087 -9.374  -12.200 1.00 49.70 ? 86  ASN B ND2   1 
ATOM   1150 N N     . ASP B 1 70 ? -19.628 -6.093  -9.573  1.00 44.17 ? 87  ASP B N     1 
ATOM   1151 C CA    . ASP B 1 70 ? -19.821 -5.821  -8.160  1.00 38.75 ? 87  ASP B CA    1 
ATOM   1152 C C     . ASP B 1 70 ? -19.839 -4.334  -7.757  1.00 39.59 ? 87  ASP B C     1 
ATOM   1153 O O     . ASP B 1 70 ? -19.435 -3.455  -8.520  1.00 38.23 ? 87  ASP B O     1 
ATOM   1154 C CB    . ASP B 1 70 ? -18.713 -6.547  -7.398  1.00 38.48 ? 87  ASP B CB    1 
ATOM   1155 C CG    . ASP B 1 70 ? -18.702 -8.042  -7.675  1.00 37.69 ? 87  ASP B CG    1 
ATOM   1156 O OD1   . ASP B 1 70 ? -19.718 -8.563  -8.185  1.00 38.51 ? 87  ASP B OD1   1 
ATOM   1157 O OD2   . ASP B 1 70 ? -17.672 -8.696  -7.407  1.00 36.23 ? 87  ASP B OD2   1 
ATOM   1158 N N     . ARG B 1 71 ? -20.479 -4.131  -6.656  1.00 38.69 ? 88  ARG B N     1 
ATOM   1159 C CA    . ARG B 1 71 ? -20.744 -2.864  -6.197  1.00 37.71 ? 88  ARG B CA    1 
ATOM   1160 C C     . ARG B 1 71 ? -19.802 -2.577  -5.133  1.00 45.15 ? 88  ARG B C     1 
ATOM   1161 O O     . ARG B 1 71 ? -20.136 -2.770  -4.000  1.00 55.36 ? 88  ARG B O     1 
ATOM   1162 C CB    . ARG B 1 71 ? -22.199 -2.908  -5.734  1.00 43.14 ? 88  ARG B CB    1 
ATOM   1163 C CG    . ARG B 1 71 ? -22.655 -2.018  -4.623  1.00 44.69 ? 88  ARG B CG    1 
ATOM   1164 C CD    . ARG B 1 71 ? -24.046 -2.424  -4.193  1.00 45.98 ? 88  ARG B CD    1 
ATOM   1165 N NE    . ARG B 1 71 ? -24.180 -2.534  -2.751  1.00 48.74 ? 88  ARG B NE    1 
ATOM   1166 C CZ    . ARG B 1 71 ? -25.011 -3.385  -2.157  1.00 59.83 ? 88  ARG B CZ    1 
ATOM   1167 N NH1   . ARG B 1 71 ? -25.092 -3.435  -0.841  1.00 67.71 ? 88  ARG B NH1   1 
ATOM   1168 N NH2   . ARG B 1 71 ? -25.764 -4.206  -2.874  1.00 49.36 ? 88  ARG B NH2   1 
ATOM   1169 N N     . GLY B 1 72 ? -18.616 -2.113  -5.495  1.00 46.33 ? 89  GLY B N     1 
ATOM   1170 C CA    . GLY B 1 72 ? -17.604 -1.747  -4.530  1.00 48.13 ? 89  GLY B CA    1 
ATOM   1171 C C     . GLY B 1 72 ? -16.399 -1.039  -5.112  1.00 30.43 ? 89  GLY B C     1 
ATOM   1172 O O     . GLY B 1 72 ? -15.583 -0.568  -4.428  1.00 38.00 ? 89  GLY B O     1 
ATOM   1173 N N     . GLY B 1 73 ? -16.336 -1.003  -6.422  1.00 30.48 ? 90  GLY B N     1 
ATOM   1174 C CA    . GLY B 1 73 ? -15.273 -0.396  -7.157  1.00 31.33 ? 90  GLY B CA    1 
ATOM   1175 C C     . GLY B 1 73 ? -14.297 -1.452  -7.527  1.00 23.64 ? 90  GLY B C     1 
ATOM   1176 O O     . GLY B 1 73 ? -14.487 -2.583  -7.241  1.00 32.64 ? 90  GLY B O     1 
ATOM   1177 N N     . LEU B 1 74 ? -13.269 -1.027  -8.207  1.00 22.60 ? 91  LEU B N     1 
ATOM   1178 C CA    . LEU B 1 74 ? -12.050 -1.745  -8.553  1.00 21.28 ? 91  LEU B CA    1 
ATOM   1179 C C     . LEU B 1 74 ? -11.377 -2.340  -7.326  1.00 21.32 ? 91  LEU B C     1 
ATOM   1180 O O     . LEU B 1 74 ? -11.233 -1.683  -6.294  1.00 21.94 ? 91  LEU B O     1 
ATOM   1181 C CB    . LEU B 1 74 ? -11.072 -0.820  -9.274  1.00 22.01 ? 91  LEU B CB    1 
ATOM   1182 C CG    . LEU B 1 74 ? -11.469 -0.394  -10.685 1.00 25.30 ? 91  LEU B CG    1 
ATOM   1183 C CD1   . LEU B 1 74 ? -10.387 0.491   -11.276 1.00 20.40 ? 91  LEU B CD1   1 
ATOM   1184 C CD2   . LEU B 1 74 ? -11.693 -1.619  -11.547 1.00 19.45 ? 91  LEU B CD2   1 
ATOM   1185 N N     . ARG B 1 75 ? -10.969 -3.595  -7.450  1.00 24.07 ? 92  ARG B N     1 
ATOM   1186 C CA    . ARG B 1 75 ? -10.216 -4.258  -6.401  1.00 23.10 ? 92  ARG B CA    1 
ATOM   1187 C C     . ARG B 1 75 ? -8.789  -4.499  -6.860  1.00 20.89 ? 92  ARG B C     1 
ATOM   1188 O O     . ARG B 1 75 ? -8.547  -5.281  -7.780  1.00 15.96 ? 92  ARG B O     1 
ATOM   1189 C CB    . ARG B 1 75 ? -10.893 -5.568  -6.011  1.00 19.15 ? 92  ARG B CB    1 
ATOM   1190 C CG    . ARG B 1 75 ? -12.254 -5.365  -5.386  1.00 23.49 ? 92  ARG B CG    1 
ATOM   1191 C CD    . ARG B 1 75 ? -12.899 -6.678  -5.006  1.00 20.94 ? 92  ARG B CD    1 
ATOM   1192 N NE    . ARG B 1 75 ? -12.944 -7.606  -6.129  1.00 24.33 ? 92  ARG B NE    1 
ATOM   1193 C CZ    . ARG B 1 75 ? -13.954 -7.687  -6.989  1.00 27.80 ? 92  ARG B CZ    1 
ATOM   1194 N NH1   . ARG B 1 75 ? -15.003 -6.885  -6.858  1.00 32.21 ? 92  ARG B NH1   1 
ATOM   1195 N NH2   . ARG B 1 75 ? -13.916 -8.565  -7.982  1.00 27.21 ? 92  ARG B NH2   1 
ATOM   1196 N N     . ILE B 1 76 ? -7.844  -3.830  -6.212  1.00 21.19 ? 93  ILE B N     1 
ATOM   1197 C CA    . ILE B 1 76 ? -6.450  -3.921  -6.615  1.00 22.38 ? 93  ILE B CA    1 
ATOM   1198 C C     . ILE B 1 76 ? -5.592  -4.540  -5.519  1.00 23.26 ? 93  ILE B C     1 
ATOM   1199 O O     . ILE B 1 76 ? -5.729  -4.203  -4.346  1.00 20.86 ? 93  ILE B O     1 
ATOM   1200 C CB    . ILE B 1 76 ? -5.888  -2.541  -6.991  1.00 19.73 ? 93  ILE B CB    1 
ATOM   1201 C CG1   . ILE B 1 76 ? -6.812  -1.853  -7.994  1.00 19.37 ? 93  ILE B CG1   1 
ATOM   1202 C CG2   . ILE B 1 76 ? -4.493  -2.670  -7.574  1.00 23.00 ? 93  ILE B CG2   1 
ATOM   1203 C CD1   . ILE B 1 76 ? -6.316  -0.502  -8.436  1.00 22.78 ? 93  ILE B CD1   1 
ATOM   1204 N N     . GLU B 1 77 ? -4.737  -5.476  -5.918  1.00 23.15 ? 94  GLU B N     1 
ATOM   1205 C CA    . GLU B 1 77 ? -3.773  -6.102  -5.020  1.00 22.55 ? 94  GLU B CA    1 
ATOM   1206 C C     . GLU B 1 77 ? -2.387  -6.081  -5.657  1.00 24.66 ? 94  GLU B C     1 
ATOM   1207 O O     . GLU B 1 77 ? -2.255  -5.816  -6.852  1.00 22.83 ? 94  GLU B O     1 
ATOM   1208 C CB    . GLU B 1 77 ? -4.181  -7.542  -4.710  1.00 22.67 ? 94  GLU B CB    1 
ATOM   1209 C CG    . GLU B 1 77 ? -5.594  -7.705  -4.184  1.00 23.21 ? 94  GLU B CG    1 
ATOM   1210 C CD    . GLU B 1 77 ? -5.991  -9.163  -4.057  1.00 25.43 ? 94  GLU B CD    1 
ATOM   1211 O OE1   . GLU B 1 77 ? -5.145  -10.034 -4.353  1.00 30.06 ? 94  GLU B OE1   1 
ATOM   1212 O OE2   . GLU B 1 77 ? -7.149  -9.441  -3.675  1.00 19.70 ? 94  GLU B OE2   1 
ATOM   1213 N N     . TYR B 1 78 ? -1.353  -6.357  -4.866  1.00 20.63 ? 95  TYR B N     1 
ATOM   1214 C CA    . TYR B 1 78 ? -0.058  -6.677  -5.452  1.00 20.41 ? 95  TYR B CA    1 
ATOM   1215 C C     . TYR B 1 78 ? -0.175  -8.000  -6.194  1.00 22.24 ? 95  TYR B C     1 
ATOM   1216 O O     . TYR B 1 78 ? -0.773  -8.948  -5.682  1.00 26.51 ? 95  TYR B O     1 
ATOM   1217 C CB    . TYR B 1 78 ? 1.046   -6.777  -4.395  1.00 22.98 ? 95  TYR B CB    1 
ATOM   1218 C CG    . TYR B 1 78 ? 1.476   -5.476  -3.752  1.00 20.70 ? 95  TYR B CG    1 
ATOM   1219 C CD1   . TYR B 1 78 ? 2.144   -4.502  -4.486  1.00 23.10 ? 95  TYR B CD1   1 
ATOM   1220 C CD2   . TYR B 1 78 ? 1.264   -5.246  -2.398  1.00 19.44 ? 95  TYR B CD2   1 
ATOM   1221 C CE1   . TYR B 1 78 ? 2.557   -3.320  -3.895  1.00 22.53 ? 95  TYR B CE1   1 
ATOM   1222 C CE2   . TYR B 1 78 ? 1.674   -4.069  -1.800  1.00 25.42 ? 95  TYR B CE2   1 
ATOM   1223 C CZ    . TYR B 1 78 ? 2.321   -3.109  -2.552  1.00 25.35 ? 95  TYR B CZ    1 
ATOM   1224 O OH    . TYR B 1 78 ? 2.730   -1.938  -1.958  1.00 25.63 ? 95  TYR B OH    1 
ATOM   1225 N N     . ALA B 1 79 ? 0.372   -8.065  -7.403  1.00 23.93 ? 96  ALA B N     1 
ATOM   1226 C CA    . ALA B 1 79 ? 0.406   -9.324  -8.136  1.00 28.93 ? 96  ALA B CA    1 
ATOM   1227 C C     . ALA B 1 79 ? 1.375   -10.276 -7.439  1.00 29.83 ? 96  ALA B C     1 
ATOM   1228 O O     . ALA B 1 79 ? 2.337   -9.838  -6.806  1.00 32.10 ? 96  ALA B O     1 
ATOM   1229 C CB    . ALA B 1 79 ? 0.808   -9.100  -9.584  1.00 25.27 ? 96  ALA B CB    1 
ATOM   1230 N N     . ARG B 1 80 ? 1.124   -11.574 -7.557  1.00 28.62 ? 97  ARG B N     1 
ATOM   1231 C CA    . ARG B 1 80 ? 1.954   -12.568 -6.885  1.00 31.21 ? 97  ARG B CA    1 
ATOM   1232 C C     . ARG B 1 80 ? 3.308   -12.722 -7.566  1.00 37.10 ? 97  ARG B C     1 
ATOM   1233 O O     . ARG B 1 80 ? 4.311   -13.009 -6.918  1.00 40.27 ? 97  ARG B O     1 
ATOM   1234 C CB    . ARG B 1 80 ? 1.234   -13.916 -6.838  1.00 31.30 ? 97  ARG B CB    1 
ATOM   1235 C CG    . ARG B 1 80 ? -0.007  -13.924 -5.967  1.00 32.89 ? 97  ARG B CG    1 
ATOM   1236 C CD    . ARG B 1 80 ? -0.567  -15.329 -5.841  1.00 32.37 ? 97  ARG B CD    1 
ATOM   1237 N NE    . ARG B 1 80 ? -1.877  -15.343 -5.200  1.00 41.54 ? 97  ARG B NE    1 
ATOM   1238 C CZ    . ARG B 1 80 ? -3.024  -15.509 -5.849  1.00 34.14 ? 97  ARG B CZ    1 
ATOM   1239 N NH1   . ARG B 1 80 ? -3.031  -15.671 -7.166  1.00 31.67 ? 97  ARG B NH1   1 
ATOM   1240 N NH2   . ARG B 1 80 ? -4.169  -15.510 -5.182  1.00 39.35 ? 97  ARG B NH2   1 
ATOM   1241 N N     . ASN B 1 81 ? 3.331   -12.514 -8.878  1.00 35.97 ? 98  ASN B N     1 
ATOM   1242 C CA    . ASN B 1 81 ? 4.553   -12.654 -9.654  1.00 35.53 ? 98  ASN B CA    1 
ATOM   1243 C C     . ASN B 1 81 ? 4.770   -11.441 -10.547 1.00 38.50 ? 98  ASN B C     1 
ATOM   1244 O O     . ASN B 1 81 ? 3.814   -10.764 -10.930 1.00 40.92 ? 98  ASN B O     1 
ATOM   1245 C CB    . ASN B 1 81 ? 4.507   -13.935 -10.489 1.00 36.86 ? 98  ASN B CB    1 
ATOM   1246 C CG    . ASN B 1 81 ? 4.300   -15.176 -9.639  1.00 34.90 ? 98  ASN B CG    1 
ATOM   1247 O OD1   . ASN B 1 81 ? 4.963   -15.357 -8.619  1.00 31.86 ? 98  ASN B OD1   1 
ATOM   1248 N ND2   . ASN B 1 81 ? 3.368   -16.032 -10.050 1.00 35.51 ? 98  ASN B ND2   1 
ATOM   1249 N N     . LYS B 1 82 ? 6.029   -11.163 -10.868 1.00 42.73 ? 99  LYS B N     1 
ATOM   1250 C CA    . LYS B 1 82 ? 6.357   -10.070 -11.776 1.00 42.69 ? 99  LYS B CA    1 
ATOM   1251 C C     . LYS B 1 82 ? 5.809   -10.341 -13.175 1.00 34.88 ? 99  LYS B C     1 
ATOM   1252 O O     . LYS B 1 82 ? 5.618   -11.492 -13.560 1.00 34.21 ? 99  LYS B O     1 
ATOM   1253 C CB    . LYS B 1 82 ? 7.873   -9.865  -11.850 1.00 42.92 ? 99  LYS B CB    1 
ATOM   1254 C CG    . LYS B 1 82 ? 8.556   -9.618  -10.513 1.00 52.03 ? 99  LYS B CG    1 
ATOM   1255 C CD    . LYS B 1 82 ? 10.040  -9.306  -10.682 1.00 56.72 ? 99  LYS B CD    1 
ATOM   1256 C CE    . LYS B 1 82 ? 10.594  -9.865  -11.990 1.00 61.65 ? 99  LYS B CE    1 
ATOM   1257 N NZ    . LYS B 1 82 ? 11.447  -11.072 -11.774 1.00 60.13 ? 99  LYS B NZ    1 
ATOM   1258 N N     . MET B 1 83 ? 5.543   -9.277  -13.927 1.00 45.39 ? 100 MET B N     1 
ATOM   1259 C CA    . MET B 1 83 ? 5.191   -9.412  -15.334 1.00 46.44 ? 100 MET B CA    1 
ATOM   1260 C C     . MET B 1 83 ? 6.421   -9.835  -16.133 1.00 46.82 ? 100 MET B C     1 
ATOM   1261 O O     . MET B 1 83 ? 7.504   -9.280  -15.944 1.00 41.02 ? 100 MET B O     1 
ATOM   1262 C CB    . MET B 1 83 ? 4.618   -8.102  -15.878 1.00 35.69 ? 100 MET B CB    1 
ATOM   1263 C CG    . MET B 1 83 ? 4.075   -8.211  -17.290 1.00 38.02 ? 100 MET B CG    1 
ATOM   1264 S SD    . MET B 1 83 ? 3.347   -6.681  -17.900 1.00 34.88 ? 100 MET B SD    1 
ATOM   1265 C CE    . MET B 1 83 ? 2.020   -6.447  -16.722 1.00 31.35 ? 100 MET B CE    1 
ATOM   1266 N N     . ALA B 1 84 ? 6.248   -10.820 -17.011 1.00 45.49 ? 101 ALA B N     1 
ATOM   1267 C CA    . ALA B 1 84 ? 7.348   -11.351 -17.813 1.00 46.42 ? 101 ALA B CA    1 
ATOM   1268 C C     . ALA B 1 84 ? 8.063   -10.255 -18.599 1.00 52.11 ? 101 ALA B C     1 
ATOM   1269 O O     . ALA B 1 84 ? 7.455   -9.257  -18.987 1.00 51.20 ? 101 ALA B O     1 
ATOM   1270 C CB    . ALA B 1 84 ? 6.838   -12.426 -18.757 1.00 44.45 ? 101 ALA B CB    1 
ATOM   1271 N N     . ASP B 1 85 ? 9.359   -10.450 -18.817 1.00 55.18 ? 102 ASP B N     1 
ATOM   1272 C CA    . ASP B 1 85 ? 10.174  -9.503  -19.567 1.00 57.18 ? 102 ASP B CA    1 
ATOM   1273 C C     . ASP B 1 85 ? 9.674   -9.346  -20.999 1.00 54.75 ? 102 ASP B C     1 
ATOM   1274 O O     . ASP B 1 85 ? 9.344   -10.331 -21.660 1.00 63.05 ? 102 ASP B O     1 
ATOM   1275 C CB    . ASP B 1 85 ? 11.637  -9.949  -19.571 1.00 62.43 ? 102 ASP B CB    1 
ATOM   1276 C CG    . ASP B 1 85 ? 12.326  -9.707  -18.243 1.00 67.42 ? 102 ASP B CG    1 
ATOM   1277 O OD1   . ASP B 1 85 ? 11.697  -9.107  -17.345 1.00 61.27 ? 102 ASP B OD1   1 
ATOM   1278 O OD2   . ASP B 1 85 ? 13.493  -10.126 -18.095 1.00 67.91 ? 102 ASP B OD2   1 
ATOM   1279 O "O5'" . DA  C 2 1  ? -11.318 -12.816 -0.980  1.00 37.51 ? 0   DA  C "O5'" 1 
ATOM   1280 C "C5'" . DA  C 2 1  ? -12.361 -13.787 -0.996  1.00 33.50 ? 0   DA  C "C5'" 1 
ATOM   1281 C "C4'" . DA  C 2 1  ? -12.135 -14.829 -2.080  1.00 31.78 ? 0   DA  C "C4'" 1 
ATOM   1282 O "O4'" . DA  C 2 1  ? -13.090 -14.658 -3.155  1.00 30.68 ? 0   DA  C "O4'" 1 
ATOM   1283 C "C3'" . DA  C 2 1  ? -10.782 -14.792 -2.768  1.00 31.52 ? 0   DA  C "C3'" 1 
ATOM   1284 O "O3'" . DA  C 2 1  ? -10.529 -16.078 -3.316  1.00 35.99 ? 0   DA  C "O3'" 1 
ATOM   1285 C "C2'" . DA  C 2 1  ? -11.006 -13.746 -3.871  1.00 29.03 ? 0   DA  C "C2'" 1 
ATOM   1286 C "C1'" . DA  C 2 1  ? -12.474 -13.987 -4.246  1.00 30.69 ? 0   DA  C "C1'" 1 
ATOM   1287 N N9    . DA  C 2 1  ? -13.264 -12.795 -4.587  1.00 28.28 ? 0   DA  C N9    1 
ATOM   1288 C C8    . DA  C 2 1  ? -14.055 -12.642 -5.691  1.00 29.30 ? 0   DA  C C8    1 
ATOM   1289 N N7    . DA  C 2 1  ? -14.679 -11.491 -5.747  1.00 25.55 ? 0   DA  C N7    1 
ATOM   1290 C C5    . DA  C 2 1  ? -14.281 -10.841 -4.594  1.00 25.26 ? 0   DA  C C5    1 
ATOM   1291 C C6    . DA  C 2 1  ? -14.595 -9.575  -4.064  1.00 27.43 ? 0   DA  C C6    1 
ATOM   1292 N N6    . DA  C 2 1  ? -15.424 -8.714  -4.659  1.00 32.55 ? 0   DA  C N6    1 
ATOM   1293 N N1    . DA  C 2 1  ? -14.028 -9.229  -2.893  1.00 26.28 ? 0   DA  C N1    1 
ATOM   1294 C C2    . DA  C 2 1  ? -13.203 -10.094 -2.297  1.00 26.88 ? 0   DA  C C2    1 
ATOM   1295 N N3    . DA  C 2 1  ? -12.832 -11.309 -2.697  1.00 25.85 ? 0   DA  C N3    1 
ATOM   1296 C C4    . DA  C 2 1  ? -13.412 -11.630 -3.860  1.00 27.18 ? 0   DA  C C4    1 
ATOM   1297 P P     . DG  C 2 2  ? -9.108  -16.450 -3.964  1.00 31.83 ? 1   DG  C P     1 
ATOM   1298 O OP1   . DG  C 2 2  ? -8.984  -17.923 -3.912  1.00 37.21 ? 1   DG  C OP1   1 
ATOM   1299 O OP2   . DG  C 2 2  ? -8.056  -15.600 -3.360  1.00 30.76 ? 1   DG  C OP2   1 
ATOM   1300 O "O5'" . DG  C 2 2  ? -9.304  -16.056 -5.496  1.00 26.44 ? 1   DG  C "O5'" 1 
ATOM   1301 C "C5'" . DG  C 2 2  ? -10.144 -16.843 -6.323  1.00 25.33 ? 1   DG  C "C5'" 1 
ATOM   1302 C "C4'" . DG  C 2 2  ? -10.371 -16.150 -7.649  1.00 24.03 ? 1   DG  C "C4'" 1 
ATOM   1303 O "O4'" . DG  C 2 2  ? -11.244 -15.024 -7.454  1.00 23.10 ? 1   DG  C "O4'" 1 
ATOM   1304 C "C3'" . DG  C 2 2  ? -9.124  -15.551 -8.264  1.00 22.34 ? 1   DG  C "C3'" 1 
ATOM   1305 O "O3'" . DG  C 2 2  ? -8.456  -16.534 -9.036  1.00 22.42 ? 1   DG  C "O3'" 1 
ATOM   1306 C "C2'" . DG  C 2 2  ? -9.676  -14.419 -9.142  1.00 24.39 ? 1   DG  C "C2'" 1 
ATOM   1307 C "C1'" . DG  C 2 2  ? -11.037 -14.102 -8.503  1.00 24.77 ? 1   DG  C "C1'" 1 
ATOM   1308 N N9    . DG  C 2 2  ? -11.155 -12.741 -7.971  1.00 22.99 ? 1   DG  C N9    1 
ATOM   1309 C C8    . DG  C 2 2  ? -12.152 -11.837 -8.246  1.00 23.81 ? 1   DG  C C8    1 
ATOM   1310 N N7    . DG  C 2 2  ? -12.012 -10.701 -7.625  1.00 22.58 ? 1   DG  C N7    1 
ATOM   1311 C C5    . DG  C 2 2  ? -10.852 -10.857 -6.881  1.00 23.25 ? 1   DG  C C5    1 
ATOM   1312 C C6    . DG  C 2 2  ? -10.202 -9.952  -6.009  1.00 23.73 ? 1   DG  C C6    1 
ATOM   1313 O O6    . DG  C 2 2  ? -10.540 -8.797  -5.713  1.00 25.71 ? 1   DG  C O6    1 
ATOM   1314 N N1    . DG  C 2 2  ? -9.054  -10.505 -5.452  1.00 23.68 ? 1   DG  C N1    1 
ATOM   1315 C C2    . DG  C 2 2  ? -8.589  -11.773 -5.710  1.00 27.36 ? 1   DG  C C2    1 
ATOM   1316 N N2    . DG  C 2 2  ? -7.460  -12.130 -5.080  1.00 25.16 ? 1   DG  C N2    1 
ATOM   1317 N N3    . DG  C 2 2  ? -9.186  -12.632 -6.526  1.00 23.79 ? 1   DG  C N3    1 
ATOM   1318 C C4    . DG  C 2 2  ? -10.311 -12.110 -7.077  1.00 20.68 ? 1   DG  C C4    1 
ATOM   1319 P P     . DC  C 2 3  ? -6.853  -16.614 -9.015  1.00 25.35 ? 2   DC  C P     1 
ATOM   1320 O OP1   . DC  C 2 3  ? -6.446  -17.696 -9.939  1.00 29.64 ? 2   DC  C OP1   1 
ATOM   1321 O OP2   . DC  C 2 3  ? -6.416  -16.658 -7.600  1.00 22.03 ? 2   DC  C OP2   1 
ATOM   1322 O "O5'" . DC  C 2 3  ? -6.406  -15.228 -9.668  1.00 25.46 ? 2   DC  C "O5'" 1 
ATOM   1323 C "C5'" . DC  C 2 3  ? -6.644  -14.999 -11.049 1.00 25.78 ? 2   DC  C "C5'" 1 
ATOM   1324 C "C4'" . DC  C 2 3  ? -5.350  -14.713 -11.785 1.00 27.98 ? 2   DC  C "C4'" 1 
ATOM   1325 O "O4'" . DC  C 2 3  ? -4.746  -13.503 -11.264 1.00 31.71 ? 2   DC  C "O4'" 1 
ATOM   1326 C "C3'" . DC  C 2 3  ? -4.291  -15.802 -11.666 1.00 28.76 ? 2   DC  C "C3'" 1 
ATOM   1327 O "O3'" . DC  C 2 3  ? -3.543  -15.864 -12.861 1.00 38.88 ? 2   DC  C "O3'" 1 
ATOM   1328 C "C2'" . DC  C 2 3  ? -3.438  -15.307 -10.501 1.00 28.09 ? 2   DC  C "C2'" 1 
ATOM   1329 C "C1'" . DC  C 2 3  ? -3.483  -13.797 -10.704 1.00 28.28 ? 2   DC  C "C1'" 1 
ATOM   1330 N N1    . DC  C 2 3  ? -3.339  -13.016 -9.445  1.00 24.73 ? 2   DC  C N1    1 
ATOM   1331 C C2    . DC  C 2 3  ? -2.097  -12.467 -9.111  1.00 27.78 ? 2   DC  C C2    1 
ATOM   1332 O O2    . DC  C 2 3  ? -1.134  -12.651 -9.865  1.00 32.30 ? 2   DC  C O2    1 
ATOM   1333 N N3    . DC  C 2 3  ? -1.982  -11.754 -7.963  1.00 27.27 ? 2   DC  C N3    1 
ATOM   1334 C C4    . DC  C 2 3  ? -3.044  -11.582 -7.175  1.00 25.96 ? 2   DC  C C4    1 
ATOM   1335 N N4    . DC  C 2 3  ? -2.881  -10.872 -6.053  1.00 24.77 ? 2   DC  C N4    1 
ATOM   1336 C C5    . DC  C 2 3  ? -4.320  -12.131 -7.500  1.00 19.68 ? 2   DC  C C5    1 
ATOM   1337 C C6    . DC  C 2 3  ? -4.421  -12.831 -8.634  1.00 20.17 ? 2   DC  C C6    1 
ATOM   1338 P P     . DA  C 2 4  ? -3.299  -17.274 -13.593 1.00 40.16 ? 3   DA  C P     1 
ATOM   1339 O OP1   . DA  C 2 4  ? -4.557  -18.049 -13.492 1.00 42.38 ? 3   DA  C OP1   1 
ATOM   1340 O OP2   . DA  C 2 4  ? -2.036  -17.856 -13.084 1.00 40.94 ? 3   DA  C OP2   1 
ATOM   1341 O "O5'" . DA  C 2 4  ? -3.065  -16.851 -15.114 1.00 40.15 ? 3   DA  C "O5'" 1 
ATOM   1342 C "C5'" . DA  C 2 4  ? -4.072  -16.122 -15.804 1.00 37.40 ? 3   DA  C "C5'" 1 
ATOM   1343 C "C4'" . DA  C 2 4  ? -3.486  -15.374 -16.988 1.00 41.32 ? 3   DA  C "C4'" 1 
ATOM   1344 O "O4'" . DA  C 2 4  ? -2.816  -14.172 -16.522 1.00 40.61 ? 3   DA  C "O4'" 1 
ATOM   1345 C "C3'" . DA  C 2 4  ? -2.454  -16.154 -17.793 1.00 46.08 ? 3   DA  C "C3'" 1 
ATOM   1346 O "O3'" . DA  C 2 4  ? -2.619  -15.891 -19.179 1.00 55.92 ? 3   DA  C "O3'" 1 
ATOM   1347 C "C2'" . DA  C 2 4  ? -1.120  -15.620 -17.269 1.00 43.67 ? 3   DA  C "C2'" 1 
ATOM   1348 C "C1'" . DA  C 2 4  ? -1.467  -14.173 -16.940 1.00 39.06 ? 3   DA  C "C1'" 1 
ATOM   1349 N N9    . DA  C 2 4  ? -0.654  -13.606 -15.865 1.00 37.02 ? 3   DA  C N9    1 
ATOM   1350 C C8    . DA  C 2 4  ? -0.469  -14.121 -14.613 1.00 37.02 ? 3   DA  C C8    1 
ATOM   1351 N N7    . DA  C 2 4  ? 0.312   -13.393 -13.849 1.00 35.05 ? 3   DA  C N7    1 
ATOM   1352 C C5    . DA  C 2 4  ? 0.663   -12.323 -14.656 1.00 30.74 ? 3   DA  C C5    1 
ATOM   1353 C C6    . DA  C 2 4  ? 1.477   -11.196 -14.434 1.00 33.46 ? 3   DA  C C6    1 
ATOM   1354 N N6    . DA  C 2 4  ? 2.105   -10.957 -13.278 1.00 32.05 ? 3   DA  C N6    1 
ATOM   1355 N N1    . DA  C 2 4  ? 1.621   -10.317 -15.450 1.00 34.05 ? 3   DA  C N1    1 
ATOM   1356 C C2    . DA  C 2 4  ? 0.989   -10.559 -16.605 1.00 36.56 ? 3   DA  C C2    1 
ATOM   1357 N N3    . DA  C 2 4  ? 0.198   -11.583 -16.930 1.00 37.97 ? 3   DA  C N3    1 
ATOM   1358 C C4    . DA  C 2 4  ? 0.075   -12.437 -15.902 1.00 33.83 ? 3   DA  C C4    1 
ATOM   1359 P P     . DC  C 2 5  ? -2.016  -16.913 -20.260 1.00 61.54 ? 4   DC  C P     1 
ATOM   1360 O OP1   . DC  C 2 5  ? -2.952  -16.971 -21.404 1.00 48.86 ? 4   DC  C OP1   1 
ATOM   1361 O OP2   . DC  C 2 5  ? -1.652  -18.154 -19.539 1.00 55.50 ? 4   DC  C OP2   1 
ATOM   1362 O "O5'" . DC  C 2 5  ? -0.669  -16.206 -20.745 1.00 49.30 ? 4   DC  C "O5'" 1 
ATOM   1363 C "C5'" . DC  C 2 5  ? -0.732  -14.987 -21.469 1.00 46.56 ? 4   DC  C "C5'" 1 
ATOM   1364 C "C4'" . DC  C 2 5  ? 0.623   -14.309 -21.480 1.00 44.66 ? 4   DC  C "C4'" 1 
ATOM   1365 O "O4'" . DC  C 2 5  ? 0.944   -13.850 -20.153 1.00 40.15 ? 4   DC  C "O4'" 1 
ATOM   1366 C "C3'" . DC  C 2 5  ? 1.783   -15.214 -21.905 1.00 53.71 ? 4   DC  C "C3'" 1 
ATOM   1367 O "O3'" . DC  C 2 5  ? 2.300   -14.792 -23.158 1.00 61.43 ? 4   DC  C "O3'" 1 
ATOM   1368 C "C2'" . DC  C 2 5  ? 2.827   -15.057 -20.782 1.00 50.97 ? 4   DC  C "C2'" 1 
ATOM   1369 C "C1'" . DC  C 2 5  ? 2.335   -13.830 -20.027 1.00 42.54 ? 4   DC  C "C1'" 1 
ATOM   1370 N N1    . DC  C 2 5  ? 2.678   -13.845 -18.578 1.00 42.71 ? 4   DC  C N1    1 
ATOM   1371 C C2    . DC  C 2 5  ? 3.380   -12.771 -18.024 1.00 41.47 ? 4   DC  C C2    1 
ATOM   1372 O O2    . DC  C 2 5  ? 3.701   -11.823 -18.751 1.00 40.41 ? 4   DC  C O2    1 
ATOM   1373 N N3    . DC  C 2 5  ? 3.684   -12.797 -16.703 1.00 40.18 ? 4   DC  C N3    1 
ATOM   1374 C C4    . DC  C 2 5  ? 3.318   -13.839 -15.954 1.00 35.77 ? 4   DC  C C4    1 
ATOM   1375 N N4    . DC  C 2 5  ? 3.642   -13.819 -14.657 1.00 33.46 ? 4   DC  C N4    1 
ATOM   1376 C C5    . DC  C 2 5  ? 2.602   -14.944 -16.502 1.00 38.71 ? 4   DC  C C5    1 
ATOM   1377 C C6    . DC  C 2 5  ? 2.308   -14.905 -17.806 1.00 41.41 ? 4   DC  C C6    1 
ATOM   1378 P P     . DA  C 2 6  ? 2.532   -15.866 -24.333 1.00 65.79 ? 5   DA  C P     1 
ATOM   1379 O OP1   . DA  C 2 6  ? 2.136   -15.223 -25.605 1.00 55.09 ? 5   DA  C OP1   1 
ATOM   1380 O OP2   . DA  C 2 6  ? 1.891   -17.134 -23.919 1.00 60.83 ? 5   DA  C OP2   1 
ATOM   1381 O "O5'" . DA  C 2 6  ? 4.113   -16.102 -24.349 1.00 67.05 ? 5   DA  C "O5'" 1 
ATOM   1382 C "C5'" . DA  C 2 6  ? 4.829   -15.999 -25.574 1.00 75.25 ? 5   DA  C "C5'" 1 
ATOM   1383 C "C4'" . DA  C 2 6  ? 5.936   -17.039 -25.667 1.00 73.49 ? 5   DA  C "C4'" 1 
ATOM   1384 O "O4'" . DA  C 2 6  ? 6.552   -17.226 -24.367 1.00 73.25 ? 5   DA  C "O4'" 1 
ATOM   1385 C "C3'" . DA  C 2 6  ? 5.483   -18.428 -26.094 1.00 64.49 ? 5   DA  C "C3'" 1 
ATOM   1386 O "O3'" . DA  C 2 6  ? 6.554   -19.113 -26.734 1.00 58.58 ? 5   DA  C "O3'" 1 
ATOM   1387 C "C2'" . DA  C 2 6  ? 5.127   -19.081 -24.763 1.00 60.23 ? 5   DA  C "C2'" 1 
ATOM   1388 C "C1'" . DA  C 2 6  ? 6.176   -18.483 -23.826 1.00 68.66 ? 5   DA  C "C1'" 1 
ATOM   1389 N N9    . DA  C 2 6  ? 5.701   -18.294 -22.456 1.00 74.89 ? 5   DA  C N9    1 
ATOM   1390 C C8    . DA  C 2 6  ? 4.807   -19.082 -21.787 1.00 68.48 ? 5   DA  C C8    1 
ATOM   1391 N N7    . DA  C 2 6  ? 4.563   -18.684 -20.562 1.00 64.63 ? 5   DA  C N7    1 
ATOM   1392 C C5    . DA  C 2 6  ? 5.357   -17.561 -20.412 1.00 67.01 ? 5   DA  C C5    1 
ATOM   1393 C C6    . DA  C 2 6  ? 5.555   -16.678 -19.333 1.00 60.99 ? 5   DA  C C6    1 
ATOM   1394 N N6    . DA  C 2 6  ? 4.935   -16.805 -18.157 1.00 56.05 ? 5   DA  C N6    1 
ATOM   1395 N N1    . DA  C 2 6  ? 6.417   -15.656 -19.511 1.00 59.00 ? 5   DA  C N1    1 
ATOM   1396 C C2    . DA  C 2 6  ? 7.036   -15.532 -20.691 1.00 63.92 ? 5   DA  C C2    1 
ATOM   1397 N N3    . DA  C 2 6  ? 6.933   -16.298 -21.776 1.00 70.94 ? 5   DA  C N3    1 
ATOM   1398 C C4    . DA  C 2 6  ? 6.069   -17.305 -21.568 1.00 72.26 ? 5   DA  C C4    1 
ATOM   1399 O "O5'" . DA  D 2 1  ? 21.175  3.211   9.594   1.00 34.63 ? 0   DA  D "O5'" 1 
ATOM   1400 C "C5'" . DA  D 2 1  ? 22.261  3.924   10.178  1.00 33.90 ? 0   DA  D "C5'" 1 
ATOM   1401 C "C4'" . DA  D 2 1  ? 22.311  3.727   11.689  1.00 31.18 ? 0   DA  D "C4'" 1 
ATOM   1402 O "O4'" . DA  D 2 1  ? 21.917  4.948   12.345  1.00 35.86 ? 0   DA  D "O4'" 1 
ATOM   1403 C "C3'" . DA  D 2 1  ? 21.386  2.667   12.253  1.00 30.62 ? 0   DA  D "C3'" 1 
ATOM   1404 O "O3'" . DA  D 2 1  ? 21.914  2.201   13.499  1.00 34.67 ? 0   DA  D "O3'" 1 
ATOM   1405 C "C2'" . DA  D 2 1  ? 20.075  3.447   12.431  1.00 31.92 ? 0   DA  D "C2'" 1 
ATOM   1406 C "C1'" . DA  D 2 1  ? 20.561  4.871   12.742  1.00 32.18 ? 0   DA  D "C1'" 1 
ATOM   1407 N N9    . DA  D 2 1  ? 19.855  5.906   11.988  1.00 28.71 ? 0   DA  D N9    1 
ATOM   1408 C C8    . DA  D 2 1  ? 19.558  5.886   10.652  1.00 29.99 ? 0   DA  D C8    1 
ATOM   1409 N N7    . DA  D 2 1  ? 18.947  6.966   10.229  1.00 28.80 ? 0   DA  D N7    1 
ATOM   1410 C C5    . DA  D 2 1  ? 18.852  7.759   11.359  1.00 28.68 ? 0   DA  D C5    1 
ATOM   1411 C C6    . DA  D 2 1  ? 18.306  9.040   11.571  1.00 29.58 ? 0   DA  D C6    1 
ATOM   1412 N N6    . DA  D 2 1  ? 17.735  9.764   10.604  1.00 27.32 ? 0   DA  D N6    1 
ATOM   1413 N N1    . DA  D 2 1  ? 18.368  9.547   12.819  1.00 34.41 ? 0   DA  D N1    1 
ATOM   1414 C C2    . DA  D 2 1  ? 18.944  8.819   13.783  1.00 30.50 ? 0   DA  D C2    1 
ATOM   1415 N N3    . DA  D 2 1  ? 19.494  7.606   13.704  1.00 24.35 ? 0   DA  D N3    1 
ATOM   1416 C C4    . DA  D 2 1  ? 19.415  7.127   12.451  1.00 25.89 ? 0   DA  D C4    1 
ATOM   1417 P P     . DG  D 2 2  ? 21.301  0.906   14.227  1.00 27.35 ? 1   DG  D P     1 
ATOM   1418 O OP1   . DG  D 2 2  ? 22.391  0.337   15.049  1.00 37.90 ? 1   DG  D OP1   1 
ATOM   1419 O OP2   . DG  D 2 2  ? 20.621  0.066   13.215  1.00 34.93 ? 1   DG  D OP2   1 
ATOM   1420 O "O5'" . DG  D 2 2  ? 20.213  1.489   15.239  1.00 24.70 ? 1   DG  D "O5'" 1 
ATOM   1421 C "C5'" . DG  D 2 2  ? 20.647  2.136   16.429  1.00 21.56 ? 1   DG  D "C5'" 1 
ATOM   1422 C "C4'" . DG  D 2 2  ? 19.484  2.808   17.123  1.00 30.59 ? 1   DG  D "C4'" 1 
ATOM   1423 O "O4'" . DG  D 2 2  ? 19.110  3.973   16.379  1.00 28.37 ? 1   DG  D "O4'" 1 
ATOM   1424 C "C3'" . DG  D 2 2  ? 18.219  1.977   17.188  1.00 27.41 ? 1   DG  D "C3'" 1 
ATOM   1425 O "O3'" . DG  D 2 2  ? 18.244  1.140   18.346  1.00 27.56 ? 1   DG  D "O3'" 1 
ATOM   1426 C "C2'" . DG  D 2 2  ? 17.113  3.039   17.275  1.00 20.17 ? 1   DG  D "C2'" 1 
ATOM   1427 C "C1'" . DG  D 2 2  ? 17.769  4.293   16.669  1.00 26.94 ? 1   DG  D "C1'" 1 
ATOM   1428 N N9    . DG  D 2 2  ? 17.138  4.771   15.439  1.00 26.26 ? 1   DG  D N9    1 
ATOM   1429 C C8    . DG  D 2 2  ? 16.727  6.055   15.172  1.00 23.90 ? 1   DG  D C8    1 
ATOM   1430 N N7    . DG  D 2 2  ? 16.207  6.201   13.986  1.00 22.19 ? 1   DG  D N7    1 
ATOM   1431 C C5    . DG  D 2 2  ? 16.282  4.936   13.422  1.00 22.09 ? 1   DG  D C5    1 
ATOM   1432 C C6    . DG  D 2 2  ? 15.869  4.482   12.146  1.00 24.04 ? 1   DG  D C6    1 
ATOM   1433 O O6    . DG  D 2 2  ? 15.340  5.133   11.235  1.00 25.80 ? 1   DG  D O6    1 
ATOM   1434 N N1    . DG  D 2 2  ? 16.127  3.125   11.974  1.00 27.69 ? 1   DG  D N1    1 
ATOM   1435 C C2    . DG  D 2 2  ? 16.708  2.309   12.914  1.00 29.17 ? 1   DG  D C2    1 
ATOM   1436 N N2    . DG  D 2 2  ? 16.874  1.025   12.566  1.00 24.17 ? 1   DG  D N2    1 
ATOM   1437 N N3    . DG  D 2 2  ? 17.100  2.721   14.114  1.00 28.91 ? 1   DG  D N3    1 
ATOM   1438 C C4    . DG  D 2 2  ? 16.856  4.041   14.299  1.00 26.35 ? 1   DG  D C4    1 
ATOM   1439 P P     . DC  D 2 3  ? 17.702  -0.372  18.261  1.00 23.41 ? 2   DC  D P     1 
ATOM   1440 O OP1   . DC  D 2 3  ? 17.876  -0.987  19.595  1.00 26.56 ? 2   DC  D OP1   1 
ATOM   1441 O OP2   . DC  D 2 3  ? 18.323  -1.000  17.074  1.00 26.81 ? 2   DC  D OP2   1 
ATOM   1442 O "O5'" . DC  D 2 3  ? 16.138  -0.212  17.962  1.00 25.59 ? 2   DC  D "O5'" 1 
ATOM   1443 C "C5'" . DC  D 2 3  ? 15.261  0.284   18.974  1.00 25.67 ? 2   DC  D "C5'" 1 
ATOM   1444 C "C4'" . DC  D 2 3  ? 14.137  -0.702  19.260  1.00 25.55 ? 2   DC  D "C4'" 1 
ATOM   1445 O "O4'" . DC  D 2 3  ? 13.361  -0.912  18.051  1.00 21.60 ? 2   DC  D "O4'" 1 
ATOM   1446 C "C3'" . DC  D 2 3  ? 14.576  -2.090  19.714  1.00 26.14 ? 2   DC  D "C3'" 1 
ATOM   1447 O "O3'" . DC  D 2 3  ? 13.614  -2.627  20.611  1.00 29.81 ? 2   DC  D "O3'" 1 
ATOM   1448 C "C2'" . DC  D 2 3  ? 14.613  -2.873  18.407  1.00 25.98 ? 2   DC  D "C2'" 1 
ATOM   1449 C "C1'" . DC  D 2 3  ? 13.437  -2.267  17.653  1.00 24.69 ? 2   DC  D "C1'" 1 
ATOM   1450 N N1    . DC  D 2 3  ? 13.598  -2.312  16.175  1.00 26.99 ? 2   DC  D N1    1 
ATOM   1451 C C2    . DC  D 2 3  ? 12.947  -3.307  15.440  1.00 24.13 ? 2   DC  D C2    1 
ATOM   1452 O O2    . DC  D 2 3  ? 12.248  -4.135  16.036  1.00 25.79 ? 2   DC  D O2    1 
ATOM   1453 N N3    . DC  D 2 3  ? 13.103  -3.336  14.094  1.00 26.81 ? 2   DC  D N3    1 
ATOM   1454 C C4    . DC  D 2 3  ? 13.868  -2.426  13.489  1.00 22.83 ? 2   DC  D C4    1 
ATOM   1455 N N4    . DC  D 2 3  ? 13.990  -2.496  12.160  1.00 18.72 ? 2   DC  D N4    1 
ATOM   1456 C C5    . DC  D 2 3  ? 14.541  -1.405  14.221  1.00 24.28 ? 2   DC  D C5    1 
ATOM   1457 C C6    . DC  D 2 3  ? 14.381  -1.385  15.549  1.00 26.61 ? 2   DC  D C6    1 
ATOM   1458 P P     . DA  D 2 4  ? 14.079  -3.303  21.991  1.00 38.59 ? 3   DA  D P     1 
ATOM   1459 O OP1   . DA  D 2 4  ? 15.196  -2.504  22.543  1.00 36.26 ? 3   DA  D OP1   1 
ATOM   1460 O OP2   . DA  D 2 4  ? 14.266  -4.747  21.726  1.00 33.40 ? 3   DA  D OP2   1 
ATOM   1461 O "O5'" . DA  D 2 4  ? 12.803  -3.155  22.945  1.00 31.06 ? 3   DA  D "O5'" 1 
ATOM   1462 C "C5'" . DA  D 2 4  ? 12.262  -1.870  23.236  1.00 32.87 ? 3   DA  D "C5'" 1 
ATOM   1463 C "C4'" . DA  D 2 4  ? 10.818  -1.990  23.701  1.00 39.64 ? 3   DA  D "C4'" 1 
ATOM   1464 O "O4'" . DA  D 2 4  ? 9.959   -2.202  22.550  1.00 38.94 ? 3   DA  D "O4'" 1 
ATOM   1465 C "C3'" . DA  D 2 4  ? 10.547  -3.152  24.655  1.00 42.93 ? 3   DA  D "C3'" 1 
ATOM   1466 O "O3'" . DA  D 2 4  ? 9.624   -2.767  25.668  1.00 48.48 ? 3   DA  D "O3'" 1 
ATOM   1467 C "C2'" . DA  D 2 4  ? 9.965   -4.229  23.743  1.00 43.33 ? 3   DA  D "C2'" 1 
ATOM   1468 C "C1'" . DA  D 2 4  ? 9.227   -3.400  22.699  1.00 36.80 ? 3   DA  D "C1'" 1 
ATOM   1469 N N9    . DA  D 2 4  ? 9.160   -4.054  21.395  1.00 33.38 ? 3   DA  D N9    1 
ATOM   1470 C C8    . DA  D 2 4  ? 10.212  -4.543  20.669  1.00 33.13 ? 3   DA  D C8    1 
ATOM   1471 N N7    . DA  D 2 4  ? 9.861   -5.087  19.529  1.00 33.39 ? 3   DA  D N7    1 
ATOM   1472 C C5    . DA  D 2 4  ? 8.483   -4.948  19.503  1.00 33.59 ? 3   DA  D C5    1 
ATOM   1473 C C6    . DA  D 2 4  ? 7.509   -5.325  18.556  1.00 27.43 ? 3   DA  D C6    1 
ATOM   1474 N N6    . DA  D 2 4  ? 7.801   -5.944  17.406  1.00 25.60 ? 3   DA  D N6    1 
ATOM   1475 N N1    . DA  D 2 4  ? 6.221   -5.040  18.837  1.00 29.33 ? 3   DA  D N1    1 
ATOM   1476 C C2    . DA  D 2 4  ? 5.933   -4.420  19.988  1.00 30.98 ? 3   DA  D C2    1 
ATOM   1477 N N3    . DA  D 2 4  ? 6.759   -4.017  20.953  1.00 32.07 ? 3   DA  D N3    1 
ATOM   1478 C C4    . DA  D 2 4  ? 8.032   -4.315  20.646  1.00 32.44 ? 3   DA  D C4    1 
ATOM   1479 P P     . DC  D 2 5  ? 9.513   -3.629  27.022  1.00 54.51 ? 4   DC  D P     1 
ATOM   1480 O OP1   . DC  D 2 5  ? 9.264   -2.704  28.150  1.00 54.56 ? 4   DC  D OP1   1 
ATOM   1481 O OP2   . DC  D 2 5  ? 10.680  -4.537  27.062  1.00 47.84 ? 4   DC  D OP2   1 
ATOM   1482 O "O5'" . DC  D 2 5  ? 8.207   -4.525  26.790  1.00 50.94 ? 4   DC  D "O5'" 1 
ATOM   1483 C "C5'" . DC  D 2 5  ? 6.939   -3.897  26.667  1.00 45.11 ? 4   DC  D "C5'" 1 
ATOM   1484 C "C4'" . DC  D 2 5  ? 5.919   -4.839  26.046  1.00 43.60 ? 4   DC  D "C4'" 1 
ATOM   1485 O "O4'" . DC  D 2 5  ? 6.288   -5.119  24.678  1.00 46.13 ? 4   DC  D "O4'" 1 
ATOM   1486 C "C3'" . DC  D 2 5  ? 5.769   -6.206  26.725  1.00 47.54 ? 4   DC  D "C3'" 1 
ATOM   1487 O "O3'" . DC  D 2 5  ? 4.479   -6.297  27.326  1.00 58.42 ? 4   DC  D "O3'" 1 
ATOM   1488 C "C2'" . DC  D 2 5  ? 5.940   -7.231  25.590  1.00 46.15 ? 4   DC  D "C2'" 1 
ATOM   1489 C "C1'" . DC  D 2 5  ? 5.779   -6.379  24.341  1.00 41.16 ? 4   DC  D "C1'" 1 
ATOM   1490 N N1    . DC  D 2 5  ? 6.513   -6.899  23.154  1.00 40.27 ? 4   DC  D N1    1 
ATOM   1491 C C2    . DC  D 2 5  ? 5.808   -7.151  21.974  1.00 36.14 ? 4   DC  D C2    1 
ATOM   1492 O O2    . DC  D 2 5  ? 4.593   -6.926  21.943  1.00 43.49 ? 4   DC  D O2    1 
ATOM   1493 N N3    . DC  D 2 5  ? 6.477   -7.626  20.895  1.00 34.93 ? 4   DC  D N3    1 
ATOM   1494 C C4    . DC  D 2 5  ? 7.787   -7.855  20.973  1.00 35.32 ? 4   DC  D C4    1 
ATOM   1495 N N4    . DC  D 2 5  ? 8.404   -8.325  19.883  1.00 36.70 ? 4   DC  D N4    1 
ATOM   1496 C C5    . DC  D 2 5  ? 8.525   -7.609  22.169  1.00 31.25 ? 4   DC  D C5    1 
ATOM   1497 C C6    . DC  D 2 5  ? 7.854   -7.138  23.227  1.00 36.48 ? 4   DC  D C6    1 
ATOM   1498 P P     . DA  D 2 6  ? 4.312   -6.850  28.825  1.00 66.15 ? 5   DA  D P     1 
ATOM   1499 O OP1   . DA  D 2 6  ? 3.335   -5.993  29.533  1.00 62.01 ? 5   DA  D OP1   1 
ATOM   1500 O OP2   . DA  D 2 6  ? 5.677   -7.017  29.369  1.00 54.60 ? 5   DA  D OP2   1 
ATOM   1501 O "O5'" . DA  D 2 6  ? 3.680   -8.307  28.626  1.00 56.10 ? 5   DA  D "O5'" 1 
ATOM   1502 C "C5'" . DA  D 2 6  ? 4.512   -9.456  28.642  1.00 59.10 ? 5   DA  D "C5'" 1 
ATOM   1503 C "C4'" . DA  D 2 6  ? 4.036   -10.478 27.625  1.00 60.24 ? 5   DA  D "C4'" 1 
ATOM   1504 O "O4'" . DA  D 2 6  ? 4.774   -10.302 26.393  1.00 59.25 ? 5   DA  D "O4'" 1 
ATOM   1505 C "C3'" . DA  D 2 6  ? 4.259   -11.928 28.019  1.00 62.35 ? 5   DA  D "C3'" 1 
ATOM   1506 O "O3'" . DA  D 2 6  ? 3.306   -12.761 27.370  1.00 59.80 ? 5   DA  D "O3'" 1 
ATOM   1507 C "C2'" . DA  D 2 6  ? 5.671   -12.190 27.510  1.00 51.30 ? 5   DA  D "C2'" 1 
ATOM   1508 C "C1'" . DA  D 2 6  ? 5.714   -11.350 26.233  1.00 54.56 ? 5   DA  D "C1'" 1 
ATOM   1509 N N9    . DA  D 2 6  ? 7.020   -10.747 25.995  1.00 46.71 ? 5   DA  D N9    1 
ATOM   1510 C C8    . DA  D 2 6  ? 7.745   -9.991  26.871  1.00 43.55 ? 5   DA  D C8    1 
ATOM   1511 N N7    . DA  D 2 6  ? 8.890   -9.576  26.390  1.00 40.04 ? 5   DA  D N7    1 
ATOM   1512 C C5    . DA  D 2 6  ? 8.919   -10.093 25.107  1.00 41.27 ? 5   DA  D C5    1 
ATOM   1513 C C6    . DA  D 2 6  ? 9.870   -10.009 24.073  1.00 44.06 ? 5   DA  D C6    1 
ATOM   1514 N N6    . DA  D 2 6  ? 11.022  -9.341  24.188  1.00 46.87 ? 5   DA  D N6    1 
ATOM   1515 N N1    . DA  D 2 6  ? 9.593   -10.642 22.915  1.00 38.77 ? 5   DA  D N1    1 
ATOM   1516 C C2    . DA  D 2 6  ? 8.437   -11.309 22.805  1.00 39.80 ? 5   DA  D C2    1 
ATOM   1517 N N3    . DA  D 2 6  ? 7.466   -11.457 23.707  1.00 42.96 ? 5   DA  D N3    1 
ATOM   1518 C C4    . DA  D 2 6  ? 7.773   -10.818 24.846  1.00 43.79 ? 5   DA  D C4    1 
HETATM 1519 O O     . HOH E 3 .  ? 15.136  11.146  15.283  1.00 28.94 ? 201 HOH A O     1 
HETATM 1520 O O     . HOH E 3 .  ? 14.569  8.050   22.646  1.00 67.16 ? 202 HOH A O     1 
HETATM 1521 O O     . HOH E 3 .  ? 14.721  9.993   17.631  1.00 41.17 ? 203 HOH A O     1 
HETATM 1522 O O     . HOH E 3 .  ? 2.191   -9.996  15.741  1.00 37.84 ? 204 HOH A O     1 
HETATM 1523 O O     . HOH E 3 .  ? -7.185  9.317   24.210  1.00 36.93 ? 205 HOH A O     1 
HETATM 1524 O O     . HOH E 3 .  ? 3.413   -8.677  13.447  1.00 29.41 ? 206 HOH A O     1 
HETATM 1525 O O     . HOH E 3 .  ? 8.716   17.824  20.068  1.00 34.88 ? 207 HOH A O     1 
HETATM 1526 O O     . HOH E 3 .  ? -8.285  -1.477  11.372  1.00 31.98 ? 208 HOH A O     1 
HETATM 1527 O O     . HOH E 3 .  ? 10.660  15.646  9.611   1.00 26.38 ? 209 HOH A O     1 
HETATM 1528 O O     . HOH E 3 .  ? -0.140  13.899  19.404  1.00 30.55 ? 210 HOH A O     1 
HETATM 1529 O O     . HOH E 3 .  ? -5.380  -9.468  5.622   1.00 27.15 ? 211 HOH A O     1 
HETATM 1530 O O     . HOH E 3 .  ? -2.342  -0.856  4.534   1.00 25.11 ? 212 HOH A O     1 
HETATM 1531 O O     . HOH E 3 .  ? 5.421   16.729  11.645  0.50 12.04 ? 213 HOH A O     1 
HETATM 1532 O O     . HOH E 3 .  ? -4.117  0.916   19.090  1.00 32.18 ? 214 HOH A O     1 
HETATM 1533 O O     . HOH E 3 .  ? -6.509  -1.827  17.811  1.00 34.39 ? 215 HOH A O     1 
HETATM 1534 O O     . HOH E 3 .  ? 15.149  17.591  15.549  1.00 38.35 ? 216 HOH A O     1 
HETATM 1535 O O     . HOH E 3 .  ? 14.658  21.893  5.777   1.00 44.42 ? 217 HOH A O     1 
HETATM 1536 O O     . HOH E 3 .  ? 12.964  6.265   5.456   1.00 30.97 ? 218 HOH A O     1 
HETATM 1537 O O     . HOH E 3 .  ? 18.990  21.068  10.291  1.00 31.77 ? 219 HOH A O     1 
HETATM 1538 O O     . HOH E 3 .  ? -7.609  7.673   10.226  1.00 22.95 ? 220 HOH A O     1 
HETATM 1539 O O     . HOH E 3 .  ? 11.364  0.085   5.325   1.00 29.70 ? 221 HOH A O     1 
HETATM 1540 O O     . HOH E 3 .  ? 13.823  11.410  9.009   1.00 25.80 ? 222 HOH A O     1 
HETATM 1541 O O     . HOH E 3 .  ? 9.804   17.714  17.549  1.00 33.57 ? 223 HOH A O     1 
HETATM 1542 O O     . HOH E 3 .  ? 4.787   6.150   -1.491  1.00 44.57 ? 224 HOH A O     1 
HETATM 1543 O O     . HOH E 3 .  ? 12.840  -2.563  6.600   1.00 25.66 ? 225 HOH A O     1 
HETATM 1544 O O     . HOH E 3 .  ? 11.888  12.001  3.313   1.00 24.17 ? 226 HOH A O     1 
HETATM 1545 O O     . HOH E 3 .  ? 3.876   14.085  4.608   1.00 26.59 ? 227 HOH A O     1 
HETATM 1546 O O     . HOH E 3 .  ? 9.427   8.754   1.103   1.00 34.46 ? 228 HOH A O     1 
HETATM 1547 O O     . HOH E 3 .  ? 12.947  7.741   17.003  1.00 31.33 ? 229 HOH A O     1 
HETATM 1548 O O     . HOH E 3 .  ? -8.738  6.114   4.765   1.00 26.31 ? 230 HOH A O     1 
HETATM 1549 O O     . HOH E 3 .  ? 11.914  8.637   5.804   1.00 22.14 ? 231 HOH A O     1 
HETATM 1550 O O     . HOH E 3 .  ? -3.551  9.071   23.125  1.00 27.09 ? 232 HOH A O     1 
HETATM 1551 O O     . HOH E 3 .  ? 13.459  3.879   6.926   1.00 28.97 ? 233 HOH A O     1 
HETATM 1552 O O     . HOH E 3 .  ? 9.566   -12.714 15.213  1.00 34.10 ? 234 HOH A O     1 
HETATM 1553 O O     . HOH E 3 .  ? 5.419   9.922   21.950  1.00 35.10 ? 235 HOH A O     1 
HETATM 1554 O O     . HOH E 3 .  ? -4.940  1.924   2.138   1.00 31.59 ? 236 HOH A O     1 
HETATM 1555 O O     . HOH E 3 .  ? -4.720  11.211  23.887  1.00 29.96 ? 237 HOH A O     1 
HETATM 1556 O O     . HOH E 3 .  ? 17.411  -4.778  19.099  1.00 24.21 ? 238 HOH A O     1 
HETATM 1557 O O     . HOH E 3 .  ? -6.254  1.222   0.405   1.00 22.73 ? 239 HOH A O     1 
HETATM 1558 O O     . HOH E 3 .  ? -4.821  7.062   24.515  1.00 41.17 ? 240 HOH A O     1 
HETATM 1559 O O     . HOH E 3 .  ? 14.682  10.473  6.563   1.00 26.23 ? 241 HOH A O     1 
HETATM 1560 O O     . HOH E 3 .  ? 14.404  16.071  3.419   1.00 34.62 ? 242 HOH A O     1 
HETATM 1561 O O     . HOH E 3 .  ? 11.548  9.324   2.308   1.00 21.20 ? 243 HOH A O     1 
HETATM 1562 O O     . HOH E 3 .  ? 13.114  7.067   1.920   1.00 33.99 ? 244 HOH A O     1 
HETATM 1563 O O     . HOH F 3 .  ? -6.384  -14.933 -5.521  1.00 16.16 ? 201 HOH B O     1 
HETATM 1564 O O     . HOH F 3 .  ? -0.273  -11.062 -19.764 1.00 40.89 ? 202 HOH B O     1 
HETATM 1565 O O     . HOH F 3 .  ? 2.046   -5.554  -23.105 1.00 49.18 ? 203 HOH B O     1 
HETATM 1566 O O     . HOH F 3 .  ? 18.501  -2.465  -14.225 1.00 52.01 ? 204 HOH B O     1 
HETATM 1567 O O     . HOH F 3 .  ? -12.066 -2.208  -4.005  1.00 24.58 ? 205 HOH B O     1 
HETATM 1568 O O     . HOH F 3 .  ? -2.103  -3.099  -22.988 1.00 34.66 ? 206 HOH B O     1 
HETATM 1569 O O     . HOH F 3 .  ? 10.638  -2.218  -7.185  1.00 35.59 ? 207 HOH B O     1 
HETATM 1570 O O     . HOH F 3 .  ? 1.628   9.590   -10.576 1.00 29.14 ? 208 HOH B O     1 
HETATM 1571 O O     . HOH F 3 .  ? -2.348  2.159   -28.058 1.00 45.32 ? 209 HOH B O     1 
HETATM 1572 O O     . HOH F 3 .  ? -7.776  6.918   -21.438 1.00 25.43 ? 210 HOH B O     1 
HETATM 1573 O O     . HOH F 3 .  ? -5.388  -0.943  -0.751  1.00 24.47 ? 211 HOH B O     1 
HETATM 1574 O O     . HOH F 3 .  ? -10.106 5.357   -5.906  1.00 22.17 ? 212 HOH B O     1 
HETATM 1575 O O     . HOH F 3 .  ? 2.447   5.918   -9.473  1.00 19.67 ? 213 HOH B O     1 
HETATM 1576 O O     . HOH F 3 .  ? -2.712  8.763   -19.735 1.00 38.90 ? 214 HOH B O     1 
HETATM 1577 O O     . HOH F 3 .  ? -1.921  7.514   -3.755  1.00 34.40 ? 215 HOH B O     1 
HETATM 1578 O O     . HOH F 3 .  ? -18.490 -0.936  -8.813  1.00 30.26 ? 216 HOH B O     1 
HETATM 1579 O O     . HOH F 3 .  ? -6.322  8.740   -17.225 0.50 28.82 ? 217 HOH B O     1 
HETATM 1580 O O     . HOH F 3 .  ? -16.125 2.290   -4.258  1.00 30.33 ? 218 HOH B O     1 
HETATM 1581 O O     . HOH F 3 .  ? -7.671  -11.173 -1.637  1.00 28.11 ? 219 HOH B O     1 
HETATM 1582 O O     . HOH F 3 .  ? -0.545  -9.964  -3.063  1.00 35.83 ? 220 HOH B O     1 
HETATM 1583 O O     . HOH F 3 .  ? -14.972 6.709   -7.159  1.00 33.19 ? 221 HOH B O     1 
HETATM 1584 O O     . HOH F 3 .  ? -12.782 -8.509  -21.606 1.00 54.22 ? 222 HOH B O     1 
HETATM 1585 O O     . HOH F 3 .  ? -12.798 -9.518  -12.053 1.00 27.62 ? 223 HOH B O     1 
HETATM 1586 O O     . HOH F 3 .  ? 10.187  -5.519  -21.186 1.00 46.10 ? 224 HOH B O     1 
HETATM 1587 O O     . HOH F 3 .  ? 7.396   -14.607 -7.267  0.50 35.86 ? 225 HOH B O     1 
HETATM 1588 O O     . HOH F 3 .  ? -16.180 -8.451  -10.153 1.00 32.88 ? 226 HOH B O     1 
HETATM 1589 O O     . HOH F 3 .  ? -8.045  -5.105  -2.860  1.00 17.71 ? 227 HOH B O     1 
HETATM 1590 O O     . HOH F 3 .  ? -1.916  -6.724  -2.046  1.00 23.84 ? 228 HOH B O     1 
HETATM 1591 O O     . HOH F 3 .  ? -11.662 -5.353  -20.608 1.00 38.76 ? 229 HOH B O     1 
HETATM 1592 O O     . HOH F 3 .  ? -3.399  4.668   -24.373 1.00 35.73 ? 230 HOH B O     1 
HETATM 1593 O O     . HOH F 3 .  ? 0.847   -1.431  -22.727 1.00 23.68 ? 231 HOH B O     1 
HETATM 1594 O O     . HOH F 3 .  ? -14.562 8.507   -14.371 1.00 30.70 ? 232 HOH B O     1 
HETATM 1595 O O     . HOH F 3 .  ? -9.863  -3.821  -1.992  1.00 29.80 ? 233 HOH B O     1 
HETATM 1596 O O     . HOH F 3 .  ? -17.262 -8.533  -15.985 1.00 48.75 ? 234 HOH B O     1 
HETATM 1597 O O     . HOH F 3 .  ? -6.423  8.363   -14.342 1.00 26.25 ? 235 HOH B O     1 
HETATM 1598 O O     . HOH F 3 .  ? 9.601   -2.781  -16.921 1.00 42.63 ? 236 HOH B O     1 
HETATM 1599 O O     . HOH F 3 .  ? -23.205 -8.179  -10.211 1.00 41.86 ? 237 HOH B O     1 
HETATM 1600 O O     . HOH F 3 .  ? -17.075 2.902   -13.224 0.50 9.17  ? 238 HOH B O     1 
HETATM 1601 O O     . HOH F 3 .  ? -1.032  11.154  -10.838 1.00 35.57 ? 239 HOH B O     1 
HETATM 1602 O O     . HOH F 3 .  ? -2.377  -1.969  -28.065 1.00 46.67 ? 240 HOH B O     1 
HETATM 1603 O O     . HOH F 3 .  ? 3.183   -16.895 -5.699  0.50 36.88 ? 241 HOH B O     1 
HETATM 1604 O O     . HOH F 3 .  ? -7.320  9.107   -3.755  1.00 31.77 ? 242 HOH B O     1 
HETATM 1605 O O     . HOH F 3 .  ? 9.259   -10.429 -7.330  1.00 42.25 ? 243 HOH B O     1 
HETATM 1606 O O     . HOH F 3 .  ? 4.079   11.509  -19.281 1.00 48.32 ? 244 HOH B O     1 
HETATM 1607 O O     . HOH G 3 .  ? 0.538   -18.590 -18.767 1.00 51.05 ? 101 HOH C O     1 
HETATM 1608 O O     . HOH G 3 .  ? -7.390  -14.257 -1.361  1.00 28.18 ? 102 HOH C O     1 
HETATM 1609 O O     . HOH G 3 .  ? -0.480  -16.839 -24.782 1.00 51.29 ? 103 HOH C O     1 
HETATM 1610 O O     . HOH G 3 .  ? 3.237   -18.034 -16.431 1.00 32.03 ? 104 HOH C O     1 
HETATM 1611 O O     . HOH G 3 .  ? -16.485 -11.418 -7.929  1.00 25.39 ? 105 HOH C O     1 
HETATM 1612 O O     . HOH G 3 .  ? 7.092   -20.081 -19.738 1.00 44.58 ? 106 HOH C O     1 
HETATM 1613 O O     . HOH G 3 .  ? 1.708   -18.999 -21.446 1.00 52.70 ? 107 HOH C O     1 
HETATM 1614 O O     . HOH G 3 .  ? 5.087   -17.649 -14.953 1.00 37.74 ? 108 HOH C O     1 
HETATM 1615 O O     . HOH H 3 .  ? 7.544   -7.541  30.516  1.00 50.31 ? 101 HOH D O     1 
HETATM 1616 O O     . HOH H 3 .  ? 9.001   -0.433  28.116  1.00 52.71 ? 102 HOH D O     1 
HETATM 1617 O O     . HOH H 3 .  ? 10.865  -6.232  17.561  1.00 29.41 ? 103 HOH D O     1 
HETATM 1618 O O     . HOH H 3 .  ? 18.841  2.408   9.149   1.00 27.05 ? 104 HOH D O     1 
HETATM 1619 O O     . HOH H 3 .  ? 1.944   -5.957  26.816  1.00 44.51 ? 105 HOH D O     1 
HETATM 1620 O O     . HOH H 3 .  ? 18.002  0.290   21.876  1.00 27.76 ? 106 HOH D O     1 
# 
loop_
_pdbx_poly_seq_scheme.asym_id 
_pdbx_poly_seq_scheme.entity_id 
_pdbx_poly_seq_scheme.seq_id 
_pdbx_poly_seq_scheme.mon_id 
_pdbx_poly_seq_scheme.ndb_seq_num 
_pdbx_poly_seq_scheme.pdb_seq_num 
_pdbx_poly_seq_scheme.auth_seq_num 
_pdbx_poly_seq_scheme.pdb_mon_id 
_pdbx_poly_seq_scheme.auth_mon_id 
_pdbx_poly_seq_scheme.pdb_strand_id 
_pdbx_poly_seq_scheme.pdb_ins_code 
_pdbx_poly_seq_scheme.hetero 
A 1 1  SER 1  18  ?   ?   ?   A . n 
A 1 2  ALA 2  19  19  ALA ALA A . n 
A 1 3  ALA 3  20  20  ALA ALA A . n 
A 1 4  SER 4  21  21  SER SER A . n 
A 1 5  THR 5  22  22  THR THR A . n 
A 1 6  LEU 6  23  23  LEU LEU A . n 
A 1 7  PHE 7  24  24  PHE PHE A . n 
A 1 8  VAL 8  25  25  VAL VAL A . n 
A 1 9  ALA 9  26  26  ALA ALA A . n 
A 1 10 ASN 10 27  27  ASN ASN A . n 
A 1 11 LEU 11 28  28  LEU LEU A . n 
A 1 12 SER 12 29  29  SER SER A . n 
A 1 13 ALA 13 30  30  ALA ALA A . n 
A 1 14 GLU 14 31  31  GLU GLU A . n 
A 1 15 VAL 15 32  32  VAL VAL A . n 
A 1 16 ASN 16 33  33  ASN ASN A . n 
A 1 17 GLU 17 34  34  GLU GLU A . n 
A 1 18 ASP 18 35  35  ASP ASP A . n 
A 1 19 THR 19 36  36  THR THR A . n 
A 1 20 LEU 20 37  37  LEU LEU A . n 
A 1 21 ARG 21 38  38  ARG ARG A . n 
A 1 22 GLY 22 39  39  GLY GLY A . n 
A 1 23 VAL 23 40  40  VAL VAL A . n 
A 1 24 PHE 24 41  41  PHE PHE A . n 
A 1 25 LYS 25 42  42  LYS LYS A . n 
A 1 26 ALA 26 43  43  ALA ALA A . n 
A 1 27 PHE 27 44  44  PHE PHE A . n 
A 1 28 SER 28 45  45  SER SER A . n 
A 1 29 GLY 29 46  46  GLY GLY A . n 
A 1 30 PHE 30 47  47  PHE PHE A . n 
A 1 31 THR 31 48  48  THR THR A . n 
A 1 32 ARG 32 49  49  ARG ARG A . n 
A 1 33 LEU 33 50  50  LEU LEU A . n 
A 1 34 ARG 34 51  51  ARG ARG A . n 
A 1 35 LEU 35 52  52  LEU LEU A . n 
A 1 36 HIS 36 53  53  HIS HIS A . n 
A 1 37 ASN 37 54  54  ASN ASN A . n 
A 1 38 LYS 38 55  55  LYS LYS A . n 
A 1 39 ASN 39 56  56  ASN ASN A . n 
A 1 40 GLY 40 57  57  GLY GLY A . n 
A 1 41 SER 41 58  58  SER SER A . n 
A 1 42 ALA 42 59  59  ALA ALA A . n 
A 1 43 VAL 43 60  60  VAL VAL A . n 
A 1 44 ALA 44 61  61  ALA ALA A . n 
A 1 45 PHE 45 62  62  PHE PHE A . n 
A 1 46 VAL 46 63  63  VAL VAL A . n 
A 1 47 GLU 47 64  64  GLU GLU A . n 
A 1 48 TYR 48 65  65  TYR TYR A . n 
A 1 49 SER 49 66  66  SER SER A . n 
A 1 50 ASP 50 67  67  ASP ASP A . n 
A 1 51 LEU 51 68  68  LEU LEU A . n 
A 1 52 GLN 52 69  69  GLN GLN A . n 
A 1 53 LYS 53 70  70  LYS LYS A . n 
A 1 54 ALA 54 71  71  ALA ALA A . n 
A 1 55 THR 55 72  72  THR THR A . n 
A 1 56 GLN 56 73  73  GLN GLN A . n 
A 1 57 ALA 57 74  74  ALA ALA A . n 
A 1 58 MET 58 75  75  MET MET A . n 
A 1 59 ILE 59 76  76  ILE ILE A . n 
A 1 60 SER 60 77  77  SER SER A . n 
A 1 61 LEU 61 78  78  LEU LEU A . n 
A 1 62 GLN 62 79  79  GLN GLN A . n 
A 1 63 GLY 63 80  80  GLY GLY A . n 
A 1 64 PHE 64 81  81  PHE PHE A . n 
A 1 65 GLN 65 82  82  GLN GLN A . n 
A 1 66 ILE 66 83  ?   ?   ?   A . n 
A 1 67 THR 67 84  84  THR THR A . n 
A 1 68 ALA 68 85  85  ALA ALA A . n 
A 1 69 ASN 69 86  86  ASN ASN A . n 
A 1 70 ASP 70 87  87  ASP ASP A . n 
A 1 71 ARG 71 88  88  ARG ARG A . n 
A 1 72 GLY 72 89  89  GLY GLY A . n 
A 1 73 GLY 73 90  90  GLY GLY A . n 
A 1 74 LEU 74 91  91  LEU LEU A . n 
A 1 75 ARG 75 92  92  ARG ARG A . n 
A 1 76 ILE 76 93  93  ILE ILE A . n 
A 1 77 GLU 77 94  94  GLU GLU A . n 
A 1 78 TYR 78 95  95  TYR TYR A . n 
A 1 79 ALA 79 96  96  ALA ALA A . n 
A 1 80 ARG 80 97  97  ARG ARG A . n 
A 1 81 ASN 81 98  98  ASN ASN A . n 
A 1 82 LYS 82 99  99  LYS LYS A . n 
A 1 83 MET 83 100 100 MET MET A . n 
A 1 84 ALA 84 101 101 ALA ALA A . n 
A 1 85 ASP 85 102 102 ASP ASP A . n 
A 1 86 VAL 86 103 103 VAL VAL A . n 
A 1 87 ASN 87 104 ?   ?   ?   A . n 
A 1 88 GLY 88 105 ?   ?   ?   A . n 
B 1 1  SER 1  18  18  SER SER B . n 
B 1 2  ALA 2  19  19  ALA ALA B . n 
B 1 3  ALA 3  20  20  ALA ALA B . n 
B 1 4  SER 4  21  21  SER SER B . n 
B 1 5  THR 5  22  22  THR THR B . n 
B 1 6  LEU 6  23  23  LEU LEU B . n 
B 1 7  PHE 7  24  24  PHE PHE B . n 
B 1 8  VAL 8  25  25  VAL VAL B . n 
B 1 9  ALA 9  26  26  ALA ALA B . n 
B 1 10 ASN 10 27  27  ASN ASN B . n 
B 1 11 LEU 11 28  28  LEU LEU B . n 
B 1 12 SER 12 29  29  SER SER B . n 
B 1 13 ALA 13 30  30  ALA ALA B . n 
B 1 14 GLU 14 31  31  GLU GLU B . n 
B 1 15 VAL 15 32  32  VAL VAL B . n 
B 1 16 ASN 16 33  33  ASN ASN B . n 
B 1 17 GLU 17 34  34  GLU GLU B . n 
B 1 18 ASP 18 35  35  ASP ASP B . n 
B 1 19 THR 19 36  36  THR THR B . n 
B 1 20 LEU 20 37  37  LEU LEU B . n 
B 1 21 ARG 21 38  38  ARG ARG B . n 
B 1 22 GLY 22 39  39  GLY GLY B . n 
B 1 23 VAL 23 40  40  VAL VAL B . n 
B 1 24 PHE 24 41  41  PHE PHE B . n 
B 1 25 LYS 25 42  42  LYS LYS B . n 
B 1 26 ALA 26 43  43  ALA ALA B . n 
B 1 27 PHE 27 44  44  PHE PHE B . n 
B 1 28 SER 28 45  45  SER SER B . n 
B 1 29 GLY 29 46  46  GLY GLY B . n 
B 1 30 PHE 30 47  47  PHE PHE B . n 
B 1 31 THR 31 48  48  THR THR B . n 
B 1 32 ARG 32 49  49  ARG ARG B . n 
B 1 33 LEU 33 50  50  LEU LEU B . n 
B 1 34 ARG 34 51  51  ARG ARG B . n 
B 1 35 LEU 35 52  52  LEU LEU B . n 
B 1 36 HIS 36 53  53  HIS HIS B . n 
B 1 37 ASN 37 54  54  ASN ASN B . n 
B 1 38 LYS 38 55  55  LYS LYS B . n 
B 1 39 ASN 39 56  56  ASN ASN B . n 
B 1 40 GLY 40 57  57  GLY GLY B . n 
B 1 41 SER 41 58  58  SER SER B . n 
B 1 42 ALA 42 59  59  ALA ALA B . n 
B 1 43 VAL 43 60  60  VAL VAL B . n 
B 1 44 ALA 44 61  61  ALA ALA B . n 
B 1 45 PHE 45 62  62  PHE PHE B . n 
B 1 46 VAL 46 63  63  VAL VAL B . n 
B 1 47 GLU 47 64  64  GLU GLU B . n 
B 1 48 TYR 48 65  65  TYR TYR B . n 
B 1 49 SER 49 66  66  SER SER B . n 
B 1 50 ASP 50 67  67  ASP ASP B . n 
B 1 51 LEU 51 68  68  LEU LEU B . n 
B 1 52 GLN 52 69  69  GLN GLN B . n 
B 1 53 LYS 53 70  70  LYS LYS B . n 
B 1 54 ALA 54 71  71  ALA ALA B . n 
B 1 55 THR 55 72  72  THR THR B . n 
B 1 56 GLN 56 73  73  GLN GLN B . n 
B 1 57 ALA 57 74  74  ALA ALA B . n 
B 1 58 MET 58 75  75  MET MET B . n 
B 1 59 ILE 59 76  76  ILE ILE B . n 
B 1 60 SER 60 77  77  SER SER B . n 
B 1 61 LEU 61 78  78  LEU LEU B . n 
B 1 62 GLN 62 79  79  GLN GLN B . n 
B 1 63 GLY 63 80  80  GLY GLY B . n 
B 1 64 PHE 64 81  81  PHE PHE B . n 
B 1 65 GLN 65 82  82  GLN GLN B . n 
B 1 66 ILE 66 83  ?   ?   ?   B . n 
B 1 67 THR 67 84  84  THR THR B . n 
B 1 68 ALA 68 85  85  ALA ALA B . n 
B 1 69 ASN 69 86  86  ASN ASN B . n 
B 1 70 ASP 70 87  87  ASP ASP B . n 
B 1 71 ARG 71 88  88  ARG ARG B . n 
B 1 72 GLY 72 89  89  GLY GLY B . n 
B 1 73 GLY 73 90  90  GLY GLY B . n 
B 1 74 LEU 74 91  91  LEU LEU B . n 
B 1 75 ARG 75 92  92  ARG ARG B . n 
B 1 76 ILE 76 93  93  ILE ILE B . n 
B 1 77 GLU 77 94  94  GLU GLU B . n 
B 1 78 TYR 78 95  95  TYR TYR B . n 
B 1 79 ALA 79 96  96  ALA ALA B . n 
B 1 80 ARG 80 97  97  ARG ARG B . n 
B 1 81 ASN 81 98  98  ASN ASN B . n 
B 1 82 LYS 82 99  99  LYS LYS B . n 
B 1 83 MET 83 100 100 MET MET B . n 
B 1 84 ALA 84 101 101 ALA ALA B . n 
B 1 85 ASP 85 102 102 ASP ASP B . n 
B 1 86 VAL 86 103 ?   ?   ?   B . n 
B 1 87 ASN 87 104 ?   ?   ?   B . n 
B 1 88 GLY 88 105 ?   ?   ?   B . n 
C 2 1  DA  1  0   0   DA  DA  C . n 
C 2 2  DG  2  1   1   DG  DG  C . n 
C 2 3  DC  3  2   2   DC  DC  C . n 
C 2 4  DA  4  3   3   DA  DA  C . n 
C 2 5  DC  5  4   4   DC  DC  C . n 
C 2 6  DA  6  5   5   DA  DA  C . n 
D 2 1  DA  1  0   0   DA  DA  D . n 
D 2 2  DG  2  1   1   DG  DG  D . n 
D 2 3  DC  3  2   2   DC  DC  D . n 
D 2 4  DA  4  3   3   DA  DA  D . n 
D 2 5  DC  5  4   4   DC  DC  D . n 
D 2 6  DA  6  5   5   DA  DA  D . n 
# 
loop_
_pdbx_nonpoly_scheme.asym_id 
_pdbx_nonpoly_scheme.entity_id 
_pdbx_nonpoly_scheme.mon_id 
_pdbx_nonpoly_scheme.ndb_seq_num 
_pdbx_nonpoly_scheme.pdb_seq_num 
_pdbx_nonpoly_scheme.auth_seq_num 
_pdbx_nonpoly_scheme.pdb_mon_id 
_pdbx_nonpoly_scheme.auth_mon_id 
_pdbx_nonpoly_scheme.pdb_strand_id 
_pdbx_nonpoly_scheme.pdb_ins_code 
E 3 HOH 1  201 32  HOH HOH A . 
E 3 HOH 2  202 100 HOH HOH A . 
E 3 HOH 3  203 109 HOH HOH A . 
E 3 HOH 4  204 85  HOH HOH A . 
E 3 HOH 5  205 60  HOH HOH A . 
E 3 HOH 6  206 2   HOH HOH A . 
E 3 HOH 7  207 94  HOH HOH A . 
E 3 HOH 8  208 16  HOH HOH A . 
E 3 HOH 9  209 17  HOH HOH A . 
E 3 HOH 10 210 37  HOH HOH A . 
E 3 HOH 11 211 10  HOH HOH A . 
E 3 HOH 12 212 13  HOH HOH A . 
E 3 HOH 13 213 79  HOH HOH A . 
E 3 HOH 14 214 26  HOH HOH A . 
E 3 HOH 15 215 61  HOH HOH A . 
E 3 HOH 16 216 66  HOH HOH A . 
E 3 HOH 17 217 103 HOH HOH A . 
E 3 HOH 18 218 22  HOH HOH A . 
E 3 HOH 19 219 31  HOH HOH A . 
E 3 HOH 20 220 89  HOH HOH A . 
E 3 HOH 21 221 70  HOH HOH A . 
E 3 HOH 22 222 36  HOH HOH A . 
E 3 HOH 23 223 28  HOH HOH A . 
E 3 HOH 24 224 80  HOH HOH A . 
E 3 HOH 25 225 119 HOH HOH A . 
E 3 HOH 26 226 81  HOH HOH A . 
E 3 HOH 27 227 58  HOH HOH A . 
E 3 HOH 28 228 49  HOH HOH A . 
E 3 HOH 29 229 86  HOH HOH A . 
E 3 HOH 30 230 84  HOH HOH A . 
E 3 HOH 31 231 12  HOH HOH A . 
E 3 HOH 32 232 14  HOH HOH A . 
E 3 HOH 33 233 40  HOH HOH A . 
E 3 HOH 34 234 77  HOH HOH A . 
E 3 HOH 35 235 20  HOH HOH A . 
E 3 HOH 36 236 56  HOH HOH A . 
E 3 HOH 37 237 90  HOH HOH A . 
E 3 HOH 38 238 101 HOH HOH A . 
E 3 HOH 39 239 30  HOH HOH A . 
E 3 HOH 40 240 50  HOH HOH A . 
E 3 HOH 41 241 24  HOH HOH A . 
E 3 HOH 42 242 48  HOH HOH A . 
E 3 HOH 43 243 25  HOH HOH A . 
E 3 HOH 44 244 82  HOH HOH A . 
F 3 HOH 1  201 9   HOH HOH B . 
F 3 HOH 2  202 34  HOH HOH B . 
F 3 HOH 3  203 111 HOH HOH B . 
F 3 HOH 4  204 93  HOH HOH B . 
F 3 HOH 5  205 4   HOH HOH B . 
F 3 HOH 6  206 11  HOH HOH B . 
F 3 HOH 7  207 39  HOH HOH B . 
F 3 HOH 8  208 33  HOH HOH B . 
F 3 HOH 9  209 41  HOH HOH B . 
F 3 HOH 10 210 88  HOH HOH B . 
F 3 HOH 11 211 15  HOH HOH B . 
F 3 HOH 12 212 6   HOH HOH B . 
F 3 HOH 13 213 1   HOH HOH B . 
F 3 HOH 14 214 59  HOH HOH B . 
F 3 HOH 15 215 72  HOH HOH B . 
F 3 HOH 16 216 107 HOH HOH B . 
F 3 HOH 17 217 19  HOH HOH B . 
F 3 HOH 18 218 63  HOH HOH B . 
F 3 HOH 19 219 5   HOH HOH B . 
F 3 HOH 20 220 47  HOH HOH B . 
F 3 HOH 21 221 83  HOH HOH B . 
F 3 HOH 22 222 115 HOH HOH B . 
F 3 HOH 23 223 8   HOH HOH B . 
F 3 HOH 24 224 112 HOH HOH B . 
F 3 HOH 25 225 95  HOH HOH B . 
F 3 HOH 26 226 67  HOH HOH B . 
F 3 HOH 27 227 69  HOH HOH B . 
F 3 HOH 28 228 18  HOH HOH B . 
F 3 HOH 29 229 42  HOH HOH B . 
F 3 HOH 30 230 44  HOH HOH B . 
F 3 HOH 31 231 87  HOH HOH B . 
F 3 HOH 32 232 64  HOH HOH B . 
F 3 HOH 33 233 117 HOH HOH B . 
F 3 HOH 34 234 116 HOH HOH B . 
F 3 HOH 35 235 92  HOH HOH B . 
F 3 HOH 36 236 52  HOH HOH B . 
F 3 HOH 37 237 110 HOH HOH B . 
F 3 HOH 38 238 106 HOH HOH B . 
F 3 HOH 39 239 105 HOH HOH B . 
F 3 HOH 40 240 68  HOH HOH B . 
F 3 HOH 41 241 114 HOH HOH B . 
F 3 HOH 42 242 45  HOH HOH B . 
F 3 HOH 43 243 108 HOH HOH B . 
F 3 HOH 44 244 76  HOH HOH B . 
G 3 HOH 1  101 53  HOH HOH C . 
G 3 HOH 2  102 43  HOH HOH C . 
G 3 HOH 3  103 96  HOH HOH C . 
G 3 HOH 4  104 97  HOH HOH C . 
G 3 HOH 5  105 21  HOH HOH C . 
G 3 HOH 6  106 104 HOH HOH C . 
G 3 HOH 7  107 75  HOH HOH C . 
G 3 HOH 8  108 57  HOH HOH C . 
H 3 HOH 1  101 113 HOH HOH D . 
H 3 HOH 2  102 78  HOH HOH D . 
H 3 HOH 3  103 71  HOH HOH D . 
H 3 HOH 4  104 51  HOH HOH D . 
H 3 HOH 5  105 23  HOH HOH D . 
H 3 HOH 6  106 35  HOH HOH D . 
# 
loop_
_pdbx_struct_assembly.id 
_pdbx_struct_assembly.details 
_pdbx_struct_assembly.method_details 
_pdbx_struct_assembly.oligomeric_details 
_pdbx_struct_assembly.oligomeric_count 
1 author_defined_assembly ? dimeric 2 
2 author_defined_assembly ? dimeric 2 
# 
loop_
_pdbx_struct_assembly_gen.assembly_id 
_pdbx_struct_assembly_gen.oper_expression 
_pdbx_struct_assembly_gen.asym_id_list 
1 1 A,D,E,H 
2 1 B,C,F,G 
# 
_pdbx_struct_oper_list.id                   1 
_pdbx_struct_oper_list.type                 'identity operation' 
_pdbx_struct_oper_list.name                 1_555 
_pdbx_struct_oper_list.symmetry_operation   x,y,z 
_pdbx_struct_oper_list.matrix[1][1]         1.0000000000 
_pdbx_struct_oper_list.matrix[1][2]         0.0000000000 
_pdbx_struct_oper_list.matrix[1][3]         0.0000000000 
_pdbx_struct_oper_list.vector[1]            0.0000000000 
_pdbx_struct_oper_list.matrix[2][1]         0.0000000000 
_pdbx_struct_oper_list.matrix[2][2]         1.0000000000 
_pdbx_struct_oper_list.matrix[2][3]         0.0000000000 
_pdbx_struct_oper_list.vector[2]            0.0000000000 
_pdbx_struct_oper_list.matrix[3][1]         0.0000000000 
_pdbx_struct_oper_list.matrix[3][2]         0.0000000000 
_pdbx_struct_oper_list.matrix[3][3]         1.0000000000 
_pdbx_struct_oper_list.vector[3]            0.0000000000 
# 
loop_
_pdbx_struct_special_symmetry.id 
_pdbx_struct_special_symmetry.PDB_model_num 
_pdbx_struct_special_symmetry.auth_asym_id 
_pdbx_struct_special_symmetry.auth_comp_id 
_pdbx_struct_special_symmetry.auth_seq_id 
_pdbx_struct_special_symmetry.PDB_ins_code 
_pdbx_struct_special_symmetry.label_asym_id 
_pdbx_struct_special_symmetry.label_comp_id 
_pdbx_struct_special_symmetry.label_seq_id 
1 1 A HOH 213 ? E HOH . 
2 1 B HOH 217 ? F HOH . 
3 1 B HOH 225 ? F HOH . 
4 1 B HOH 238 ? F HOH . 
5 1 B HOH 241 ? F HOH . 
# 
loop_
_pdbx_audit_revision_history.ordinal 
_pdbx_audit_revision_history.data_content_type 
_pdbx_audit_revision_history.major_revision 
_pdbx_audit_revision_history.minor_revision 
_pdbx_audit_revision_history.revision_date 
1 'Structure model' 1 0 2019-08-21 
2 'Structure model' 1 1 2023-10-11 
# 
_pdbx_audit_revision_details.ordinal             1 
_pdbx_audit_revision_details.revision_ordinal    1 
_pdbx_audit_revision_details.data_content_type   'Structure model' 
_pdbx_audit_revision_details.provider            repository 
_pdbx_audit_revision_details.type                'Initial release' 
_pdbx_audit_revision_details.description         ? 
_pdbx_audit_revision_details.details             ? 
# 
loop_
_pdbx_audit_revision_group.ordinal 
_pdbx_audit_revision_group.revision_ordinal 
_pdbx_audit_revision_group.data_content_type 
_pdbx_audit_revision_group.group 
1 2 'Structure model' 'Data collection'        
2 2 'Structure model' 'Database references'    
3 2 'Structure model' 'Refinement description' 
# 
loop_
_pdbx_audit_revision_category.ordinal 
_pdbx_audit_revision_category.revision_ordinal 
_pdbx_audit_revision_category.data_content_type 
_pdbx_audit_revision_category.category 
1 2 'Structure model' chem_comp_atom                
2 2 'Structure model' chem_comp_bond                
3 2 'Structure model' database_2                    
4 2 'Structure model' pdbx_initial_refinement_model 
# 
loop_
_pdbx_audit_revision_item.ordinal 
_pdbx_audit_revision_item.revision_ordinal 
_pdbx_audit_revision_item.data_content_type 
_pdbx_audit_revision_item.item 
1 2 'Structure model' '_database_2.pdbx_DOI'                
2 2 'Structure model' '_database_2.pdbx_database_accession' 
# 
loop_
_software.citation_id 
_software.classification 
_software.compiler_name 
_software.compiler_version 
_software.contact_author 
_software.contact_author_email 
_software.date 
_software.description 
_software.dependencies 
_software.hardware 
_software.language 
_software.location 
_software.mods 
_software.name 
_software.os 
_software.os_version 
_software.type 
_software.version 
_software.pdbx_ordinal 
? refinement       ? ? ? ? ? ? ? ? ? ? ? PHENIX ? ? ? 1.9_1692 1 
? 'data reduction' ? ? ? ? ? ? ? ? ? ? ? XDS    ? ? ? .        2 
? 'data scaling'   ? ? ? ? ? ? ? ? ? ? ? XDS    ? ? ? .        3 
? phasing          ? ? ? ? ? ? ? ? ? ? ? PHENIX ? ? ? .        4 
# 
_pdbx_validate_close_contact.id               1 
_pdbx_validate_close_contact.PDB_model_num    1 
_pdbx_validate_close_contact.auth_atom_id_1   ND2 
_pdbx_validate_close_contact.auth_asym_id_1   A 
_pdbx_validate_close_contact.auth_comp_id_1   ASN 
_pdbx_validate_close_contact.auth_seq_id_1    27 
_pdbx_validate_close_contact.PDB_ins_code_1   ? 
_pdbx_validate_close_contact.label_alt_id_1   ? 
_pdbx_validate_close_contact.auth_atom_id_2   O 
_pdbx_validate_close_contact.auth_asym_id_2   A 
_pdbx_validate_close_contact.auth_comp_id_2   GLY 
_pdbx_validate_close_contact.auth_seq_id_2    90 
_pdbx_validate_close_contact.PDB_ins_code_2   ? 
_pdbx_validate_close_contact.label_alt_id_2   ? 
_pdbx_validate_close_contact.dist             2.15 
# 
loop_
_pdbx_validate_torsion.id 
_pdbx_validate_torsion.PDB_model_num 
_pdbx_validate_torsion.auth_comp_id 
_pdbx_validate_torsion.auth_asym_id 
_pdbx_validate_torsion.auth_seq_id 
_pdbx_validate_torsion.PDB_ins_code 
_pdbx_validate_torsion.label_alt_id 
_pdbx_validate_torsion.phi 
_pdbx_validate_torsion.psi 
1 1 LYS A 55 ? ? -124.22 -108.92 
2 1 ASN A 86 ? ? -104.06 -62.67  
3 1 ALA B 19 ? ? -100.99 57.81   
4 1 LYS B 55 ? ? -124.74 -121.48 
5 1 ALA B 85 ? ? -106.19 -89.47  
# 
loop_
_pdbx_unobs_or_zero_occ_atoms.id 
_pdbx_unobs_or_zero_occ_atoms.PDB_model_num 
_pdbx_unobs_or_zero_occ_atoms.polymer_flag 
_pdbx_unobs_or_zero_occ_atoms.occupancy_flag 
_pdbx_unobs_or_zero_occ_atoms.auth_asym_id 
_pdbx_unobs_or_zero_occ_atoms.auth_comp_id 
_pdbx_unobs_or_zero_occ_atoms.auth_seq_id 
_pdbx_unobs_or_zero_occ_atoms.PDB_ins_code 
_pdbx_unobs_or_zero_occ_atoms.auth_atom_id 
_pdbx_unobs_or_zero_occ_atoms.label_alt_id 
_pdbx_unobs_or_zero_occ_atoms.label_asym_id 
_pdbx_unobs_or_zero_occ_atoms.label_comp_id 
_pdbx_unobs_or_zero_occ_atoms.label_seq_id 
_pdbx_unobs_or_zero_occ_atoms.label_atom_id 
1  1 Y 1 A LYS 55 ? CG  ? A LYS 38 CG  
2  1 Y 1 A LYS 55 ? CD  ? A LYS 38 CD  
3  1 Y 1 A LYS 55 ? CE  ? A LYS 38 CE  
4  1 Y 1 A LYS 55 ? NZ  ? A LYS 38 NZ  
5  1 Y 1 A ASN 56 ? CG  ? A ASN 39 CG  
6  1 Y 1 A ASN 56 ? OD1 ? A ASN 39 OD1 
7  1 Y 1 A ASN 56 ? ND2 ? A ASN 39 ND2 
8  1 Y 1 B GLU 31 ? CG  ? B GLU 14 CG  
9  1 Y 1 B GLU 31 ? CD  ? B GLU 14 CD  
10 1 Y 1 B GLU 31 ? OE1 ? B GLU 14 OE1 
11 1 Y 1 B GLU 31 ? OE2 ? B GLU 14 OE2 
12 1 Y 1 B LYS 55 ? CG  ? B LYS 38 CG  
13 1 Y 1 B LYS 55 ? CD  ? B LYS 38 CD  
14 1 Y 1 B LYS 55 ? CE  ? B LYS 38 CE  
15 1 Y 1 B LYS 55 ? NZ  ? B LYS 38 NZ  
# 
loop_
_pdbx_unobs_or_zero_occ_residues.id 
_pdbx_unobs_or_zero_occ_residues.PDB_model_num 
_pdbx_unobs_or_zero_occ_residues.polymer_flag 
_pdbx_unobs_or_zero_occ_residues.occupancy_flag 
_pdbx_unobs_or_zero_occ_residues.auth_asym_id 
_pdbx_unobs_or_zero_occ_residues.auth_comp_id 
_pdbx_unobs_or_zero_occ_residues.auth_seq_id 
_pdbx_unobs_or_zero_occ_residues.PDB_ins_code 
_pdbx_unobs_or_zero_occ_residues.label_asym_id 
_pdbx_unobs_or_zero_occ_residues.label_comp_id 
_pdbx_unobs_or_zero_occ_residues.label_seq_id 
1 1 Y 1 A SER 18  ? A SER 1  
2 1 Y 1 A ILE 83  ? A ILE 66 
3 1 Y 1 A ASN 104 ? A ASN 87 
4 1 Y 1 A GLY 105 ? A GLY 88 
5 1 Y 1 B ILE 83  ? B ILE 66 
6 1 Y 1 B VAL 103 ? B VAL 86 
7 1 Y 1 B ASN 104 ? B ASN 87 
8 1 Y 1 B GLY 105 ? B GLY 88 
# 
loop_
_chem_comp_atom.comp_id 
_chem_comp_atom.atom_id 
_chem_comp_atom.type_symbol 
_chem_comp_atom.pdbx_aromatic_flag 
_chem_comp_atom.pdbx_stereo_config 
_chem_comp_atom.pdbx_ordinal 
ALA N      N N N 1   
ALA CA     C N S 2   
ALA C      C N N 3   
ALA O      O N N 4   
ALA CB     C N N 5   
ALA OXT    O N N 6   
ALA H      H N N 7   
ALA H2     H N N 8   
ALA HA     H N N 9   
ALA HB1    H N N 10  
ALA HB2    H N N 11  
ALA HB3    H N N 12  
ALA HXT    H N N 13  
ARG N      N N N 14  
ARG CA     C N S 15  
ARG C      C N N 16  
ARG O      O N N 17  
ARG CB     C N N 18  
ARG CG     C N N 19  
ARG CD     C N N 20  
ARG NE     N N N 21  
ARG CZ     C N N 22  
ARG NH1    N N N 23  
ARG NH2    N N N 24  
ARG OXT    O N N 25  
ARG H      H N N 26  
ARG H2     H N N 27  
ARG HA     H N N 28  
ARG HB2    H N N 29  
ARG HB3    H N N 30  
ARG HG2    H N N 31  
ARG HG3    H N N 32  
ARG HD2    H N N 33  
ARG HD3    H N N 34  
ARG HE     H N N 35  
ARG HH11   H N N 36  
ARG HH12   H N N 37  
ARG HH21   H N N 38  
ARG HH22   H N N 39  
ARG HXT    H N N 40  
ASN N      N N N 41  
ASN CA     C N S 42  
ASN C      C N N 43  
ASN O      O N N 44  
ASN CB     C N N 45  
ASN CG     C N N 46  
ASN OD1    O N N 47  
ASN ND2    N N N 48  
ASN OXT    O N N 49  
ASN H      H N N 50  
ASN H2     H N N 51  
ASN HA     H N N 52  
ASN HB2    H N N 53  
ASN HB3    H N N 54  
ASN HD21   H N N 55  
ASN HD22   H N N 56  
ASN HXT    H N N 57  
ASP N      N N N 58  
ASP CA     C N S 59  
ASP C      C N N 60  
ASP O      O N N 61  
ASP CB     C N N 62  
ASP CG     C N N 63  
ASP OD1    O N N 64  
ASP OD2    O N N 65  
ASP OXT    O N N 66  
ASP H      H N N 67  
ASP H2     H N N 68  
ASP HA     H N N 69  
ASP HB2    H N N 70  
ASP HB3    H N N 71  
ASP HD2    H N N 72  
ASP HXT    H N N 73  
CYS N      N N N 74  
CYS CA     C N R 75  
CYS C      C N N 76  
CYS O      O N N 77  
CYS CB     C N N 78  
CYS SG     S N N 79  
CYS OXT    O N N 80  
CYS H      H N N 81  
CYS H2     H N N 82  
CYS HA     H N N 83  
CYS HB2    H N N 84  
CYS HB3    H N N 85  
CYS HG     H N N 86  
CYS HXT    H N N 87  
DA  OP3    O N N 88  
DA  P      P N N 89  
DA  OP1    O N N 90  
DA  OP2    O N N 91  
DA  "O5'"  O N N 92  
DA  "C5'"  C N N 93  
DA  "C4'"  C N R 94  
DA  "O4'"  O N N 95  
DA  "C3'"  C N S 96  
DA  "O3'"  O N N 97  
DA  "C2'"  C N N 98  
DA  "C1'"  C N R 99  
DA  N9     N Y N 100 
DA  C8     C Y N 101 
DA  N7     N Y N 102 
DA  C5     C Y N 103 
DA  C6     C Y N 104 
DA  N6     N N N 105 
DA  N1     N Y N 106 
DA  C2     C Y N 107 
DA  N3     N Y N 108 
DA  C4     C Y N 109 
DA  HOP3   H N N 110 
DA  HOP2   H N N 111 
DA  "H5'"  H N N 112 
DA  "H5''" H N N 113 
DA  "H4'"  H N N 114 
DA  "H3'"  H N N 115 
DA  "HO3'" H N N 116 
DA  "H2'"  H N N 117 
DA  "H2''" H N N 118 
DA  "H1'"  H N N 119 
DA  H8     H N N 120 
DA  H61    H N N 121 
DA  H62    H N N 122 
DA  H2     H N N 123 
DC  OP3    O N N 124 
DC  P      P N N 125 
DC  OP1    O N N 126 
DC  OP2    O N N 127 
DC  "O5'"  O N N 128 
DC  "C5'"  C N N 129 
DC  "C4'"  C N R 130 
DC  "O4'"  O N N 131 
DC  "C3'"  C N S 132 
DC  "O3'"  O N N 133 
DC  "C2'"  C N N 134 
DC  "C1'"  C N R 135 
DC  N1     N N N 136 
DC  C2     C N N 137 
DC  O2     O N N 138 
DC  N3     N N N 139 
DC  C4     C N N 140 
DC  N4     N N N 141 
DC  C5     C N N 142 
DC  C6     C N N 143 
DC  HOP3   H N N 144 
DC  HOP2   H N N 145 
DC  "H5'"  H N N 146 
DC  "H5''" H N N 147 
DC  "H4'"  H N N 148 
DC  "H3'"  H N N 149 
DC  "HO3'" H N N 150 
DC  "H2'"  H N N 151 
DC  "H2''" H N N 152 
DC  "H1'"  H N N 153 
DC  H41    H N N 154 
DC  H42    H N N 155 
DC  H5     H N N 156 
DC  H6     H N N 157 
DG  OP3    O N N 158 
DG  P      P N N 159 
DG  OP1    O N N 160 
DG  OP2    O N N 161 
DG  "O5'"  O N N 162 
DG  "C5'"  C N N 163 
DG  "C4'"  C N R 164 
DG  "O4'"  O N N 165 
DG  "C3'"  C N S 166 
DG  "O3'"  O N N 167 
DG  "C2'"  C N N 168 
DG  "C1'"  C N R 169 
DG  N9     N Y N 170 
DG  C8     C Y N 171 
DG  N7     N Y N 172 
DG  C5     C Y N 173 
DG  C6     C N N 174 
DG  O6     O N N 175 
DG  N1     N N N 176 
DG  C2     C N N 177 
DG  N2     N N N 178 
DG  N3     N N N 179 
DG  C4     C Y N 180 
DG  HOP3   H N N 181 
DG  HOP2   H N N 182 
DG  "H5'"  H N N 183 
DG  "H5''" H N N 184 
DG  "H4'"  H N N 185 
DG  "H3'"  H N N 186 
DG  "HO3'" H N N 187 
DG  "H2'"  H N N 188 
DG  "H2''" H N N 189 
DG  "H1'"  H N N 190 
DG  H8     H N N 191 
DG  H1     H N N 192 
DG  H21    H N N 193 
DG  H22    H N N 194 
GLN N      N N N 195 
GLN CA     C N S 196 
GLN C      C N N 197 
GLN O      O N N 198 
GLN CB     C N N 199 
GLN CG     C N N 200 
GLN CD     C N N 201 
GLN OE1    O N N 202 
GLN NE2    N N N 203 
GLN OXT    O N N 204 
GLN H      H N N 205 
GLN H2     H N N 206 
GLN HA     H N N 207 
GLN HB2    H N N 208 
GLN HB3    H N N 209 
GLN HG2    H N N 210 
GLN HG3    H N N 211 
GLN HE21   H N N 212 
GLN HE22   H N N 213 
GLN HXT    H N N 214 
GLU N      N N N 215 
GLU CA     C N S 216 
GLU C      C N N 217 
GLU O      O N N 218 
GLU CB     C N N 219 
GLU CG     C N N 220 
GLU CD     C N N 221 
GLU OE1    O N N 222 
GLU OE2    O N N 223 
GLU OXT    O N N 224 
GLU H      H N N 225 
GLU H2     H N N 226 
GLU HA     H N N 227 
GLU HB2    H N N 228 
GLU HB3    H N N 229 
GLU HG2    H N N 230 
GLU HG3    H N N 231 
GLU HE2    H N N 232 
GLU HXT    H N N 233 
GLY N      N N N 234 
GLY CA     C N N 235 
GLY C      C N N 236 
GLY O      O N N 237 
GLY OXT    O N N 238 
GLY H      H N N 239 
GLY H2     H N N 240 
GLY HA2    H N N 241 
GLY HA3    H N N 242 
GLY HXT    H N N 243 
HIS N      N N N 244 
HIS CA     C N S 245 
HIS C      C N N 246 
HIS O      O N N 247 
HIS CB     C N N 248 
HIS CG     C Y N 249 
HIS ND1    N Y N 250 
HIS CD2    C Y N 251 
HIS CE1    C Y N 252 
HIS NE2    N Y N 253 
HIS OXT    O N N 254 
HIS H      H N N 255 
HIS H2     H N N 256 
HIS HA     H N N 257 
HIS HB2    H N N 258 
HIS HB3    H N N 259 
HIS HD1    H N N 260 
HIS HD2    H N N 261 
HIS HE1    H N N 262 
HIS HE2    H N N 263 
HIS HXT    H N N 264 
HOH O      O N N 265 
HOH H1     H N N 266 
HOH H2     H N N 267 
ILE N      N N N 268 
ILE CA     C N S 269 
ILE C      C N N 270 
ILE O      O N N 271 
ILE CB     C N S 272 
ILE CG1    C N N 273 
ILE CG2    C N N 274 
ILE CD1    C N N 275 
ILE OXT    O N N 276 
ILE H      H N N 277 
ILE H2     H N N 278 
ILE HA     H N N 279 
ILE HB     H N N 280 
ILE HG12   H N N 281 
ILE HG13   H N N 282 
ILE HG21   H N N 283 
ILE HG22   H N N 284 
ILE HG23   H N N 285 
ILE HD11   H N N 286 
ILE HD12   H N N 287 
ILE HD13   H N N 288 
ILE HXT    H N N 289 
LEU N      N N N 290 
LEU CA     C N S 291 
LEU C      C N N 292 
LEU O      O N N 293 
LEU CB     C N N 294 
LEU CG     C N N 295 
LEU CD1    C N N 296 
LEU CD2    C N N 297 
LEU OXT    O N N 298 
LEU H      H N N 299 
LEU H2     H N N 300 
LEU HA     H N N 301 
LEU HB2    H N N 302 
LEU HB3    H N N 303 
LEU HG     H N N 304 
LEU HD11   H N N 305 
LEU HD12   H N N 306 
LEU HD13   H N N 307 
LEU HD21   H N N 308 
LEU HD22   H N N 309 
LEU HD23   H N N 310 
LEU HXT    H N N 311 
LYS N      N N N 312 
LYS CA     C N S 313 
LYS C      C N N 314 
LYS O      O N N 315 
LYS CB     C N N 316 
LYS CG     C N N 317 
LYS CD     C N N 318 
LYS CE     C N N 319 
LYS NZ     N N N 320 
LYS OXT    O N N 321 
LYS H      H N N 322 
LYS H2     H N N 323 
LYS HA     H N N 324 
LYS HB2    H N N 325 
LYS HB3    H N N 326 
LYS HG2    H N N 327 
LYS HG3    H N N 328 
LYS HD2    H N N 329 
LYS HD3    H N N 330 
LYS HE2    H N N 331 
LYS HE3    H N N 332 
LYS HZ1    H N N 333 
LYS HZ2    H N N 334 
LYS HZ3    H N N 335 
LYS HXT    H N N 336 
MET N      N N N 337 
MET CA     C N S 338 
MET C      C N N 339 
MET O      O N N 340 
MET CB     C N N 341 
MET CG     C N N 342 
MET SD     S N N 343 
MET CE     C N N 344 
MET OXT    O N N 345 
MET H      H N N 346 
MET H2     H N N 347 
MET HA     H N N 348 
MET HB2    H N N 349 
MET HB3    H N N 350 
MET HG2    H N N 351 
MET HG3    H N N 352 
MET HE1    H N N 353 
MET HE2    H N N 354 
MET HE3    H N N 355 
MET HXT    H N N 356 
PHE N      N N N 357 
PHE CA     C N S 358 
PHE C      C N N 359 
PHE O      O N N 360 
PHE CB     C N N 361 
PHE CG     C Y N 362 
PHE CD1    C Y N 363 
PHE CD2    C Y N 364 
PHE CE1    C Y N 365 
PHE CE2    C Y N 366 
PHE CZ     C Y N 367 
PHE OXT    O N N 368 
PHE H      H N N 369 
PHE H2     H N N 370 
PHE HA     H N N 371 
PHE HB2    H N N 372 
PHE HB3    H N N 373 
PHE HD1    H N N 374 
PHE HD2    H N N 375 
PHE HE1    H N N 376 
PHE HE2    H N N 377 
PHE HZ     H N N 378 
PHE HXT    H N N 379 
SER N      N N N 380 
SER CA     C N S 381 
SER C      C N N 382 
SER O      O N N 383 
SER CB     C N N 384 
SER OG     O N N 385 
SER OXT    O N N 386 
SER H      H N N 387 
SER H2     H N N 388 
SER HA     H N N 389 
SER HB2    H N N 390 
SER HB3    H N N 391 
SER HG     H N N 392 
SER HXT    H N N 393 
THR N      N N N 394 
THR CA     C N S 395 
THR C      C N N 396 
THR O      O N N 397 
THR CB     C N R 398 
THR OG1    O N N 399 
THR CG2    C N N 400 
THR OXT    O N N 401 
THR H      H N N 402 
THR H2     H N N 403 
THR HA     H N N 404 
THR HB     H N N 405 
THR HG1    H N N 406 
THR HG21   H N N 407 
THR HG22   H N N 408 
THR HG23   H N N 409 
THR HXT    H N N 410 
TYR N      N N N 411 
TYR CA     C N S 412 
TYR C      C N N 413 
TYR O      O N N 414 
TYR CB     C N N 415 
TYR CG     C Y N 416 
TYR CD1    C Y N 417 
TYR CD2    C Y N 418 
TYR CE1    C Y N 419 
TYR CE2    C Y N 420 
TYR CZ     C Y N 421 
TYR OH     O N N 422 
TYR OXT    O N N 423 
TYR H      H N N 424 
TYR H2     H N N 425 
TYR HA     H N N 426 
TYR HB2    H N N 427 
TYR HB3    H N N 428 
TYR HD1    H N N 429 
TYR HD2    H N N 430 
TYR HE1    H N N 431 
TYR HE2    H N N 432 
TYR HH     H N N 433 
TYR HXT    H N N 434 
VAL N      N N N 435 
VAL CA     C N S 436 
VAL C      C N N 437 
VAL O      O N N 438 
VAL CB     C N N 439 
VAL CG1    C N N 440 
VAL CG2    C N N 441 
VAL OXT    O N N 442 
VAL H      H N N 443 
VAL H2     H N N 444 
VAL HA     H N N 445 
VAL HB     H N N 446 
VAL HG11   H N N 447 
VAL HG12   H N N 448 
VAL HG13   H N N 449 
VAL HG21   H N N 450 
VAL HG22   H N N 451 
VAL HG23   H N N 452 
VAL HXT    H N N 453 
# 
loop_
_chem_comp_bond.comp_id 
_chem_comp_bond.atom_id_1 
_chem_comp_bond.atom_id_2 
_chem_comp_bond.value_order 
_chem_comp_bond.pdbx_aromatic_flag 
_chem_comp_bond.pdbx_stereo_config 
_chem_comp_bond.pdbx_ordinal 
ALA N     CA     sing N N 1   
ALA N     H      sing N N 2   
ALA N     H2     sing N N 3   
ALA CA    C      sing N N 4   
ALA CA    CB     sing N N 5   
ALA CA    HA     sing N N 6   
ALA C     O      doub N N 7   
ALA C     OXT    sing N N 8   
ALA CB    HB1    sing N N 9   
ALA CB    HB2    sing N N 10  
ALA CB    HB3    sing N N 11  
ALA OXT   HXT    sing N N 12  
ARG N     CA     sing N N 13  
ARG N     H      sing N N 14  
ARG N     H2     sing N N 15  
ARG CA    C      sing N N 16  
ARG CA    CB     sing N N 17  
ARG CA    HA     sing N N 18  
ARG C     O      doub N N 19  
ARG C     OXT    sing N N 20  
ARG CB    CG     sing N N 21  
ARG CB    HB2    sing N N 22  
ARG CB    HB3    sing N N 23  
ARG CG    CD     sing N N 24  
ARG CG    HG2    sing N N 25  
ARG CG    HG3    sing N N 26  
ARG CD    NE     sing N N 27  
ARG CD    HD2    sing N N 28  
ARG CD    HD3    sing N N 29  
ARG NE    CZ     sing N N 30  
ARG NE    HE     sing N N 31  
ARG CZ    NH1    sing N N 32  
ARG CZ    NH2    doub N N 33  
ARG NH1   HH11   sing N N 34  
ARG NH1   HH12   sing N N 35  
ARG NH2   HH21   sing N N 36  
ARG NH2   HH22   sing N N 37  
ARG OXT   HXT    sing N N 38  
ASN N     CA     sing N N 39  
ASN N     H      sing N N 40  
ASN N     H2     sing N N 41  
ASN CA    C      sing N N 42  
ASN CA    CB     sing N N 43  
ASN CA    HA     sing N N 44  
ASN C     O      doub N N 45  
ASN C     OXT    sing N N 46  
ASN CB    CG     sing N N 47  
ASN CB    HB2    sing N N 48  
ASN CB    HB3    sing N N 49  
ASN CG    OD1    doub N N 50  
ASN CG    ND2    sing N N 51  
ASN ND2   HD21   sing N N 52  
ASN ND2   HD22   sing N N 53  
ASN OXT   HXT    sing N N 54  
ASP N     CA     sing N N 55  
ASP N     H      sing N N 56  
ASP N     H2     sing N N 57  
ASP CA    C      sing N N 58  
ASP CA    CB     sing N N 59  
ASP CA    HA     sing N N 60  
ASP C     O      doub N N 61  
ASP C     OXT    sing N N 62  
ASP CB    CG     sing N N 63  
ASP CB    HB2    sing N N 64  
ASP CB    HB3    sing N N 65  
ASP CG    OD1    doub N N 66  
ASP CG    OD2    sing N N 67  
ASP OD2   HD2    sing N N 68  
ASP OXT   HXT    sing N N 69  
CYS N     CA     sing N N 70  
CYS N     H      sing N N 71  
CYS N     H2     sing N N 72  
CYS CA    C      sing N N 73  
CYS CA    CB     sing N N 74  
CYS CA    HA     sing N N 75  
CYS C     O      doub N N 76  
CYS C     OXT    sing N N 77  
CYS CB    SG     sing N N 78  
CYS CB    HB2    sing N N 79  
CYS CB    HB3    sing N N 80  
CYS SG    HG     sing N N 81  
CYS OXT   HXT    sing N N 82  
DA  OP3   P      sing N N 83  
DA  OP3   HOP3   sing N N 84  
DA  P     OP1    doub N N 85  
DA  P     OP2    sing N N 86  
DA  P     "O5'"  sing N N 87  
DA  OP2   HOP2   sing N N 88  
DA  "O5'" "C5'"  sing N N 89  
DA  "C5'" "C4'"  sing N N 90  
DA  "C5'" "H5'"  sing N N 91  
DA  "C5'" "H5''" sing N N 92  
DA  "C4'" "O4'"  sing N N 93  
DA  "C4'" "C3'"  sing N N 94  
DA  "C4'" "H4'"  sing N N 95  
DA  "O4'" "C1'"  sing N N 96  
DA  "C3'" "O3'"  sing N N 97  
DA  "C3'" "C2'"  sing N N 98  
DA  "C3'" "H3'"  sing N N 99  
DA  "O3'" "HO3'" sing N N 100 
DA  "C2'" "C1'"  sing N N 101 
DA  "C2'" "H2'"  sing N N 102 
DA  "C2'" "H2''" sing N N 103 
DA  "C1'" N9     sing N N 104 
DA  "C1'" "H1'"  sing N N 105 
DA  N9    C8     sing Y N 106 
DA  N9    C4     sing Y N 107 
DA  C8    N7     doub Y N 108 
DA  C8    H8     sing N N 109 
DA  N7    C5     sing Y N 110 
DA  C5    C6     sing Y N 111 
DA  C5    C4     doub Y N 112 
DA  C6    N6     sing N N 113 
DA  C6    N1     doub Y N 114 
DA  N6    H61    sing N N 115 
DA  N6    H62    sing N N 116 
DA  N1    C2     sing Y N 117 
DA  C2    N3     doub Y N 118 
DA  C2    H2     sing N N 119 
DA  N3    C4     sing Y N 120 
DC  OP3   P      sing N N 121 
DC  OP3   HOP3   sing N N 122 
DC  P     OP1    doub N N 123 
DC  P     OP2    sing N N 124 
DC  P     "O5'"  sing N N 125 
DC  OP2   HOP2   sing N N 126 
DC  "O5'" "C5'"  sing N N 127 
DC  "C5'" "C4'"  sing N N 128 
DC  "C5'" "H5'"  sing N N 129 
DC  "C5'" "H5''" sing N N 130 
DC  "C4'" "O4'"  sing N N 131 
DC  "C4'" "C3'"  sing N N 132 
DC  "C4'" "H4'"  sing N N 133 
DC  "O4'" "C1'"  sing N N 134 
DC  "C3'" "O3'"  sing N N 135 
DC  "C3'" "C2'"  sing N N 136 
DC  "C3'" "H3'"  sing N N 137 
DC  "O3'" "HO3'" sing N N 138 
DC  "C2'" "C1'"  sing N N 139 
DC  "C2'" "H2'"  sing N N 140 
DC  "C2'" "H2''" sing N N 141 
DC  "C1'" N1     sing N N 142 
DC  "C1'" "H1'"  sing N N 143 
DC  N1    C2     sing N N 144 
DC  N1    C6     sing N N 145 
DC  C2    O2     doub N N 146 
DC  C2    N3     sing N N 147 
DC  N3    C4     doub N N 148 
DC  C4    N4     sing N N 149 
DC  C4    C5     sing N N 150 
DC  N4    H41    sing N N 151 
DC  N4    H42    sing N N 152 
DC  C5    C6     doub N N 153 
DC  C5    H5     sing N N 154 
DC  C6    H6     sing N N 155 
DG  OP3   P      sing N N 156 
DG  OP3   HOP3   sing N N 157 
DG  P     OP1    doub N N 158 
DG  P     OP2    sing N N 159 
DG  P     "O5'"  sing N N 160 
DG  OP2   HOP2   sing N N 161 
DG  "O5'" "C5'"  sing N N 162 
DG  "C5'" "C4'"  sing N N 163 
DG  "C5'" "H5'"  sing N N 164 
DG  "C5'" "H5''" sing N N 165 
DG  "C4'" "O4'"  sing N N 166 
DG  "C4'" "C3'"  sing N N 167 
DG  "C4'" "H4'"  sing N N 168 
DG  "O4'" "C1'"  sing N N 169 
DG  "C3'" "O3'"  sing N N 170 
DG  "C3'" "C2'"  sing N N 171 
DG  "C3'" "H3'"  sing N N 172 
DG  "O3'" "HO3'" sing N N 173 
DG  "C2'" "C1'"  sing N N 174 
DG  "C2'" "H2'"  sing N N 175 
DG  "C2'" "H2''" sing N N 176 
DG  "C1'" N9     sing N N 177 
DG  "C1'" "H1'"  sing N N 178 
DG  N9    C8     sing Y N 179 
DG  N9    C4     sing Y N 180 
DG  C8    N7     doub Y N 181 
DG  C8    H8     sing N N 182 
DG  N7    C5     sing Y N 183 
DG  C5    C6     sing N N 184 
DG  C5    C4     doub Y N 185 
DG  C6    O6     doub N N 186 
DG  C6    N1     sing N N 187 
DG  N1    C2     sing N N 188 
DG  N1    H1     sing N N 189 
DG  C2    N2     sing N N 190 
DG  C2    N3     doub N N 191 
DG  N2    H21    sing N N 192 
DG  N2    H22    sing N N 193 
DG  N3    C4     sing N N 194 
GLN N     CA     sing N N 195 
GLN N     H      sing N N 196 
GLN N     H2     sing N N 197 
GLN CA    C      sing N N 198 
GLN CA    CB     sing N N 199 
GLN CA    HA     sing N N 200 
GLN C     O      doub N N 201 
GLN C     OXT    sing N N 202 
GLN CB    CG     sing N N 203 
GLN CB    HB2    sing N N 204 
GLN CB    HB3    sing N N 205 
GLN CG    CD     sing N N 206 
GLN CG    HG2    sing N N 207 
GLN CG    HG3    sing N N 208 
GLN CD    OE1    doub N N 209 
GLN CD    NE2    sing N N 210 
GLN NE2   HE21   sing N N 211 
GLN NE2   HE22   sing N N 212 
GLN OXT   HXT    sing N N 213 
GLU N     CA     sing N N 214 
GLU N     H      sing N N 215 
GLU N     H2     sing N N 216 
GLU CA    C      sing N N 217 
GLU CA    CB     sing N N 218 
GLU CA    HA     sing N N 219 
GLU C     O      doub N N 220 
GLU C     OXT    sing N N 221 
GLU CB    CG     sing N N 222 
GLU CB    HB2    sing N N 223 
GLU CB    HB3    sing N N 224 
GLU CG    CD     sing N N 225 
GLU CG    HG2    sing N N 226 
GLU CG    HG3    sing N N 227 
GLU CD    OE1    doub N N 228 
GLU CD    OE2    sing N N 229 
GLU OE2   HE2    sing N N 230 
GLU OXT   HXT    sing N N 231 
GLY N     CA     sing N N 232 
GLY N     H      sing N N 233 
GLY N     H2     sing N N 234 
GLY CA    C      sing N N 235 
GLY CA    HA2    sing N N 236 
GLY CA    HA3    sing N N 237 
GLY C     O      doub N N 238 
GLY C     OXT    sing N N 239 
GLY OXT   HXT    sing N N 240 
HIS N     CA     sing N N 241 
HIS N     H      sing N N 242 
HIS N     H2     sing N N 243 
HIS CA    C      sing N N 244 
HIS CA    CB     sing N N 245 
HIS CA    HA     sing N N 246 
HIS C     O      doub N N 247 
HIS C     OXT    sing N N 248 
HIS CB    CG     sing N N 249 
HIS CB    HB2    sing N N 250 
HIS CB    HB3    sing N N 251 
HIS CG    ND1    sing Y N 252 
HIS CG    CD2    doub Y N 253 
HIS ND1   CE1    doub Y N 254 
HIS ND1   HD1    sing N N 255 
HIS CD2   NE2    sing Y N 256 
HIS CD2   HD2    sing N N 257 
HIS CE1   NE2    sing Y N 258 
HIS CE1   HE1    sing N N 259 
HIS NE2   HE2    sing N N 260 
HIS OXT   HXT    sing N N 261 
HOH O     H1     sing N N 262 
HOH O     H2     sing N N 263 
ILE N     CA     sing N N 264 
ILE N     H      sing N N 265 
ILE N     H2     sing N N 266 
ILE CA    C      sing N N 267 
ILE CA    CB     sing N N 268 
ILE CA    HA     sing N N 269 
ILE C     O      doub N N 270 
ILE C     OXT    sing N N 271 
ILE CB    CG1    sing N N 272 
ILE CB    CG2    sing N N 273 
ILE CB    HB     sing N N 274 
ILE CG1   CD1    sing N N 275 
ILE CG1   HG12   sing N N 276 
ILE CG1   HG13   sing N N 277 
ILE CG2   HG21   sing N N 278 
ILE CG2   HG22   sing N N 279 
ILE CG2   HG23   sing N N 280 
ILE CD1   HD11   sing N N 281 
ILE CD1   HD12   sing N N 282 
ILE CD1   HD13   sing N N 283 
ILE OXT   HXT    sing N N 284 
LEU N     CA     sing N N 285 
LEU N     H      sing N N 286 
LEU N     H2     sing N N 287 
LEU CA    C      sing N N 288 
LEU CA    CB     sing N N 289 
LEU CA    HA     sing N N 290 
LEU C     O      doub N N 291 
LEU C     OXT    sing N N 292 
LEU CB    CG     sing N N 293 
LEU CB    HB2    sing N N 294 
LEU CB    HB3    sing N N 295 
LEU CG    CD1    sing N N 296 
LEU CG    CD2    sing N N 297 
LEU CG    HG     sing N N 298 
LEU CD1   HD11   sing N N 299 
LEU CD1   HD12   sing N N 300 
LEU CD1   HD13   sing N N 301 
LEU CD2   HD21   sing N N 302 
LEU CD2   HD22   sing N N 303 
LEU CD2   HD23   sing N N 304 
LEU OXT   HXT    sing N N 305 
LYS N     CA     sing N N 306 
LYS N     H      sing N N 307 
LYS N     H2     sing N N 308 
LYS CA    C      sing N N 309 
LYS CA    CB     sing N N 310 
LYS CA    HA     sing N N 311 
LYS C     O      doub N N 312 
LYS C     OXT    sing N N 313 
LYS CB    CG     sing N N 314 
LYS CB    HB2    sing N N 315 
LYS CB    HB3    sing N N 316 
LYS CG    CD     sing N N 317 
LYS CG    HG2    sing N N 318 
LYS CG    HG3    sing N N 319 
LYS CD    CE     sing N N 320 
LYS CD    HD2    sing N N 321 
LYS CD    HD3    sing N N 322 
LYS CE    NZ     sing N N 323 
LYS CE    HE2    sing N N 324 
LYS CE    HE3    sing N N 325 
LYS NZ    HZ1    sing N N 326 
LYS NZ    HZ2    sing N N 327 
LYS NZ    HZ3    sing N N 328 
LYS OXT   HXT    sing N N 329 
MET N     CA     sing N N 330 
MET N     H      sing N N 331 
MET N     H2     sing N N 332 
MET CA    C      sing N N 333 
MET CA    CB     sing N N 334 
MET CA    HA     sing N N 335 
MET C     O      doub N N 336 
MET C     OXT    sing N N 337 
MET CB    CG     sing N N 338 
MET CB    HB2    sing N N 339 
MET CB    HB3    sing N N 340 
MET CG    SD     sing N N 341 
MET CG    HG2    sing N N 342 
MET CG    HG3    sing N N 343 
MET SD    CE     sing N N 344 
MET CE    HE1    sing N N 345 
MET CE    HE2    sing N N 346 
MET CE    HE3    sing N N 347 
MET OXT   HXT    sing N N 348 
PHE N     CA     sing N N 349 
PHE N     H      sing N N 350 
PHE N     H2     sing N N 351 
PHE CA    C      sing N N 352 
PHE CA    CB     sing N N 353 
PHE CA    HA     sing N N 354 
PHE C     O      doub N N 355 
PHE C     OXT    sing N N 356 
PHE CB    CG     sing N N 357 
PHE CB    HB2    sing N N 358 
PHE CB    HB3    sing N N 359 
PHE CG    CD1    doub Y N 360 
PHE CG    CD2    sing Y N 361 
PHE CD1   CE1    sing Y N 362 
PHE CD1   HD1    sing N N 363 
PHE CD2   CE2    doub Y N 364 
PHE CD2   HD2    sing N N 365 
PHE CE1   CZ     doub Y N 366 
PHE CE1   HE1    sing N N 367 
PHE CE2   CZ     sing Y N 368 
PHE CE2   HE2    sing N N 369 
PHE CZ    HZ     sing N N 370 
PHE OXT   HXT    sing N N 371 
SER N     CA     sing N N 372 
SER N     H      sing N N 373 
SER N     H2     sing N N 374 
SER CA    C      sing N N 375 
SER CA    CB     sing N N 376 
SER CA    HA     sing N N 377 
SER C     O      doub N N 378 
SER C     OXT    sing N N 379 
SER CB    OG     sing N N 380 
SER CB    HB2    sing N N 381 
SER CB    HB3    sing N N 382 
SER OG    HG     sing N N 383 
SER OXT   HXT    sing N N 384 
THR N     CA     sing N N 385 
THR N     H      sing N N 386 
THR N     H2     sing N N 387 
THR CA    C      sing N N 388 
THR CA    CB     sing N N 389 
THR CA    HA     sing N N 390 
THR C     O      doub N N 391 
THR C     OXT    sing N N 392 
THR CB    OG1    sing N N 393 
THR CB    CG2    sing N N 394 
THR CB    HB     sing N N 395 
THR OG1   HG1    sing N N 396 
THR CG2   HG21   sing N N 397 
THR CG2   HG22   sing N N 398 
THR CG2   HG23   sing N N 399 
THR OXT   HXT    sing N N 400 
TYR N     CA     sing N N 401 
TYR N     H      sing N N 402 
TYR N     H2     sing N N 403 
TYR CA    C      sing N N 404 
TYR CA    CB     sing N N 405 
TYR CA    HA     sing N N 406 
TYR C     O      doub N N 407 
TYR C     OXT    sing N N 408 
TYR CB    CG     sing N N 409 
TYR CB    HB2    sing N N 410 
TYR CB    HB3    sing N N 411 
TYR CG    CD1    doub Y N 412 
TYR CG    CD2    sing Y N 413 
TYR CD1   CE1    sing Y N 414 
TYR CD1   HD1    sing N N 415 
TYR CD2   CE2    doub Y N 416 
TYR CD2   HD2    sing N N 417 
TYR CE1   CZ     doub Y N 418 
TYR CE1   HE1    sing N N 419 
TYR CE2   CZ     sing Y N 420 
TYR CE2   HE2    sing N N 421 
TYR CZ    OH     sing N N 422 
TYR OH    HH     sing N N 423 
TYR OXT   HXT    sing N N 424 
VAL N     CA     sing N N 425 
VAL N     H      sing N N 426 
VAL N     H2     sing N N 427 
VAL CA    C      sing N N 428 
VAL CA    CB     sing N N 429 
VAL CA    HA     sing N N 430 
VAL C     O      doub N N 431 
VAL C     OXT    sing N N 432 
VAL CB    CG1    sing N N 433 
VAL CB    CG2    sing N N 434 
VAL CB    HB     sing N N 435 
VAL CG1   HG11   sing N N 436 
VAL CG1   HG12   sing N N 437 
VAL CG1   HG13   sing N N 438 
VAL CG2   HG21   sing N N 439 
VAL CG2   HG22   sing N N 440 
VAL CG2   HG23   sing N N 441 
VAL OXT   HXT    sing N N 442 
# 
_pdbx_entity_nonpoly.entity_id   3 
_pdbx_entity_nonpoly.name        water 
_pdbx_entity_nonpoly.comp_id     HOH 
# 
_pdbx_initial_refinement_model.id               1 
_pdbx_initial_refinement_model.entity_id_list   ? 
_pdbx_initial_refinement_model.type             'experimental model' 
_pdbx_initial_refinement_model.source_name      PDB 
_pdbx_initial_refinement_model.accession_code   1URN 
_pdbx_initial_refinement_model.details          ? 
# 
_pdbx_struct_assembly_auth_evidence.id                     1 
_pdbx_struct_assembly_auth_evidence.assembly_id            1 
_pdbx_struct_assembly_auth_evidence.experimental_support   'gel filtration' 
_pdbx_struct_assembly_auth_evidence.details                ? 
# 
